data_3N8Y
#
_entry.id   3N8Y
#
_cell.length_a   182.327
_cell.length_b   182.327
_cell.length_c   103.106
_cell.angle_alpha   90.00
_cell.angle_beta   90.00
_cell.angle_gamma   120.00
#
_symmetry.space_group_name_H-M   'P 65'
#
loop_
_entity.id
_entity.type
_entity.pdbx_description
1 polymer 'Prostaglandin G/H synthase 1'
2 polymer 'Prostaglandin G/H synthase 1'
3 branched beta-D-mannopyranose-(1-6)-beta-D-mannopyranose-(1-4)-2-acetamido-2-deoxy-beta-D-glucopyranose-(1-4)-2-acetamido-2-deoxy-beta-D-glucopyranose
4 branched alpha-D-mannopyranose-(1-6)-alpha-D-mannopyranose-(1-6)-beta-D-mannopyranose-(1-4)-2-acetamido-2-deoxy-alpha-D-glucopyranose-(1-4)-2-acetamido-2-deoxy-beta-D-glucopyranose
5 branched 2-acetamido-2-deoxy-alpha-D-glucopyranose-(1-4)-2-acetamido-2-deoxy-beta-D-glucopyranose
6 branched beta-D-mannopyranose-(1-6)-beta-D-mannopyranose-(1-4)-2-acetamido-2-deoxy-alpha-D-glucopyranose-(1-4)-2-acetamido-2-deoxy-beta-D-glucopyranose
7 non-polymer 'PROTOPORPHYRIN IX CONTAINING FE'
8 non-polymer '2-[2,6-DICHLOROPHENYL)AMINO]BENZENEACETIC ACID'
9 non-polymer 'octyl beta-D-glucopyranoside'
10 non-polymer '2-HYDROXYBENZOIC ACID'
11 water water
#
loop_
_entity_poly.entity_id
_entity_poly.type
_entity_poly.pdbx_seq_one_letter_code
_entity_poly.pdbx_strand_id
1 'polypeptide(L)'
;PVNPCCYYPCQHQGICVRFGLDRYQCDCTRTGYSGPNCTIPEIWTWLRTTLRPSPSFIHFLLTHGRWLWDFVNATFIRDT
LMRLVLTVRSNLIPSPPTYNIAHDYISWESFSNVSYYTRILPSVPRDCPTPMGTKGKKQLPDAEFLSRRFLLRRKFIPDP
QGTNLMFAFFAQHFTHQFFKTSGKMGPGFTKALGHGVDLGHIYGDNLERQYQLRLFKDGKLKYQMLNGEVYPPSVEEAPV
LMHYPRGIPPQSQMAVGQEVFGLLPGLMLYATIWLREHNRVCDLLKAEHPTWGDEQLFQTARLILIGETIKIVIEEYVQQ
LSGYFLQLKFDPELLFGAQFQYRNRIAMEFNQLYHWHPLMPDSFRVGPQDYSYEQFLFNTSMLVDYGVEALVDAFSRQPA
GRIGGGRNIDHHILHVAVDVIKESRVLRLQPFNEYRKRFGMKPYTSFQELTGEKEMAAELEELYGDIDALEFYPGLLLEK
CHPNSIFGESMIEMGAPFSLKGLLGNPICSPEYWKASTFGGEVGFNLVKTATLKKLVCLNTKTCPYVSFHVPD
;
A
2 'polypeptide(L)'
;PVNPCCYYPCQHQGICVRFGLDRYQCDCTRTGYSGPNCTIPEIWTWLRTTLRPSPSFIHFLLTHGRWLWDFVNATFIRDT
LMRLVLTVRSNLIPSPPTYNIAHDYISWESFSNVSYYTRILPSVPRDCPTPMGTKGKKQLPDAEFLSRRFLLRRKFIPDP
QGTNLMFAFFAQHFTHQFFKTSGKMGPGFTKALGHGVDLGHIYGDNLERQYQLRLFKDGKLKYQMLNGEVYPPSVEEAPV
LMHYPRGIPPQSQMAVGQEVFGLLPGLMLYATIWLREHNRVCDLLKAEHPTWGDEQLFQTARLILIGETIKIVIEEYVQQ
LSGYFLQLKFDPELLFGAQFQYRNRIAMEFNQLYHWHPLMPDSFRVGPQDYSYEQFLFNTSMLVDYGVEALVDAFSRQPA
GRIGGGRNIDHHILHVAVDVIKESRVLRLQPFNEYRKRFGMKPYTSFQELTGEKEMAAELEELYGDIDALEFYPGLLLEK
CHPNSIFGESMIEMGAPF(OAS)LKGLLGNPICSPEYWKASTFGGEVGFNLVKTATLKKLVCLNTKTCPYVSFHVPD
;
B
#
loop_
_chem_comp.id
_chem_comp.type
_chem_comp.name
_chem_comp.formula
BMA D-saccharide, beta linking beta-D-mannopyranose 'C6 H12 O6'
BOG D-saccharide 'octyl beta-D-glucopyranoside' 'C14 H28 O6'
DIF non-polymer '2-[2,6-DICHLOROPHENYL)AMINO]BENZENEACETIC ACID' 'C14 H11 Cl2 N O2'
HEM non-polymer 'PROTOPORPHYRIN IX CONTAINING FE' 'C34 H32 Fe N4 O4'
MAN D-saccharide, alpha linking alpha-D-mannopyranose 'C6 H12 O6'
NAG D-saccharide, beta linking 2-acetamido-2-deoxy-beta-D-glucopyranose 'C8 H15 N O6'
NDG D-saccharide, alpha linking 2-acetamido-2-deoxy-alpha-D-glucopyranose 'C8 H15 N O6'
SAL non-polymer '2-HYDROXYBENZOIC ACID' 'C7 H6 O3'
#
# COMPACT_ATOMS: atom_id res chain seq x y z
N PRO A 1 -27.89 -13.42 25.02
CA PRO A 1 -28.77 -13.05 23.90
C PRO A 1 -28.20 -13.52 22.57
N VAL A 2 -29.05 -14.13 21.74
CA VAL A 2 -28.65 -14.67 20.44
C VAL A 2 -28.11 -13.59 19.50
N ASN A 3 -26.95 -13.87 18.90
CA ASN A 3 -26.32 -12.96 17.94
C ASN A 3 -27.07 -13.01 16.61
N PRO A 4 -27.60 -11.85 16.16
CA PRO A 4 -28.37 -11.74 14.92
C PRO A 4 -27.51 -11.95 13.66
N CYS A 5 -26.24 -11.59 13.74
CA CYS A 5 -25.33 -11.73 12.60
C CYS A 5 -24.90 -13.18 12.33
N CYS A 6 -25.29 -14.10 13.21
CA CYS A 6 -25.05 -15.53 13.02
C CYS A 6 -25.90 -16.11 11.88
N TYR A 7 -26.99 -15.42 11.54
CA TYR A 7 -27.89 -15.84 10.47
C TYR A 7 -27.42 -15.38 9.08
N TYR A 8 -26.34 -14.58 9.06
CA TYR A 8 -25.85 -13.91 7.84
C TYR A 8 -26.97 -13.23 7.05
N PRO A 9 -27.72 -12.32 7.71
CA PRO A 9 -28.92 -11.74 7.10
C PRO A 9 -28.65 -10.81 5.92
N CYS A 10 -27.57 -10.04 6.01
CA CYS A 10 -27.24 -9.02 5.01
C CYS A 10 -26.71 -9.66 3.73
N GLN A 11 -27.48 -9.51 2.66
CA GLN A 11 -27.17 -10.11 1.37
C GLN A 11 -26.38 -9.15 0.48
N HIS A 12 -25.66 -9.72 -0.48
CA HIS A 12 -24.95 -8.97 -1.51
C HIS A 12 -23.92 -7.98 -0.97
N GLN A 13 -23.01 -8.49 -0.12
CA GLN A 13 -21.89 -7.73 0.44
C GLN A 13 -22.30 -6.66 1.48
N GLY A 14 -23.56 -6.69 1.90
CA GLY A 14 -24.04 -5.84 3.00
C GLY A 14 -23.38 -6.22 4.30
N ILE A 15 -23.17 -5.24 5.18
CA ILE A 15 -22.38 -5.44 6.39
C ILE A 15 -23.25 -5.47 7.66
N CYS A 16 -23.24 -6.62 8.34
CA CYS A 16 -23.99 -6.80 9.58
C CYS A 16 -23.28 -6.10 10.73
N VAL A 17 -23.99 -5.17 11.37
CA VAL A 17 -23.45 -4.41 12.49
C VAL A 17 -24.41 -4.50 13.68
N ARG A 18 -23.85 -4.87 14.83
CA ARG A 18 -24.60 -5.06 16.06
C ARG A 18 -25.09 -3.74 16.63
N PHE A 19 -26.37 -3.69 17.02
CA PHE A 19 -26.95 -2.51 17.66
C PHE A 19 -27.75 -2.91 18.90
N GLY A 20 -27.55 -2.17 19.99
CA GLY A 20 -28.26 -2.43 21.24
C GLY A 20 -28.00 -3.81 21.80
N LEU A 21 -29.06 -4.50 22.22
CA LEU A 21 -28.95 -5.84 22.81
C LEU A 21 -29.09 -6.96 21.79
N ASP A 22 -30.19 -6.94 21.04
CA ASP A 22 -30.55 -8.04 20.14
C ASP A 22 -30.82 -7.61 18.69
N ARG A 23 -30.49 -6.36 18.38
CA ARG A 23 -30.78 -5.78 17.07
C ARG A 23 -29.55 -5.75 16.16
N TYR A 24 -29.80 -5.66 14.86
CA TYR A 24 -28.74 -5.56 13.85
C TYR A 24 -29.15 -4.57 12.76
N GLN A 25 -28.15 -4.06 12.04
CA GLN A 25 -28.38 -3.20 10.89
C GLN A 25 -27.43 -3.56 9.76
N CYS A 26 -27.99 -3.67 8.55
CA CYS A 26 -27.20 -3.92 7.35
C CYS A 26 -26.82 -2.60 6.69
N ASP A 27 -25.53 -2.43 6.42
CA ASP A 27 -25.07 -1.27 5.67
C ASP A 27 -25.04 -1.64 4.19
N CYS A 28 -26.04 -1.16 3.46
CA CYS A 28 -26.23 -1.51 2.05
C CYS A 28 -25.52 -0.57 1.08
N THR A 29 -24.65 0.28 1.60
CA THR A 29 -23.93 1.29 0.80
C THR A 29 -23.16 0.66 -0.37
N ARG A 30 -23.46 1.17 -1.57
CA ARG A 30 -22.79 0.78 -2.83
C ARG A 30 -22.85 -0.71 -3.17
N THR A 31 -23.80 -1.43 -2.56
CA THR A 31 -24.01 -2.84 -2.85
C THR A 31 -24.89 -2.99 -4.09
N GLY A 32 -25.68 -1.95 -4.38
CA GLY A 32 -26.66 -1.97 -5.46
C GLY A 32 -28.04 -2.28 -4.92
N TYR A 33 -28.14 -2.36 -3.59
CA TYR A 33 -29.37 -2.75 -2.93
C TYR A 33 -29.72 -1.78 -1.80
N SER A 34 -30.97 -1.85 -1.34
CA SER A 34 -31.44 -1.05 -0.21
C SER A 34 -32.34 -1.89 0.70
N GLY A 35 -32.86 -1.27 1.76
CA GLY A 35 -33.75 -1.95 2.71
C GLY A 35 -33.05 -2.49 3.94
N PRO A 36 -33.77 -3.29 4.75
CA PRO A 36 -33.24 -3.83 6.00
C PRO A 36 -32.19 -4.92 5.83
N ASN A 37 -32.24 -5.65 4.72
CA ASN A 37 -31.33 -6.77 4.47
C ASN A 37 -30.55 -6.69 3.15
N CYS A 38 -30.69 -5.57 2.44
CA CYS A 38 -30.11 -5.37 1.11
C CYS A 38 -30.60 -6.41 0.10
N THR A 39 -31.92 -6.58 0.00
CA THR A 39 -32.51 -7.59 -0.89
C THR A 39 -33.26 -7.00 -2.08
N ILE A 40 -33.84 -5.81 -1.92
CA ILE A 40 -34.50 -5.12 -3.02
C ILE A 40 -33.49 -4.35 -3.88
N PRO A 41 -33.44 -4.66 -5.20
CA PRO A 41 -32.43 -4.09 -6.08
C PRO A 41 -32.80 -2.73 -6.67
N GLU A 42 -31.78 -1.94 -6.99
CA GLU A 42 -31.95 -0.67 -7.69
C GLU A 42 -32.27 -0.92 -9.16
N ILE A 43 -32.70 0.12 -9.87
CA ILE A 43 -33.05 0.02 -11.30
C ILE A 43 -31.93 -0.59 -12.15
N TRP A 44 -30.70 -0.14 -11.93
CA TRP A 44 -29.55 -0.63 -12.68
C TRP A 44 -29.09 -2.01 -12.22
N THR A 45 -29.35 -2.32 -10.95
CA THR A 45 -29.00 -3.64 -10.38
C THR A 45 -29.93 -4.71 -10.93
N TRP A 46 -31.22 -4.43 -10.95
CA TRP A 46 -32.23 -5.34 -11.51
C TRP A 46 -31.97 -5.60 -13.00
N LEU A 47 -31.52 -4.57 -13.70
CA LEU A 47 -31.20 -4.66 -15.11
C LEU A 47 -30.04 -5.63 -15.35
N ARG A 48 -29.01 -5.52 -14.51
CA ARG A 48 -27.81 -6.35 -14.63
C ARG A 48 -28.06 -7.82 -14.31
N THR A 49 -28.80 -8.07 -13.23
CA THR A 49 -29.04 -9.44 -12.76
C THR A 49 -29.89 -10.28 -13.73
N THR A 50 -30.87 -9.65 -14.37
CA THR A 50 -31.77 -10.33 -15.30
C THR A 50 -31.09 -10.65 -16.64
N LEU A 51 -30.19 -9.76 -17.06
CA LEU A 51 -29.47 -9.93 -18.33
C LEU A 51 -28.16 -10.71 -18.20
N ARG A 52 -27.74 -10.98 -16.96
CA ARG A 52 -26.47 -11.67 -16.70
C ARG A 52 -26.59 -13.18 -16.91
N PRO A 53 -25.77 -13.74 -17.82
CA PRO A 53 -25.72 -15.19 -18.03
C PRO A 53 -25.05 -15.89 -16.85
N SER A 54 -25.42 -17.15 -16.62
CA SER A 54 -24.87 -17.96 -15.53
C SER A 54 -23.36 -18.18 -15.70
N PRO A 55 -22.61 -18.30 -14.58
CA PRO A 55 -21.18 -18.55 -14.61
C PRO A 55 -20.77 -19.74 -15.49
N SER A 56 -21.55 -20.81 -15.45
CA SER A 56 -21.27 -22.01 -16.24
C SER A 56 -21.53 -21.84 -17.74
N PHE A 57 -22.35 -20.83 -18.08
CA PHE A 57 -22.65 -20.52 -19.49
C PHE A 57 -21.50 -19.75 -20.16
N ILE A 58 -20.89 -18.82 -19.43
CA ILE A 58 -19.76 -18.05 -19.95
C ILE A 58 -18.50 -18.93 -19.99
N HIS A 59 -18.37 -19.81 -19.00
CA HIS A 59 -17.30 -20.81 -19.00
C HIS A 59 -17.44 -21.75 -20.19
N PHE A 60 -18.69 -22.06 -20.56
CA PHE A 60 -19.00 -22.85 -21.76
C PHE A 60 -18.54 -22.13 -23.03
N LEU A 61 -18.84 -20.82 -23.12
CA LEU A 61 -18.46 -20.01 -24.27
C LEU A 61 -16.96 -19.91 -24.49
N LEU A 62 -16.21 -19.83 -23.38
CA LEU A 62 -14.75 -19.69 -23.43
C LEU A 62 -14.04 -21.01 -23.75
N THR A 63 -14.72 -22.14 -23.55
CA THR A 63 -14.11 -23.45 -23.73
C THR A 63 -14.67 -24.22 -24.94
N HIS A 64 -15.48 -23.54 -25.75
CA HIS A 64 -16.08 -24.17 -26.94
C HIS A 64 -15.98 -23.28 -28.17
N GLY A 65 -15.94 -23.91 -29.34
CA GLY A 65 -15.97 -23.22 -30.63
C GLY A 65 -14.65 -22.63 -31.08
N ARG A 66 -13.77 -23.48 -31.62
CA ARG A 66 -12.46 -23.07 -32.12
C ARG A 66 -12.54 -21.94 -33.16
N TRP A 67 -13.42 -22.10 -34.14
CA TRP A 67 -13.53 -21.18 -35.28
C TRP A 67 -13.87 -19.74 -34.89
N LEU A 68 -14.71 -19.58 -33.86
CA LEU A 68 -15.08 -18.24 -33.40
C LEU A 68 -13.95 -17.58 -32.64
N TRP A 69 -13.21 -18.37 -31.86
CA TRP A 69 -12.11 -17.85 -31.05
C TRP A 69 -10.83 -17.58 -31.84
N ASP A 70 -10.70 -18.20 -33.01
CA ASP A 70 -9.60 -17.90 -33.92
C ASP A 70 -9.75 -16.48 -34.46
N PHE A 71 -10.99 -16.10 -34.78
CA PHE A 71 -11.32 -14.76 -35.25
C PHE A 71 -11.12 -13.72 -34.15
N VAL A 72 -11.61 -14.01 -32.94
CA VAL A 72 -11.51 -13.10 -31.80
C VAL A 72 -10.06 -12.79 -31.43
N ASN A 73 -9.22 -13.82 -31.36
CA ASN A 73 -7.81 -13.68 -30.98
C ASN A 73 -6.97 -12.89 -31.98
N ALA A 74 -7.39 -12.89 -33.24
CA ALA A 74 -6.69 -12.15 -34.28
C ALA A 74 -7.16 -10.69 -34.40
N THR A 75 -8.20 -10.34 -33.65
CA THR A 75 -8.76 -8.98 -33.66
C THR A 75 -8.60 -8.29 -32.30
N PHE A 76 -9.09 -7.06 -32.21
CA PHE A 76 -9.05 -6.26 -30.99
C PHE A 76 -9.97 -6.80 -29.89
N ILE A 77 -10.90 -7.68 -30.28
CA ILE A 77 -11.84 -8.29 -29.34
C ILE A 77 -11.09 -9.16 -28.31
N ARG A 78 -9.89 -9.60 -28.67
CA ARG A 78 -8.99 -10.28 -27.72
C ARG A 78 -8.66 -9.36 -26.54
N ASP A 79 -8.34 -8.11 -26.86
CA ASP A 79 -8.00 -7.11 -25.85
C ASP A 79 -9.25 -6.62 -25.11
N THR A 80 -10.37 -6.55 -25.82
CA THR A 80 -11.65 -6.11 -25.26
C THR A 80 -12.14 -7.08 -24.18
N LEU A 81 -12.02 -8.37 -24.45
CA LEU A 81 -12.46 -9.41 -23.51
C LEU A 81 -11.49 -9.58 -22.35
N MET A 82 -10.20 -9.47 -22.62
CA MET A 82 -9.17 -9.59 -21.58
C MET A 82 -9.32 -8.49 -20.53
N ARG A 83 -9.60 -7.27 -20.99
CA ARG A 83 -9.85 -6.13 -20.11
C ARG A 83 -11.07 -6.38 -19.21
N LEU A 84 -12.08 -7.03 -19.79
CA LEU A 84 -13.31 -7.37 -19.06
C LEU A 84 -13.02 -8.42 -17.99
N VAL A 85 -12.26 -9.45 -18.34
CA VAL A 85 -11.84 -10.48 -17.38
C VAL A 85 -11.04 -9.83 -16.23
N LEU A 86 -10.14 -8.92 -16.59
CA LEU A 86 -9.34 -8.18 -15.62
C LEU A 86 -10.19 -7.35 -14.65
N THR A 87 -11.07 -6.53 -15.20
CA THR A 87 -11.88 -5.59 -14.41
C THR A 87 -12.99 -6.27 -13.59
N VAL A 88 -13.80 -7.09 -14.24
CA VAL A 88 -14.97 -7.71 -13.58
C VAL A 88 -14.58 -8.69 -12.46
N ARG A 89 -13.55 -9.49 -12.71
CA ARG A 89 -13.02 -10.42 -11.70
C ARG A 89 -12.47 -9.73 -10.46
N SER A 90 -11.48 -8.87 -10.65
CA SER A 90 -10.71 -8.29 -9.55
C SER A 90 -11.50 -7.30 -8.69
N ASN A 91 -12.59 -6.77 -9.23
CA ASN A 91 -13.46 -5.86 -8.48
C ASN A 91 -14.27 -6.54 -7.37
N LEU A 92 -14.38 -7.88 -7.45
CA LEU A 92 -14.99 -8.67 -6.39
C LEU A 92 -14.13 -8.72 -5.12
N ILE A 93 -12.89 -8.24 -5.24
CA ILE A 93 -11.93 -8.20 -4.13
C ILE A 93 -11.87 -6.81 -3.52
N PRO A 94 -12.03 -6.72 -2.18
CA PRO A 94 -11.93 -5.44 -1.47
C PRO A 94 -10.51 -4.87 -1.52
N SER A 95 -10.39 -3.64 -2.02
CA SER A 95 -9.11 -2.95 -2.11
C SER A 95 -9.31 -1.47 -1.81
N PRO A 96 -8.72 -0.97 -0.71
CA PRO A 96 -7.86 -1.65 0.27
C PRO A 96 -8.60 -2.76 1.04
N PRO A 97 -7.85 -3.74 1.60
CA PRO A 97 -8.42 -4.89 2.32
C PRO A 97 -9.23 -4.50 3.54
N THR A 98 -10.13 -5.38 3.98
CA THR A 98 -11.04 -5.06 5.08
C THR A 98 -10.67 -5.76 6.40
N TYR A 99 -10.91 -7.06 6.48
CA TYR A 99 -10.86 -7.79 7.75
C TYR A 99 -9.65 -8.72 7.89
N ASN A 100 -9.45 -9.21 9.12
CA ASN A 100 -8.43 -10.21 9.43
C ASN A 100 -8.85 -11.11 10.60
N ILE A 101 -7.92 -11.89 11.14
CA ILE A 101 -8.20 -12.77 12.28
C ILE A 101 -8.57 -12.00 13.55
N ALA A 102 -8.01 -10.80 13.71
CA ALA A 102 -8.26 -9.97 14.89
C ALA A 102 -9.58 -9.21 14.80
N HIS A 103 -9.89 -8.66 13.62
CA HIS A 103 -11.06 -7.80 13.44
C HIS A 103 -12.01 -8.31 12.36
N ASP A 104 -13.29 -8.42 12.73
CA ASP A 104 -14.36 -8.70 11.77
C ASP A 104 -15.05 -7.39 11.39
N TYR A 105 -14.23 -6.34 11.29
CA TYR A 105 -14.67 -4.98 11.01
C TYR A 105 -13.46 -4.19 10.49
N ILE A 106 -13.73 -3.10 9.78
CA ILE A 106 -12.67 -2.26 9.23
C ILE A 106 -11.97 -1.47 10.34
N SER A 107 -10.65 -1.52 10.35
CA SER A 107 -9.83 -0.79 11.31
C SER A 107 -8.53 -0.32 10.65
N TRP A 108 -7.82 0.60 11.31
CA TRP A 108 -6.51 1.02 10.82
C TRP A 108 -5.46 -0.06 11.03
N GLU A 109 -5.57 -0.79 12.14
CA GLU A 109 -4.67 -1.90 12.44
C GLU A 109 -4.74 -2.97 11.35
N SER A 110 -5.95 -3.29 10.90
CA SER A 110 -6.15 -4.25 9.81
C SER A 110 -5.52 -3.76 8.51
N PHE A 111 -5.48 -2.45 8.33
CA PHE A 111 -4.90 -1.83 7.13
C PHE A 111 -3.38 -1.74 7.18
N SER A 112 -2.84 -1.35 8.35
CA SER A 112 -1.41 -1.06 8.48
C SER A 112 -0.53 -2.27 8.77
N ASN A 113 -1.03 -3.20 9.59
CA ASN A 113 -0.28 -4.39 9.99
C ASN A 113 -0.31 -5.45 8.90
N VAL A 114 0.76 -5.51 8.11
CA VAL A 114 0.84 -6.41 6.96
C VAL A 114 1.27 -7.84 7.32
N SER A 115 1.46 -8.10 8.62
CA SER A 115 1.73 -9.46 9.10
C SER A 115 0.47 -10.33 9.09
N TYR A 116 -0.68 -9.69 8.93
CA TYR A 116 -1.96 -10.38 8.84
C TYR A 116 -2.27 -10.79 7.40
N TYR A 117 -2.80 -12.00 7.24
CA TYR A 117 -3.57 -12.34 6.05
C TYR A 117 -4.88 -11.57 6.18
N THR A 118 -5.43 -11.13 5.06
CA THR A 118 -6.75 -10.52 5.08
C THR A 118 -7.83 -11.58 4.84
N ARG A 119 -9.09 -11.16 4.83
CA ARG A 119 -10.18 -12.06 4.49
C ARG A 119 -11.33 -11.30 3.82
N ILE A 120 -12.12 -12.03 3.04
CA ILE A 120 -13.20 -11.44 2.25
C ILE A 120 -14.50 -11.43 3.03
N LEU A 121 -14.86 -12.58 3.59
CA LEU A 121 -16.01 -12.68 4.48
C LEU A 121 -15.55 -12.77 5.93
N PRO A 122 -16.17 -11.98 6.84
CA PRO A 122 -15.81 -12.02 8.26
C PRO A 122 -16.01 -13.40 8.86
N SER A 123 -15.36 -13.65 10.00
CA SER A 123 -15.43 -14.95 10.65
C SER A 123 -16.83 -15.28 11.17
N VAL A 124 -17.03 -16.54 11.54
CA VAL A 124 -18.22 -16.94 12.27
C VAL A 124 -18.05 -16.46 13.71
N PRO A 125 -18.94 -15.58 14.20
CA PRO A 125 -18.83 -15.05 15.56
C PRO A 125 -18.73 -16.15 16.62
N ARG A 126 -17.92 -15.91 17.65
CA ARG A 126 -17.67 -16.88 18.72
C ARG A 126 -18.93 -17.28 19.49
N ASP A 127 -19.88 -16.35 19.59
CA ASP A 127 -21.12 -16.57 20.35
C ASP A 127 -22.29 -17.04 19.49
N CYS A 128 -21.98 -17.79 18.42
CA CYS A 128 -23.00 -18.41 17.59
C CYS A 128 -23.38 -19.79 18.14
N PRO A 129 -24.64 -20.22 17.93
CA PRO A 129 -25.12 -21.52 18.40
C PRO A 129 -24.34 -22.71 17.84
N THR A 130 -24.09 -22.70 16.53
CA THR A 130 -23.30 -23.75 15.87
C THR A 130 -22.02 -23.15 15.30
N PRO A 131 -20.93 -23.95 15.25
CA PRO A 131 -19.61 -23.51 14.76
C PRO A 131 -19.62 -22.88 13.36
N MET A 132 -20.60 -23.24 12.52
CA MET A 132 -20.70 -22.68 11.17
C MET A 132 -21.77 -21.58 11.07
N GLY A 133 -22.25 -21.12 12.23
CA GLY A 133 -23.26 -20.06 12.29
C GLY A 133 -24.50 -20.47 13.05
N THR A 134 -25.53 -20.88 12.32
CA THR A 134 -26.78 -21.34 12.90
C THR A 134 -27.18 -22.71 12.38
N LYS A 135 -26.43 -23.21 11.40
CA LYS A 135 -26.77 -24.45 10.71
C LYS A 135 -25.83 -25.60 11.07
N GLY A 136 -26.36 -26.82 10.99
CA GLY A 136 -25.57 -28.03 11.20
C GLY A 136 -25.59 -28.56 12.62
N LYS A 137 -24.50 -29.23 13.00
CA LYS A 137 -24.37 -29.85 14.31
C LYS A 137 -23.51 -29.01 15.26
N LYS A 138 -23.61 -29.28 16.55
CA LYS A 138 -22.81 -28.62 17.57
C LYS A 138 -21.33 -29.01 17.45
N GLN A 139 -21.08 -30.27 17.12
CA GLN A 139 -19.72 -30.77 16.88
C GLN A 139 -19.50 -31.02 15.39
N LEU A 140 -18.53 -30.29 14.82
CA LEU A 140 -18.21 -30.40 13.41
C LEU A 140 -17.49 -31.73 13.11
N PRO A 141 -17.84 -32.37 11.98
CA PRO A 141 -17.28 -33.67 11.57
C PRO A 141 -15.76 -33.76 11.71
N ASP A 142 -15.28 -34.94 12.12
CA ASP A 142 -13.86 -35.17 12.35
C ASP A 142 -13.01 -34.86 11.12
N ALA A 143 -11.89 -34.16 11.35
CA ALA A 143 -11.02 -33.70 10.28
C ALA A 143 -10.27 -34.84 9.57
N GLU A 144 -9.76 -35.79 10.35
CA GLU A 144 -9.02 -36.93 9.80
C GLU A 144 -9.94 -37.91 9.08
N PHE A 145 -11.13 -38.12 9.65
CA PHE A 145 -12.12 -39.03 9.08
C PHE A 145 -12.72 -38.47 7.78
N LEU A 146 -12.76 -37.14 7.68
CA LEU A 146 -13.27 -36.48 6.48
C LEU A 146 -12.28 -36.59 5.31
N SER A 147 -10.98 -36.56 5.63
CA SER A 147 -9.93 -36.66 4.62
C SER A 147 -9.72 -38.11 4.17
N ARG A 148 -9.91 -39.05 5.08
CA ARG A 148 -9.70 -40.48 4.80
C ARG A 148 -10.83 -41.08 3.95
N ARG A 149 -12.04 -40.54 4.11
CA ARG A 149 -13.22 -41.07 3.43
C ARG A 149 -13.53 -40.41 2.08
N PHE A 150 -13.10 -39.15 1.92
CA PHE A 150 -13.49 -38.36 0.75
C PHE A 150 -12.32 -37.75 -0.03
N LEU A 151 -11.14 -37.70 0.57
CA LEU A 151 -9.98 -37.06 -0.06
C LEU A 151 -8.80 -38.01 -0.30
N LEU A 152 -8.78 -39.13 0.41
CA LEU A 152 -7.71 -40.13 0.30
C LEU A 152 -7.78 -40.83 -1.06
N ARG A 153 -6.63 -40.87 -1.74
CA ARG A 153 -6.55 -41.46 -3.08
C ARG A 153 -6.53 -42.97 -3.03
N ARG A 154 -7.44 -43.58 -3.79
CA ARG A 154 -7.42 -45.01 -4.03
C ARG A 154 -6.62 -45.27 -5.30
N LYS A 155 -7.28 -45.15 -6.46
CA LYS A 155 -6.60 -45.22 -7.75
C LYS A 155 -6.26 -43.81 -8.21
N PHE A 156 -5.10 -43.66 -8.86
CA PHE A 156 -4.63 -42.37 -9.35
C PHE A 156 -5.54 -41.84 -10.46
N ILE A 157 -6.07 -40.65 -10.24
CA ILE A 157 -6.90 -39.96 -11.23
C ILE A 157 -6.11 -38.80 -11.83
N PRO A 158 -5.65 -38.96 -13.09
CA PRO A 158 -4.89 -37.91 -13.76
C PRO A 158 -5.79 -36.77 -14.20
N ASP A 159 -5.19 -35.63 -14.52
CA ASP A 159 -5.95 -34.48 -15.01
C ASP A 159 -6.37 -34.70 -16.46
N PRO A 160 -7.69 -34.56 -16.75
CA PRO A 160 -8.21 -34.68 -18.10
C PRO A 160 -7.74 -33.55 -19.05
N GLN A 161 -7.22 -32.47 -18.47
CA GLN A 161 -6.66 -31.36 -19.26
C GLN A 161 -5.19 -31.60 -19.64
N GLY A 162 -4.64 -32.72 -19.17
CA GLY A 162 -3.27 -33.13 -19.49
C GLY A 162 -2.20 -32.30 -18.81
N THR A 163 -2.52 -31.78 -17.64
CA THR A 163 -1.59 -30.97 -16.84
C THR A 163 -0.47 -31.85 -16.28
N ASN A 164 0.76 -31.34 -16.35
CA ASN A 164 1.94 -32.09 -15.92
C ASN A 164 2.49 -31.66 -14.56
N LEU A 165 3.59 -32.29 -14.15
CA LEU A 165 4.25 -31.97 -12.88
C LEU A 165 5.08 -30.68 -12.96
N MET A 166 5.47 -30.31 -14.17
CA MET A 166 6.15 -29.04 -14.40
C MET A 166 5.26 -27.87 -13.98
N PHE A 167 3.97 -28.01 -14.27
CA PHE A 167 2.94 -27.08 -13.80
C PHE A 167 2.80 -27.15 -12.28
N ALA A 168 2.71 -28.38 -11.77
CA ALA A 168 2.47 -28.63 -10.35
C ALA A 168 3.59 -28.06 -9.46
N PHE A 169 4.83 -28.21 -9.90
CA PHE A 169 5.98 -27.68 -9.17
C PHE A 169 6.09 -26.17 -9.30
N PHE A 170 5.68 -25.64 -10.45
CA PHE A 170 5.61 -24.20 -10.67
C PHE A 170 4.60 -23.60 -9.72
N ALA A 171 3.43 -24.25 -9.62
CA ALA A 171 2.36 -23.82 -8.72
C ALA A 171 2.87 -23.69 -7.28
N GLN A 172 3.49 -24.75 -6.76
CA GLN A 172 4.00 -24.77 -5.39
C GLN A 172 5.13 -23.77 -5.18
N HIS A 173 5.97 -23.59 -6.20
CA HIS A 173 7.06 -22.61 -6.17
C HIS A 173 6.52 -21.19 -6.17
N PHE A 174 5.65 -20.89 -7.14
CA PHE A 174 5.07 -19.57 -7.33
C PHE A 174 4.23 -19.10 -6.13
N THR A 175 3.50 -20.00 -5.50
CA THR A 175 2.60 -19.63 -4.40
C THR A 175 3.32 -19.36 -3.09
N HIS A 176 4.44 -20.06 -2.87
CA HIS A 176 5.16 -19.98 -1.61
C HIS A 176 5.98 -18.70 -1.42
N GLN A 177 5.79 -17.74 -2.33
CA GLN A 177 6.34 -16.40 -2.16
C GLN A 177 5.34 -15.48 -1.49
N PHE A 178 4.06 -15.81 -1.60
CA PHE A 178 3.00 -15.04 -0.94
C PHE A 178 2.14 -15.87 0.04
N PHE A 179 2.39 -17.18 0.07
CA PHE A 179 1.86 -18.03 1.13
C PHE A 179 2.99 -18.48 2.05
N LYS A 180 3.21 -17.73 3.13
CA LYS A 180 4.23 -18.07 4.12
C LYS A 180 3.68 -17.87 5.52
N THR A 181 2.88 -18.84 5.97
CA THR A 181 2.19 -18.74 7.25
C THR A 181 3.16 -18.84 8.42
N SER A 182 3.15 -17.81 9.26
CA SER A 182 4.00 -17.73 10.45
C SER A 182 3.57 -18.73 11.52
N GLY A 183 4.38 -19.76 11.73
CA GLY A 183 4.13 -20.78 12.74
C GLY A 183 4.29 -20.28 14.17
N LYS A 184 5.07 -19.21 14.32
CA LYS A 184 5.32 -18.60 15.63
C LYS A 184 4.19 -17.66 16.06
N MET A 185 3.70 -16.85 15.13
CA MET A 185 2.59 -15.93 15.40
C MET A 185 1.25 -16.65 15.34
N GLY A 186 1.14 -17.64 14.45
CA GLY A 186 -0.05 -18.48 14.38
C GLY A 186 -0.82 -18.38 13.06
N PRO A 187 -1.94 -19.10 12.96
CA PRO A 187 -2.80 -19.09 11.77
C PRO A 187 -3.42 -17.72 11.53
N GLY A 188 -3.44 -17.28 10.28
CA GLY A 188 -3.92 -15.95 9.92
C GLY A 188 -2.80 -14.91 9.90
N PHE A 189 -1.57 -15.38 10.13
CA PHE A 189 -0.39 -14.52 10.09
C PHE A 189 0.58 -14.95 9.01
N THR A 190 1.31 -13.99 8.44
CA THR A 190 2.17 -14.26 7.29
C THR A 190 3.52 -13.55 7.34
N LYS A 191 4.57 -14.26 6.93
CA LYS A 191 5.92 -13.72 6.84
C LYS A 191 6.16 -13.08 5.47
N ALA A 192 5.33 -13.46 4.50
CA ALA A 192 5.41 -12.92 3.14
C ALA A 192 4.75 -11.54 3.07
N LEU A 193 5.49 -10.53 3.55
CA LEU A 193 4.98 -9.17 3.68
C LEU A 193 4.84 -8.43 2.34
N GLY A 194 5.28 -9.07 1.26
CA GLY A 194 5.12 -8.52 -0.08
C GLY A 194 3.67 -8.62 -0.55
N HIS A 195 2.96 -9.63 -0.06
CA HIS A 195 1.55 -9.87 -0.37
C HIS A 195 1.26 -9.89 -1.88
N GLY A 196 2.14 -10.56 -2.62
CA GLY A 196 1.99 -10.70 -4.06
C GLY A 196 3.21 -11.24 -4.76
N VAL A 197 3.39 -10.87 -6.02
CA VAL A 197 4.51 -11.33 -6.82
C VAL A 197 5.72 -10.42 -6.61
N ASP A 198 6.45 -10.68 -5.53
CA ASP A 198 7.63 -9.89 -5.16
C ASP A 198 8.93 -10.66 -5.39
N LEU A 199 8.79 -11.97 -5.56
CA LEU A 199 9.91 -12.90 -5.72
C LEU A 199 10.75 -13.05 -4.44
N GLY A 200 10.07 -13.01 -3.29
CA GLY A 200 10.71 -13.21 -1.99
C GLY A 200 11.09 -14.66 -1.73
N HIS A 201 10.72 -15.54 -2.64
CA HIS A 201 11.10 -16.95 -2.59
C HIS A 201 12.40 -17.19 -3.34
N ILE A 202 12.91 -16.12 -3.97
CA ILE A 202 14.18 -16.15 -4.67
C ILE A 202 15.18 -15.26 -3.94
N TYR A 203 14.75 -14.06 -3.56
CA TYR A 203 15.62 -13.09 -2.91
C TYR A 203 15.50 -13.08 -1.40
N GLY A 204 14.29 -13.31 -0.89
CA GLY A 204 14.06 -13.33 0.55
C GLY A 204 12.89 -12.44 0.97
N ASP A 205 12.25 -12.79 2.08
CA ASP A 205 11.15 -11.98 2.62
C ASP A 205 11.65 -10.75 3.38
N ASN A 206 12.90 -10.82 3.84
CA ASN A 206 13.53 -9.71 4.56
C ASN A 206 14.87 -9.29 3.96
N LEU A 207 15.29 -8.08 4.27
CA LEU A 207 16.48 -7.46 3.67
C LEU A 207 17.80 -8.18 4.03
N GLU A 208 17.99 -8.48 5.32
CA GLU A 208 19.22 -9.11 5.82
C GLU A 208 19.51 -10.46 5.15
N ARG A 209 18.44 -11.20 4.86
CA ARG A 209 18.54 -12.49 4.16
C ARG A 209 18.96 -12.28 2.70
N GLN A 210 18.28 -11.34 2.03
CA GLN A 210 18.57 -11.00 0.64
C GLN A 210 20.04 -10.68 0.42
N TYR A 211 20.61 -9.89 1.33
CA TYR A 211 22.00 -9.47 1.28
C TYR A 211 22.98 -10.65 1.36
N GLN A 212 22.57 -11.71 2.05
CA GLN A 212 23.39 -12.91 2.16
C GLN A 212 23.45 -13.72 0.87
N LEU A 213 22.35 -13.73 0.11
CA LEU A 213 22.29 -14.43 -1.17
C LEU A 213 23.05 -13.70 -2.27
N ARG A 214 23.11 -12.38 -2.17
CA ARG A 214 23.73 -11.53 -3.19
C ARG A 214 25.25 -11.57 -3.14
N LEU A 215 25.87 -11.59 -4.32
CA LEU A 215 27.32 -11.50 -4.46
C LEU A 215 27.84 -10.11 -4.15
N PHE A 216 27.00 -9.11 -4.39
CA PHE A 216 27.37 -7.69 -4.34
C PHE A 216 28.44 -7.32 -5.38
N LYS A 217 28.42 -8.06 -6.48
CA LYS A 217 29.24 -7.76 -7.65
C LYS A 217 28.41 -8.03 -8.90
N ASP A 218 28.24 -6.99 -9.72
CA ASP A 218 27.50 -7.06 -10.99
C ASP A 218 25.98 -7.29 -10.81
N GLY A 219 25.50 -7.08 -9.59
CA GLY A 219 24.07 -7.23 -9.27
C GLY A 219 23.61 -8.67 -9.14
N LYS A 220 24.56 -9.59 -9.14
CA LYS A 220 24.27 -11.02 -9.19
C LYS A 220 24.01 -11.64 -7.81
N LEU A 221 23.37 -12.81 -7.83
CA LEU A 221 23.23 -13.66 -6.67
C LEU A 221 24.40 -14.64 -6.62
N LYS A 222 24.78 -15.04 -5.41
CA LYS A 222 25.85 -16.03 -5.21
C LYS A 222 25.48 -17.37 -5.84
N TYR A 223 26.50 -18.09 -6.31
CA TYR A 223 26.29 -19.39 -6.95
C TYR A 223 27.50 -20.30 -6.77
N GLN A 224 27.26 -21.60 -6.84
CA GLN A 224 28.33 -22.60 -6.83
C GLN A 224 28.33 -23.39 -8.13
N MET A 225 29.50 -23.88 -8.53
CA MET A 225 29.66 -24.64 -9.76
C MET A 225 29.75 -26.13 -9.46
N LEU A 226 28.81 -26.90 -10.01
CA LEU A 226 28.80 -28.34 -9.86
C LEU A 226 28.53 -29.00 -11.22
N ASN A 227 29.49 -29.85 -11.63
CA ASN A 227 29.45 -30.51 -12.95
C ASN A 227 29.45 -29.52 -14.13
N GLY A 228 30.09 -28.37 -13.92
CA GLY A 228 30.16 -27.31 -14.93
C GLY A 228 28.85 -26.56 -15.11
N GLU A 229 27.98 -26.65 -14.11
CA GLU A 229 26.65 -26.05 -14.17
C GLU A 229 26.41 -25.12 -12.98
N VAL A 230 25.66 -24.04 -13.22
CA VAL A 230 25.36 -23.05 -12.20
C VAL A 230 24.24 -23.53 -11.28
N TYR A 231 24.49 -23.49 -9.97
CA TYR A 231 23.51 -23.92 -8.97
C TYR A 231 23.45 -22.96 -7.77
N PRO A 232 22.37 -23.00 -6.97
CA PRO A 232 22.29 -22.20 -5.75
C PRO A 232 23.44 -22.50 -4.79
N PRO A 233 23.96 -21.46 -4.10
CA PRO A 233 25.13 -21.62 -3.24
C PRO A 233 24.80 -22.40 -1.96
N SER A 234 25.83 -22.89 -1.29
CA SER A 234 25.66 -23.61 -0.02
C SER A 234 25.32 -22.65 1.11
N VAL A 235 24.69 -23.18 2.16
CA VAL A 235 24.39 -22.39 3.36
C VAL A 235 25.67 -22.04 4.12
N GLU A 236 26.74 -22.79 3.86
CA GLU A 236 28.05 -22.50 4.44
C GLU A 236 28.64 -21.21 3.85
N GLU A 237 28.39 -21.00 2.55
CA GLU A 237 28.82 -19.78 1.85
C GLU A 237 27.83 -18.63 2.10
N ALA A 238 26.54 -18.92 2.00
CA ALA A 238 25.48 -17.95 2.27
C ALA A 238 24.67 -18.37 3.51
N PRO A 239 25.07 -17.89 4.69
CA PRO A 239 24.48 -18.31 5.97
C PRO A 239 23.04 -17.83 6.18
N VAL A 240 22.08 -18.55 5.61
CA VAL A 240 20.67 -18.24 5.79
C VAL A 240 19.90 -19.44 6.35
N LEU A 241 18.89 -19.15 7.18
CA LEU A 241 18.03 -20.17 7.78
C LEU A 241 17.30 -20.98 6.71
N MET A 242 17.63 -22.26 6.61
CA MET A 242 16.93 -23.18 5.71
C MET A 242 16.40 -24.36 6.51
N HIS A 243 15.14 -24.73 6.26
CA HIS A 243 14.52 -25.84 6.97
C HIS A 243 14.92 -27.19 6.38
N TYR A 244 15.99 -27.77 6.94
CA TYR A 244 16.47 -29.08 6.56
C TYR A 244 16.33 -30.06 7.73
N PRO A 245 16.09 -31.35 7.44
CA PRO A 245 16.00 -32.38 8.49
C PRO A 245 17.25 -32.42 9.37
N ARG A 246 17.04 -32.62 10.67
CA ARG A 246 18.13 -32.64 11.65
C ARG A 246 19.20 -33.66 11.28
N GLY A 247 20.45 -33.24 11.36
CA GLY A 247 21.58 -34.10 11.03
C GLY A 247 22.26 -33.72 9.72
N ILE A 248 21.59 -32.89 8.93
CA ILE A 248 22.14 -32.38 7.67
C ILE A 248 22.80 -31.02 7.90
N PRO A 249 24.14 -30.97 7.80
CA PRO A 249 24.89 -29.73 8.00
C PRO A 249 24.79 -28.78 6.81
N PRO A 250 25.00 -27.47 7.03
CA PRO A 250 24.97 -26.44 5.99
C PRO A 250 25.87 -26.70 4.77
N GLN A 251 26.78 -27.67 4.89
CA GLN A 251 27.70 -28.02 3.80
C GLN A 251 27.01 -28.66 2.60
N SER A 252 25.90 -29.36 2.85
CA SER A 252 25.14 -30.03 1.80
C SER A 252 23.91 -29.24 1.39
N GLN A 253 23.42 -28.39 2.29
CA GLN A 253 22.24 -27.56 2.07
C GLN A 253 22.48 -26.53 0.97
N MET A 254 21.41 -26.11 0.30
CA MET A 254 21.47 -25.04 -0.68
C MET A 254 20.67 -23.82 -0.23
N ALA A 255 21.21 -22.63 -0.50
CA ALA A 255 20.66 -21.39 0.02
C ALA A 255 19.84 -20.63 -1.02
N VAL A 256 18.54 -20.52 -0.76
CA VAL A 256 17.62 -19.77 -1.63
C VAL A 256 16.70 -18.85 -0.81
N GLY A 257 15.84 -18.11 -1.50
CA GLY A 257 14.96 -17.13 -0.87
C GLY A 257 13.95 -17.71 0.10
N GLN A 258 13.39 -18.87 -0.24
CA GLN A 258 12.38 -19.51 0.60
C GLN A 258 12.99 -20.67 1.39
N GLU A 259 12.67 -20.70 2.68
CA GLU A 259 13.29 -21.63 3.65
C GLU A 259 12.94 -23.10 3.43
N VAL A 260 11.73 -23.37 2.95
CA VAL A 260 11.23 -24.75 2.86
C VAL A 260 11.56 -25.45 1.53
N PHE A 261 12.31 -24.75 0.68
CA PHE A 261 12.59 -25.20 -0.68
C PHE A 261 13.55 -26.39 -0.78
N GLY A 262 14.36 -26.59 0.27
CA GLY A 262 15.32 -27.69 0.32
C GLY A 262 14.69 -29.07 0.48
N LEU A 263 13.41 -29.08 0.86
CA LEU A 263 12.68 -30.32 1.13
C LEU A 263 12.24 -31.04 -0.14
N LEU A 264 12.11 -30.30 -1.24
CA LEU A 264 11.67 -30.86 -2.52
C LEU A 264 12.63 -30.51 -3.66
N PRO A 265 13.04 -31.52 -4.45
CA PRO A 265 13.90 -31.31 -5.62
C PRO A 265 13.23 -30.47 -6.70
N GLY A 266 11.92 -30.65 -6.87
CA GLY A 266 11.14 -29.88 -7.84
C GLY A 266 11.12 -28.41 -7.52
N LEU A 267 11.08 -28.09 -6.23
CA LEU A 267 11.14 -26.71 -5.75
C LEU A 267 12.53 -26.12 -5.94
N MET A 268 13.56 -26.93 -5.70
CA MET A 268 14.95 -26.52 -5.87
C MET A 268 15.31 -26.42 -7.35
N LEU A 269 14.59 -27.17 -8.18
CA LEU A 269 14.72 -27.09 -9.64
C LEU A 269 14.34 -25.70 -10.14
N TYR A 270 13.22 -25.17 -9.66
CA TYR A 270 12.74 -23.84 -10.03
C TYR A 270 13.54 -22.72 -9.38
N ALA A 271 14.15 -23.00 -8.24
CA ALA A 271 15.04 -22.05 -7.57
C ALA A 271 16.32 -21.83 -8.36
N THR A 272 16.80 -22.91 -9.00
CA THR A 272 17.98 -22.87 -9.85
C THR A 272 17.74 -22.05 -11.12
N ILE A 273 16.65 -22.37 -11.82
CA ILE A 273 16.32 -21.74 -13.10
C ILE A 273 16.21 -20.21 -12.99
N TRP A 274 15.49 -19.75 -11.97
CA TRP A 274 15.29 -18.31 -11.74
C TRP A 274 16.57 -17.60 -11.27
N LEU A 275 17.41 -18.34 -10.53
CA LEU A 275 18.74 -17.84 -10.14
C LEU A 275 19.64 -17.70 -11.37
N ARG A 276 19.57 -18.67 -12.27
CA ARG A 276 20.28 -18.61 -13.55
C ARG A 276 19.74 -17.49 -14.42
N GLU A 277 18.42 -17.27 -14.34
CA GLU A 277 17.77 -16.18 -15.05
C GLU A 277 18.25 -14.82 -14.55
N HIS A 278 18.22 -14.64 -13.22
CA HIS A 278 18.66 -13.40 -12.59
C HIS A 278 20.05 -12.98 -13.03
N ASN A 279 21.01 -13.91 -12.91
CA ASN A 279 22.40 -13.65 -13.30
C ASN A 279 22.60 -13.50 -14.81
N ARG A 280 21.74 -14.14 -15.59
CA ARG A 280 21.76 -13.98 -17.05
C ARG A 280 21.25 -12.60 -17.44
N VAL A 281 20.24 -12.11 -16.73
CA VAL A 281 19.69 -10.77 -16.93
C VAL A 281 20.70 -9.70 -16.52
N CYS A 282 21.42 -9.94 -15.41
CA CYS A 282 22.47 -9.05 -14.94
C CYS A 282 23.55 -8.81 -16.00
N ASP A 283 23.95 -9.89 -16.68
CA ASP A 283 24.95 -9.83 -17.75
C ASP A 283 24.49 -8.94 -18.92
N LEU A 284 23.23 -9.06 -19.31
CA LEU A 284 22.67 -8.23 -20.38
C LEU A 284 22.61 -6.75 -20.00
N LEU A 285 22.20 -6.48 -18.77
CA LEU A 285 22.08 -5.11 -18.25
C LEU A 285 23.44 -4.43 -18.04
N LYS A 286 24.47 -5.23 -17.79
CA LYS A 286 25.83 -4.71 -17.60
C LYS A 286 26.44 -4.21 -18.90
N ALA A 287 26.05 -4.83 -20.01
CA ALA A 287 26.53 -4.43 -21.34
C ALA A 287 25.91 -3.10 -21.78
N GLU A 288 24.63 -2.91 -21.45
CA GLU A 288 23.92 -1.67 -21.75
C GLU A 288 24.36 -0.54 -20.83
N HIS A 289 24.62 -0.87 -19.57
CA HIS A 289 24.99 0.12 -18.57
C HIS A 289 26.28 -0.26 -17.82
N PRO A 290 27.46 0.02 -18.42
CA PRO A 290 28.73 -0.30 -17.78
C PRO A 290 29.09 0.64 -16.62
N THR A 291 28.30 1.71 -16.43
CA THR A 291 28.56 2.68 -15.37
C THR A 291 27.65 2.46 -14.16
N TRP A 292 26.72 1.50 -14.27
CA TRP A 292 25.84 1.12 -13.17
C TRP A 292 26.60 0.39 -12.08
N GLY A 293 26.26 0.71 -10.83
CA GLY A 293 26.81 -0.01 -9.68
C GLY A 293 26.12 -1.34 -9.48
N ASP A 294 26.50 -2.04 -8.43
CA ASP A 294 25.92 -3.34 -8.08
C ASP A 294 24.43 -3.21 -7.72
N GLU A 295 24.09 -2.17 -6.97
CA GLU A 295 22.73 -1.99 -6.45
C GLU A 295 21.69 -1.80 -7.54
N GLN A 296 22.02 -1.00 -8.56
CA GLN A 296 21.09 -0.76 -9.67
C GLN A 296 20.92 -1.99 -10.58
N LEU A 297 22.01 -2.73 -10.78
CA LEU A 297 21.97 -3.96 -11.58
C LEU A 297 21.10 -5.03 -10.94
N PHE A 298 21.18 -5.16 -9.61
CA PHE A 298 20.39 -6.13 -8.87
C PHE A 298 18.91 -5.79 -8.86
N GLN A 299 18.58 -4.56 -8.48
CA GLN A 299 17.19 -4.12 -8.34
C GLN A 299 16.43 -4.13 -9.66
N THR A 300 17.11 -3.75 -10.75
CA THR A 300 16.50 -3.74 -12.07
C THR A 300 16.24 -5.15 -12.59
N ALA A 301 17.14 -6.08 -12.27
CA ALA A 301 16.98 -7.48 -12.64
C ALA A 301 15.78 -8.10 -11.92
N ARG A 302 15.54 -7.67 -10.68
CA ARG A 302 14.40 -8.14 -9.90
C ARG A 302 13.07 -7.73 -10.53
N LEU A 303 12.99 -6.47 -10.97
CA LEU A 303 11.78 -5.95 -11.62
C LEU A 303 11.48 -6.69 -12.92
N ILE A 304 12.53 -6.99 -13.68
CA ILE A 304 12.42 -7.77 -14.92
C ILE A 304 11.90 -9.17 -14.64
N LEU A 305 12.49 -9.84 -13.64
CA LEU A 305 12.08 -11.18 -13.25
C LEU A 305 10.65 -11.23 -12.71
N ILE A 306 10.24 -10.16 -12.01
CA ILE A 306 8.84 -10.00 -11.60
C ILE A 306 7.95 -9.88 -12.84
N GLY A 307 8.38 -9.05 -13.79
CA GLY A 307 7.68 -8.86 -15.05
C GLY A 307 7.56 -10.12 -15.86
N GLU A 308 8.62 -10.93 -15.87
CA GLU A 308 8.65 -12.21 -16.57
C GLU A 308 7.71 -13.22 -15.91
N THR A 309 7.63 -13.18 -14.58
CA THR A 309 6.77 -14.09 -13.82
C THR A 309 5.30 -13.88 -14.16
N ILE A 310 4.82 -12.64 -14.02
CA ILE A 310 3.42 -12.30 -14.32
C ILE A 310 3.06 -12.57 -15.78
N LYS A 311 4.04 -12.41 -16.67
CA LYS A 311 3.87 -12.71 -18.09
C LYS A 311 3.58 -14.20 -18.34
N ILE A 312 4.46 -15.06 -17.84
CA ILE A 312 4.34 -16.50 -18.03
C ILE A 312 3.10 -17.05 -17.31
N VAL A 313 2.86 -16.55 -16.09
CA VAL A 313 1.71 -16.97 -15.28
C VAL A 313 0.37 -16.77 -16.01
N ILE A 314 0.19 -15.60 -16.63
CA ILE A 314 -1.07 -15.28 -17.30
C ILE A 314 -1.24 -16.02 -18.62
N GLU A 315 -0.23 -15.92 -19.49
CA GLU A 315 -0.36 -16.39 -20.87
C GLU A 315 -0.12 -17.88 -21.07
N GLU A 316 0.40 -18.56 -20.05
CA GLU A 316 0.68 -19.99 -20.13
C GLU A 316 0.16 -20.78 -18.93
N TYR A 317 0.53 -20.35 -17.73
CA TYR A 317 0.14 -21.01 -16.49
C TYR A 317 -1.38 -20.99 -16.31
N VAL A 318 -1.96 -19.80 -16.38
CA VAL A 318 -3.41 -19.61 -16.31
C VAL A 318 -4.08 -20.20 -17.56
N GLN A 319 -3.40 -20.09 -18.71
CA GLN A 319 -3.91 -20.61 -19.97
C GLN A 319 -4.16 -22.13 -19.90
N GLN A 320 -3.27 -22.84 -19.22
CA GLN A 320 -3.34 -24.29 -19.12
C GLN A 320 -4.50 -24.79 -18.26
N LEU A 321 -4.61 -24.27 -17.03
CA LEU A 321 -5.63 -24.74 -16.09
C LEU A 321 -7.03 -24.20 -16.38
N SER A 322 -7.11 -23.04 -17.03
CA SER A 322 -8.39 -22.44 -17.42
C SER A 322 -9.03 -23.20 -18.57
N GLY A 323 -8.19 -23.61 -19.53
CA GLY A 323 -8.63 -24.31 -20.73
C GLY A 323 -9.40 -23.41 -21.69
N TYR A 324 -9.16 -22.11 -21.59
CA TYR A 324 -9.83 -21.14 -22.45
C TYR A 324 -9.25 -21.18 -23.86
N PHE A 325 -10.11 -21.04 -24.86
CA PHE A 325 -9.68 -20.90 -26.25
C PHE A 325 -9.30 -19.45 -26.55
N LEU A 326 -9.77 -18.53 -25.71
CA LEU A 326 -9.35 -17.13 -25.76
C LEU A 326 -7.88 -17.01 -25.36
N GLN A 327 -7.09 -16.44 -26.24
CA GLN A 327 -5.67 -16.22 -26.00
C GLN A 327 -5.50 -15.14 -24.94
N LEU A 328 -5.11 -15.55 -23.74
CA LEU A 328 -4.91 -14.64 -22.62
C LEU A 328 -3.67 -13.78 -22.87
N LYS A 329 -3.67 -12.57 -22.32
CA LYS A 329 -2.63 -11.58 -22.62
C LYS A 329 -2.25 -10.77 -21.40
N PHE A 330 -0.94 -10.65 -21.15
CA PHE A 330 -0.42 -9.77 -20.13
C PHE A 330 -0.05 -8.41 -20.71
N ASP A 331 -0.94 -7.44 -20.54
CA ASP A 331 -0.73 -6.06 -20.96
C ASP A 331 -1.32 -5.13 -19.90
N PRO A 332 -0.46 -4.55 -19.04
CA PRO A 332 -0.91 -3.60 -18.02
C PRO A 332 -1.63 -2.38 -18.59
N GLU A 333 -1.39 -2.08 -19.87
CA GLU A 333 -2.02 -0.94 -20.55
C GLU A 333 -3.54 -1.05 -20.65
N LEU A 334 -4.04 -2.29 -20.57
CA LEU A 334 -5.49 -2.56 -20.63
C LEU A 334 -6.24 -1.93 -19.45
N LEU A 335 -5.53 -1.69 -18.36
CA LEU A 335 -6.14 -1.15 -17.15
C LEU A 335 -5.92 0.35 -16.95
N PHE A 336 -5.24 0.99 -17.90
CA PHE A 336 -4.91 2.42 -17.77
C PHE A 336 -6.12 3.34 -17.90
N GLY A 337 -7.19 2.83 -18.50
CA GLY A 337 -8.44 3.59 -18.62
C GLY A 337 -9.52 3.08 -17.69
N ALA A 338 -9.10 2.49 -16.57
CA ALA A 338 -10.01 1.87 -15.61
C ALA A 338 -9.69 2.28 -14.17
N GLN A 339 -10.69 2.16 -13.30
CA GLN A 339 -10.51 2.39 -11.87
C GLN A 339 -9.93 1.12 -11.24
N PHE A 340 -8.63 1.16 -10.93
CA PHE A 340 -7.91 -0.02 -10.45
C PHE A 340 -6.86 0.37 -9.42
N GLN A 341 -6.95 -0.24 -8.24
CA GLN A 341 -6.00 0.01 -7.15
C GLN A 341 -4.80 -0.91 -7.29
N TYR A 342 -3.62 -0.32 -7.42
CA TYR A 342 -2.38 -1.10 -7.57
C TYR A 342 -1.80 -1.50 -6.21
N ARG A 343 -2.54 -2.37 -5.52
CA ARG A 343 -2.14 -2.92 -4.24
C ARG A 343 -2.85 -4.24 -3.99
N ASN A 344 -2.21 -5.12 -3.22
CA ASN A 344 -2.78 -6.42 -2.90
C ASN A 344 -2.42 -6.89 -1.50
N ARG A 345 -3.40 -7.50 -0.84
CA ARG A 345 -3.21 -8.15 0.45
C ARG A 345 -3.74 -9.57 0.32
N ILE A 346 -2.91 -10.55 0.67
CA ILE A 346 -3.25 -11.96 0.53
C ILE A 346 -4.32 -12.38 1.54
N ALA A 347 -5.38 -12.97 1.03
CA ALA A 347 -6.48 -13.45 1.87
C ALA A 347 -6.24 -14.87 2.34
N MET A 348 -6.81 -15.21 3.50
CA MET A 348 -6.72 -16.55 4.04
C MET A 348 -7.49 -17.56 3.19
N GLU A 349 -8.53 -17.09 2.51
CA GLU A 349 -9.34 -17.93 1.64
C GLU A 349 -8.57 -18.39 0.41
N PHE A 350 -7.69 -17.52 -0.09
CA PHE A 350 -6.82 -17.85 -1.22
C PHE A 350 -5.79 -18.89 -0.80
N ASN A 351 -5.30 -18.76 0.43
CA ASN A 351 -4.39 -19.74 1.04
C ASN A 351 -5.03 -21.13 1.08
N GLN A 352 -6.19 -21.22 1.73
CA GLN A 352 -6.97 -22.46 1.82
C GLN A 352 -7.24 -23.08 0.45
N LEU A 353 -7.64 -22.23 -0.49
CA LEU A 353 -8.02 -22.63 -1.85
C LEU A 353 -6.86 -23.25 -2.63
N TYR A 354 -5.66 -22.72 -2.44
CA TYR A 354 -4.52 -23.07 -3.30
C TYR A 354 -3.75 -24.31 -2.85
N HIS A 355 -4.31 -25.05 -1.90
CA HIS A 355 -3.73 -26.31 -1.45
C HIS A 355 -3.97 -27.40 -2.50
N TRP A 356 -3.21 -27.35 -3.59
CA TRP A 356 -3.37 -28.28 -4.70
C TRP A 356 -2.47 -29.51 -4.55
N HIS A 357 -2.57 -30.16 -3.40
CA HIS A 357 -1.81 -31.37 -3.11
C HIS A 357 -2.32 -32.62 -3.87
N PRO A 358 -3.56 -32.59 -4.41
CA PRO A 358 -4.00 -33.64 -5.33
C PRO A 358 -3.15 -33.76 -6.61
N LEU A 359 -2.49 -32.67 -7.00
CA LEU A 359 -1.63 -32.65 -8.20
C LEU A 359 -0.50 -33.67 -8.15
N MET A 360 -0.10 -34.03 -6.93
CA MET A 360 1.05 -34.91 -6.71
C MET A 360 0.74 -36.38 -7.03
N PRO A 361 1.62 -37.04 -7.79
CA PRO A 361 1.40 -38.41 -8.25
C PRO A 361 1.71 -39.45 -7.17
N ASP A 362 1.55 -40.73 -7.51
CA ASP A 362 1.89 -41.83 -6.61
C ASP A 362 3.39 -41.99 -6.45
N SER A 363 4.11 -41.77 -7.55
CA SER A 363 5.58 -41.82 -7.56
C SER A 363 6.13 -40.93 -8.67
N PHE A 364 7.35 -40.43 -8.48
CA PHE A 364 7.95 -39.48 -9.41
C PHE A 364 8.88 -40.19 -10.40
N ARG A 365 8.61 -39.99 -11.69
CA ARG A 365 9.35 -40.67 -12.76
C ARG A 365 10.38 -39.77 -13.41
N VAL A 366 11.62 -40.24 -13.46
CA VAL A 366 12.70 -39.54 -14.15
C VAL A 366 13.29 -40.45 -15.23
N GLY A 367 12.62 -40.51 -16.37
CA GLY A 367 13.01 -41.40 -17.46
C GLY A 367 12.69 -42.85 -17.14
N PRO A 368 13.69 -43.74 -17.17
CA PRO A 368 13.50 -45.15 -16.83
C PRO A 368 13.35 -45.40 -15.33
N GLN A 369 13.70 -44.39 -14.52
CA GLN A 369 13.66 -44.50 -13.06
C GLN A 369 12.30 -44.08 -12.49
N ASP A 370 11.87 -44.79 -11.45
CA ASP A 370 10.63 -44.47 -10.75
C ASP A 370 10.89 -44.31 -9.26
N TYR A 371 10.99 -43.06 -8.81
CA TYR A 371 11.29 -42.74 -7.42
C TYR A 371 10.01 -42.56 -6.59
N SER A 372 9.96 -43.24 -5.45
CA SER A 372 8.85 -43.10 -4.51
C SER A 372 9.00 -41.83 -3.67
N TYR A 373 8.03 -41.58 -2.79
CA TYR A 373 8.06 -40.42 -1.91
C TYR A 373 9.26 -40.39 -0.96
N GLU A 374 9.61 -41.56 -0.42
CA GLU A 374 10.74 -41.69 0.50
C GLU A 374 12.05 -41.32 -0.18
N GLN A 375 12.19 -41.71 -1.44
CA GLN A 375 13.38 -41.42 -2.24
C GLN A 375 13.41 -39.97 -2.73
N PHE A 376 12.22 -39.43 -3.01
CA PHE A 376 12.08 -38.10 -3.60
C PHE A 376 12.16 -36.99 -2.57
N LEU A 377 11.39 -37.13 -1.49
CA LEU A 377 11.36 -36.13 -0.42
C LEU A 377 12.71 -36.01 0.30
N PHE A 378 13.08 -34.78 0.60
CA PHE A 378 14.34 -34.44 1.30
C PHE A 378 15.62 -34.86 0.56
N ASN A 379 15.49 -35.26 -0.70
CA ASN A 379 16.65 -35.68 -1.51
C ASN A 379 17.54 -34.49 -1.87
N THR A 380 18.83 -34.67 -1.63
CA THR A 380 19.81 -33.59 -1.77
C THR A 380 20.71 -33.71 -3.00
N SER A 381 20.70 -34.88 -3.64
CA SER A 381 21.59 -35.15 -4.77
C SER A 381 20.88 -35.24 -6.12
N MET A 382 19.57 -35.50 -6.10
CA MET A 382 18.79 -35.72 -7.32
C MET A 382 18.91 -34.60 -8.35
N LEU A 383 18.86 -33.35 -7.89
CA LEU A 383 19.00 -32.19 -8.76
C LEU A 383 20.36 -32.13 -9.44
N VAL A 384 21.42 -32.38 -8.68
CA VAL A 384 22.79 -32.35 -9.20
C VAL A 384 23.08 -33.54 -10.11
N ASP A 385 22.64 -34.72 -9.70
CA ASP A 385 22.84 -35.96 -10.46
C ASP A 385 22.28 -35.88 -11.89
N TYR A 386 21.01 -35.48 -12.01
CA TYR A 386 20.33 -35.42 -13.30
C TYR A 386 20.58 -34.12 -14.06
N GLY A 387 20.56 -33.00 -13.34
CA GLY A 387 20.68 -31.69 -13.95
C GLY A 387 19.32 -31.04 -14.16
N VAL A 388 19.33 -29.82 -14.69
CA VAL A 388 18.10 -29.07 -14.96
C VAL A 388 17.33 -29.68 -16.13
N GLU A 389 18.02 -29.88 -17.27
CA GLU A 389 17.42 -30.40 -18.49
C GLU A 389 16.65 -31.70 -18.29
N ALA A 390 17.27 -32.65 -17.59
CA ALA A 390 16.70 -33.97 -17.36
C ALA A 390 15.43 -33.94 -16.51
N LEU A 391 15.42 -33.09 -15.48
CA LEU A 391 14.29 -33.00 -14.57
C LEU A 391 13.15 -32.17 -15.17
N VAL A 392 13.49 -31.13 -15.93
CA VAL A 392 12.51 -30.36 -16.68
C VAL A 392 11.79 -31.26 -17.68
N ASP A 393 12.55 -32.12 -18.37
CA ASP A 393 12.00 -33.08 -19.31
C ASP A 393 11.08 -34.09 -18.63
N ALA A 394 11.47 -34.52 -17.42
CA ALA A 394 10.73 -35.53 -16.66
C ALA A 394 9.41 -35.01 -16.10
N PHE A 395 9.46 -33.82 -15.50
CA PHE A 395 8.26 -33.23 -14.88
C PHE A 395 7.25 -32.74 -15.91
N SER A 396 7.75 -32.46 -17.12
CA SER A 396 6.90 -32.01 -18.22
C SER A 396 6.20 -33.16 -18.94
N ARG A 397 6.73 -34.37 -18.77
CA ARG A 397 6.18 -35.56 -19.42
C ARG A 397 5.24 -36.37 -18.53
N GLN A 398 5.39 -36.23 -17.22
CA GLN A 398 4.55 -36.95 -16.27
C GLN A 398 3.29 -36.15 -15.93
N PRO A 399 2.11 -36.79 -16.08
CA PRO A 399 0.84 -36.13 -15.76
C PRO A 399 0.64 -35.86 -14.28
N ALA A 400 -0.04 -34.78 -13.96
CA ALA A 400 -0.39 -34.43 -12.59
C ALA A 400 -1.80 -34.87 -12.28
N GLY A 401 -2.12 -35.00 -11.00
CA GLY A 401 -3.43 -35.43 -10.55
C GLY A 401 -4.51 -34.38 -10.72
N ARG A 402 -5.76 -34.84 -10.83
CA ARG A 402 -6.91 -33.95 -10.89
C ARG A 402 -7.16 -33.33 -9.51
N ILE A 403 -7.27 -32.01 -9.47
CA ILE A 403 -7.47 -31.28 -8.21
C ILE A 403 -8.89 -31.48 -7.66
N GLY A 404 -9.89 -31.26 -8.51
CA GLY A 404 -11.28 -31.42 -8.12
C GLY A 404 -11.75 -32.86 -8.20
N GLY A 405 -13.00 -33.09 -7.79
CA GLY A 405 -13.61 -34.42 -7.83
C GLY A 405 -13.47 -35.20 -6.55
N GLY A 406 -12.36 -34.98 -5.84
CA GLY A 406 -12.10 -35.66 -4.56
C GLY A 406 -11.41 -36.99 -4.72
N ARG A 407 -11.03 -37.59 -3.59
CA ARG A 407 -10.37 -38.90 -3.54
C ARG A 407 -9.12 -39.01 -4.42
N ASN A 408 -8.31 -37.95 -4.43
CA ASN A 408 -7.10 -37.91 -5.26
C ASN A 408 -5.88 -37.29 -4.58
N ILE A 409 -5.84 -37.37 -3.25
CA ILE A 409 -4.67 -36.94 -2.49
C ILE A 409 -3.93 -38.19 -1.98
N ASP A 410 -2.65 -38.27 -2.31
CA ASP A 410 -1.81 -39.40 -1.91
C ASP A 410 -1.66 -39.50 -0.40
N HIS A 411 -1.69 -40.72 0.12
CA HIS A 411 -1.66 -40.99 1.56
C HIS A 411 -0.43 -40.43 2.30
N HIS A 412 0.63 -40.15 1.55
CA HIS A 412 1.84 -39.56 2.11
C HIS A 412 1.64 -38.12 2.57
N ILE A 413 0.86 -37.35 1.81
CA ILE A 413 0.66 -35.93 2.07
C ILE A 413 -0.79 -35.57 2.40
N LEU A 414 -1.58 -36.56 2.81
CA LEU A 414 -2.98 -36.34 3.17
C LEU A 414 -3.14 -35.54 4.46
N HIS A 415 -2.15 -35.63 5.35
CA HIS A 415 -2.17 -34.93 6.64
C HIS A 415 -2.24 -33.40 6.50
N VAL A 416 -1.83 -32.90 5.34
CA VAL A 416 -1.90 -31.47 5.03
C VAL A 416 -3.36 -31.03 4.93
N ALA A 417 -4.16 -31.81 4.20
CA ALA A 417 -5.58 -31.54 4.00
C ALA A 417 -6.34 -31.58 5.33
N VAL A 418 -5.88 -32.41 6.26
CA VAL A 418 -6.41 -32.48 7.61
C VAL A 418 -6.14 -31.17 8.34
N ASP A 419 -4.92 -30.66 8.20
CA ASP A 419 -4.49 -29.42 8.85
C ASP A 419 -5.12 -28.16 8.22
N VAL A 420 -5.50 -28.25 6.96
CA VAL A 420 -6.18 -27.17 6.26
C VAL A 420 -7.59 -26.98 6.84
N ILE A 421 -8.31 -28.07 7.00
CA ILE A 421 -9.67 -28.06 7.58
C ILE A 421 -9.61 -27.62 9.04
N LYS A 422 -8.61 -28.12 9.77
CA LYS A 422 -8.40 -27.77 11.17
C LYS A 422 -8.08 -26.29 11.35
N GLU A 423 -7.32 -25.72 10.42
CA GLU A 423 -6.98 -24.31 10.42
C GLU A 423 -8.20 -23.46 10.05
N SER A 424 -9.04 -24.00 9.17
CA SER A 424 -10.26 -23.34 8.73
C SER A 424 -11.23 -23.10 9.89
N ARG A 425 -11.24 -24.01 10.85
CA ARG A 425 -12.11 -23.92 12.03
C ARG A 425 -11.56 -22.95 13.08
N VAL A 426 -10.23 -22.83 13.13
CA VAL A 426 -9.56 -21.87 14.00
C VAL A 426 -9.78 -20.46 13.44
N LEU A 427 -9.61 -20.33 12.12
CA LEU A 427 -9.88 -19.10 11.39
C LEU A 427 -11.38 -18.77 11.35
N ARG A 428 -12.20 -19.78 11.59
CA ARG A 428 -13.66 -19.66 11.58
C ARG A 428 -14.20 -19.16 10.24
N LEU A 429 -13.66 -19.71 9.16
CA LEU A 429 -14.14 -19.46 7.80
C LEU A 429 -15.63 -19.76 7.69
N GLN A 430 -16.36 -18.90 6.98
CA GLN A 430 -17.79 -19.07 6.78
C GLN A 430 -18.09 -20.28 5.89
N PRO A 431 -19.35 -20.79 5.92
CA PRO A 431 -19.77 -21.90 5.07
C PRO A 431 -19.47 -21.70 3.58
N PHE A 432 -19.37 -22.81 2.86
CA PHE A 432 -19.13 -22.81 1.42
C PHE A 432 -20.17 -21.98 0.67
N ASN A 433 -21.44 -22.18 0.99
CA ASN A 433 -22.55 -21.48 0.35
C ASN A 433 -22.52 -19.97 0.55
N GLU A 434 -21.99 -19.52 1.68
CA GLU A 434 -21.81 -18.10 1.96
C GLU A 434 -20.74 -17.51 1.04
N TYR A 435 -19.70 -18.30 0.80
CA TYR A 435 -18.64 -17.92 -0.15
C TYR A 435 -19.09 -18.01 -1.60
N ARG A 436 -20.04 -18.91 -1.87
CA ARG A 436 -20.66 -19.02 -3.19
C ARG A 436 -21.35 -17.70 -3.54
N LYS A 437 -22.17 -17.21 -2.61
CA LYS A 437 -22.89 -15.95 -2.77
C LYS A 437 -21.95 -14.75 -2.94
N ARG A 438 -20.84 -14.77 -2.20
CA ARG A 438 -19.87 -13.67 -2.21
C ARG A 438 -19.11 -13.56 -3.54
N PHE A 439 -18.97 -14.67 -4.25
CA PHE A 439 -18.34 -14.64 -5.56
C PHE A 439 -19.34 -14.80 -6.71
N GLY A 440 -20.56 -14.31 -6.48
CA GLY A 440 -21.60 -14.24 -7.51
C GLY A 440 -22.16 -15.56 -8.00
N MET A 441 -22.32 -16.51 -7.08
CA MET A 441 -22.87 -17.83 -7.43
C MET A 441 -24.06 -18.17 -6.53
N LYS A 442 -24.94 -19.02 -7.05
CA LYS A 442 -26.07 -19.53 -6.28
C LYS A 442 -25.61 -20.60 -5.29
N PRO A 443 -26.05 -20.50 -4.03
CA PRO A 443 -25.73 -21.53 -3.03
C PRO A 443 -26.37 -22.87 -3.38
N TYR A 444 -25.67 -23.96 -3.09
CA TYR A 444 -26.20 -25.30 -3.30
C TYR A 444 -27.34 -25.61 -2.35
N THR A 445 -28.41 -26.20 -2.89
CA THR A 445 -29.60 -26.52 -2.11
C THR A 445 -29.47 -27.88 -1.42
N SER A 446 -28.63 -28.75 -1.99
CA SER A 446 -28.41 -30.09 -1.45
C SER A 446 -26.98 -30.57 -1.74
N PHE A 447 -26.59 -31.66 -1.09
CA PHE A 447 -25.28 -32.28 -1.33
C PHE A 447 -25.21 -33.00 -2.68
N GLN A 448 -26.37 -33.48 -3.14
CA GLN A 448 -26.47 -34.14 -4.44
C GLN A 448 -26.22 -33.16 -5.60
N GLU A 449 -26.63 -31.91 -5.41
CA GLU A 449 -26.38 -30.85 -6.38
C GLU A 449 -24.90 -30.49 -6.45
N LEU A 450 -24.21 -30.62 -5.32
CA LEU A 450 -22.78 -30.34 -5.21
C LEU A 450 -21.93 -31.41 -5.89
N THR A 451 -22.16 -32.67 -5.53
CA THR A 451 -21.31 -33.78 -5.94
C THR A 451 -21.55 -34.24 -7.39
N GLY A 452 -22.82 -34.38 -7.77
CA GLY A 452 -23.19 -34.91 -9.07
C GLY A 452 -23.54 -36.40 -9.01
N GLU A 453 -23.27 -37.01 -7.87
CA GLU A 453 -23.58 -38.42 -7.63
C GLU A 453 -24.48 -38.58 -6.40
N LYS A 454 -24.60 -39.81 -5.90
CA LYS A 454 -25.52 -40.10 -4.80
C LYS A 454 -24.85 -40.62 -3.51
N GLU A 455 -23.82 -41.45 -3.67
CA GLU A 455 -23.15 -42.11 -2.54
C GLU A 455 -22.50 -41.15 -1.55
N MET A 456 -21.55 -40.35 -2.03
CA MET A 456 -20.81 -39.42 -1.18
C MET A 456 -21.68 -38.28 -0.66
N ALA A 457 -22.75 -37.96 -1.40
CA ALA A 457 -23.68 -36.90 -1.05
C ALA A 457 -24.49 -37.24 0.19
N ALA A 458 -24.90 -38.51 0.32
CA ALA A 458 -25.70 -38.98 1.44
C ALA A 458 -24.89 -39.08 2.73
N GLU A 459 -23.63 -39.48 2.59
CA GLU A 459 -22.73 -39.63 3.74
C GLU A 459 -22.31 -38.27 4.29
N LEU A 460 -22.11 -37.31 3.40
CA LEU A 460 -21.81 -35.92 3.79
C LEU A 460 -23.03 -35.26 4.43
N GLU A 461 -24.23 -35.64 3.97
CA GLU A 461 -25.48 -35.17 4.54
C GLU A 461 -25.69 -35.67 5.97
N GLU A 462 -25.11 -36.83 6.27
CA GLU A 462 -25.14 -37.39 7.61
C GLU A 462 -24.13 -36.73 8.54
N LEU A 463 -22.95 -36.44 8.01
CA LEU A 463 -21.87 -35.83 8.78
C LEU A 463 -22.11 -34.35 9.07
N TYR A 464 -22.62 -33.62 8.07
CA TYR A 464 -22.84 -32.18 8.20
C TYR A 464 -24.27 -31.81 8.62
N GLY A 465 -25.25 -32.62 8.23
CA GLY A 465 -26.65 -32.37 8.55
C GLY A 465 -27.34 -31.44 7.57
N ASP A 466 -26.68 -30.33 7.26
CA ASP A 466 -27.20 -29.33 6.34
C ASP A 466 -26.13 -28.95 5.33
N ILE A 467 -26.55 -28.57 4.12
CA ILE A 467 -25.65 -28.14 3.05
C ILE A 467 -25.00 -26.79 3.37
N ASP A 468 -25.70 -25.95 4.14
CA ASP A 468 -25.18 -24.65 4.56
C ASP A 468 -24.21 -24.77 5.73
N ALA A 469 -23.88 -26.01 6.11
CA ALA A 469 -22.88 -26.29 7.13
C ALA A 469 -21.56 -26.77 6.53
N LEU A 470 -21.57 -26.99 5.21
CA LEU A 470 -20.39 -27.43 4.47
C LEU A 470 -19.29 -26.37 4.47
N GLU A 471 -18.05 -26.83 4.68
CA GLU A 471 -16.90 -25.94 4.79
C GLU A 471 -16.30 -25.54 3.45
N PHE A 472 -15.41 -24.54 3.50
CA PHE A 472 -14.81 -23.94 2.32
C PHE A 472 -13.95 -24.93 1.51
N TYR A 473 -12.95 -25.51 2.17
CA TYR A 473 -11.98 -26.38 1.51
C TYR A 473 -12.55 -27.73 1.03
N PRO A 474 -13.26 -28.47 1.91
CA PRO A 474 -13.90 -29.72 1.48
C PRO A 474 -14.90 -29.49 0.34
N GLY A 475 -15.58 -28.35 0.36
CA GLY A 475 -16.55 -28.00 -0.66
C GLY A 475 -15.93 -27.80 -2.03
N LEU A 476 -14.72 -27.25 -2.06
CA LEU A 476 -14.01 -26.99 -3.30
C LEU A 476 -13.52 -28.27 -3.99
N LEU A 477 -13.14 -29.26 -3.18
CA LEU A 477 -12.56 -30.49 -3.69
C LEU A 477 -13.57 -31.59 -4.01
N LEU A 478 -14.72 -31.54 -3.34
CA LEU A 478 -15.76 -32.55 -3.52
C LEU A 478 -16.87 -32.10 -4.47
N GLU A 479 -16.67 -30.93 -5.07
CA GLU A 479 -17.60 -30.35 -6.04
C GLU A 479 -17.52 -31.08 -7.38
N LYS A 480 -18.59 -31.02 -8.16
CA LYS A 480 -18.62 -31.58 -9.51
C LYS A 480 -17.81 -30.71 -10.47
N CYS A 481 -16.96 -31.35 -11.26
N CYS A 481 -16.96 -31.36 -11.26
CA CYS A 481 -16.14 -30.65 -12.25
CA CYS A 481 -16.05 -30.66 -12.16
C CYS A 481 -16.81 -30.70 -13.62
C CYS A 481 -16.58 -30.65 -13.59
N HIS A 482 -16.99 -29.53 -14.24
N HIS A 482 -16.71 -31.84 -14.17
CA HIS A 482 -17.59 -29.47 -15.56
CA HIS A 482 -17.13 -31.98 -15.57
C HIS A 482 -16.86 -30.36 -16.55
C HIS A 482 -16.10 -32.79 -16.33
N PRO A 483 -17.22 -30.26 -17.84
N PRO A 483 -16.57 -33.70 -17.20
CA PRO A 483 -16.71 -31.14 -18.88
CA PRO A 483 -15.69 -34.59 -17.93
C PRO A 483 -15.18 -31.22 -18.89
C PRO A 483 -14.28 -34.02 -18.08
N ASN A 484 -14.65 -32.38 -18.53
N ASN A 484 -14.16 -32.95 -18.85
CA ASN A 484 -13.21 -32.61 -18.58
CA ASN A 484 -12.87 -32.32 -19.10
C ASN A 484 -12.40 -31.39 -18.15
C ASN A 484 -12.66 -31.04 -18.28
N SER A 485 -12.38 -31.13 -16.85
N SER A 485 -11.88 -31.16 -17.21
CA SER A 485 -11.65 -29.99 -16.31
CA SER A 485 -11.59 -30.01 -16.36
C SER A 485 -10.85 -30.39 -15.07
C SER A 485 -10.82 -30.41 -15.11
N ILE A 486 -9.93 -29.52 -14.66
CA ILE A 486 -9.10 -29.74 -13.46
C ILE A 486 -9.96 -29.79 -12.19
N PHE A 487 -10.84 -28.81 -12.04
CA PHE A 487 -11.66 -28.67 -10.84
C PHE A 487 -13.08 -28.20 -11.14
N GLY A 488 -13.84 -27.91 -10.09
CA GLY A 488 -15.24 -27.52 -10.20
C GLY A 488 -15.48 -26.08 -10.62
N GLU A 489 -16.76 -25.71 -10.70
CA GLU A 489 -17.19 -24.37 -11.09
C GLU A 489 -16.68 -23.29 -10.14
N SER A 490 -16.65 -23.60 -8.85
CA SER A 490 -16.34 -22.61 -7.82
C SER A 490 -14.87 -22.22 -7.75
N MET A 491 -13.98 -23.13 -8.13
CA MET A 491 -12.54 -22.90 -8.04
C MET A 491 -12.08 -21.74 -8.92
N ILE A 492 -12.60 -21.69 -10.15
CA ILE A 492 -12.36 -20.56 -11.05
C ILE A 492 -12.93 -19.29 -10.43
N GLU A 493 -14.23 -19.30 -10.19
CA GLU A 493 -14.98 -18.11 -9.77
C GLU A 493 -14.50 -17.50 -8.45
N MET A 494 -13.90 -18.32 -7.59
CA MET A 494 -13.38 -17.85 -6.31
C MET A 494 -11.90 -17.46 -6.39
N GLY A 495 -11.10 -18.28 -7.06
CA GLY A 495 -9.66 -18.06 -7.15
C GLY A 495 -9.20 -16.99 -8.13
N ALA A 496 -9.90 -16.86 -9.26
CA ALA A 496 -9.52 -15.91 -10.31
C ALA A 496 -9.48 -14.44 -9.84
N PRO A 497 -10.53 -13.97 -9.10
CA PRO A 497 -10.50 -12.63 -8.53
C PRO A 497 -9.28 -12.38 -7.63
N PHE A 498 -8.93 -13.37 -6.80
CA PHE A 498 -7.75 -13.30 -5.93
C PHE A 498 -6.46 -13.21 -6.75
N SER A 499 -6.37 -14.02 -7.79
CA SER A 499 -5.17 -14.11 -8.62
C SER A 499 -4.91 -12.85 -9.45
N LEU A 500 -5.95 -12.36 -10.13
CA LEU A 500 -5.82 -11.21 -11.03
C LEU A 500 -5.57 -9.91 -10.28
N LYS A 501 -6.14 -9.80 -9.09
CA LYS A 501 -5.88 -8.67 -8.19
C LYS A 501 -4.46 -8.76 -7.64
N GLY A 502 -3.94 -9.98 -7.51
CA GLY A 502 -2.57 -10.22 -7.06
C GLY A 502 -1.54 -9.95 -8.15
N LEU A 503 -1.87 -10.34 -9.38
CA LEU A 503 -0.98 -10.19 -10.52
C LEU A 503 -0.95 -8.76 -11.05
N LEU A 504 -2.10 -8.26 -11.51
CA LEU A 504 -2.19 -6.92 -12.09
C LEU A 504 -2.12 -5.80 -11.05
N GLY A 505 -2.37 -6.15 -9.79
CA GLY A 505 -2.25 -5.21 -8.67
C GLY A 505 -0.82 -4.95 -8.26
N ASN A 506 0.12 -5.64 -8.90
CA ASN A 506 1.55 -5.40 -8.69
C ASN A 506 1.93 -4.02 -9.21
N PRO A 507 2.70 -3.25 -8.42
CA PRO A 507 3.06 -1.87 -8.77
C PRO A 507 3.73 -1.71 -10.12
N ILE A 508 4.43 -2.74 -10.61
CA ILE A 508 5.08 -2.67 -11.92
C ILE A 508 4.07 -2.56 -13.07
N CYS A 509 2.81 -2.87 -12.77
CA CYS A 509 1.73 -2.79 -13.76
C CYS A 509 1.05 -1.42 -13.78
N SER A 510 1.50 -0.53 -12.88
CA SER A 510 0.95 0.82 -12.79
C SER A 510 1.58 1.72 -13.86
N PRO A 511 0.84 2.73 -14.33
CA PRO A 511 1.35 3.70 -15.32
C PRO A 511 2.70 4.30 -14.94
N GLU A 512 2.93 4.52 -13.64
CA GLU A 512 4.17 5.10 -13.14
C GLU A 512 5.36 4.16 -13.34
N TYR A 513 5.13 2.86 -13.12
CA TYR A 513 6.19 1.86 -13.16
C TYR A 513 6.36 1.22 -14.53
N TRP A 514 5.25 1.00 -15.24
CA TRP A 514 5.27 0.29 -16.52
C TRP A 514 5.89 1.13 -17.65
N LYS A 515 7.20 1.36 -17.52
CA LYS A 515 7.99 2.11 -18.50
C LYS A 515 9.18 1.27 -18.92
N ALA A 516 9.89 1.70 -19.95
CA ALA A 516 11.11 1.02 -20.39
C ALA A 516 12.26 1.27 -19.43
N SER A 517 12.33 2.50 -18.91
CA SER A 517 13.38 2.93 -17.99
C SER A 517 13.43 2.10 -16.69
N THR A 518 12.27 1.65 -16.24
CA THR A 518 12.15 0.83 -15.03
C THR A 518 12.88 -0.51 -15.19
N PHE A 519 12.95 -0.99 -16.42
CA PHE A 519 13.61 -2.26 -16.73
C PHE A 519 14.93 -2.04 -17.45
N GLY A 520 15.42 -0.80 -17.43
CA GLY A 520 16.68 -0.43 -18.06
C GLY A 520 16.62 -0.45 -19.57
N GLY A 521 15.70 0.32 -20.13
CA GLY A 521 15.55 0.46 -21.58
C GLY A 521 14.67 -0.59 -22.21
N GLU A 522 14.75 -0.71 -23.53
CA GLU A 522 13.89 -1.62 -24.30
C GLU A 522 14.31 -3.07 -24.18
N VAL A 523 15.61 -3.32 -24.02
CA VAL A 523 16.16 -4.68 -23.87
C VAL A 523 15.54 -5.39 -22.66
N GLY A 524 15.47 -4.67 -21.54
CA GLY A 524 14.84 -5.20 -20.34
C GLY A 524 13.33 -5.22 -20.42
N PHE A 525 12.77 -4.31 -21.20
CA PHE A 525 11.32 -4.22 -21.40
C PHE A 525 10.82 -5.36 -22.29
N ASN A 526 11.62 -5.73 -23.28
CA ASN A 526 11.27 -6.83 -24.18
C ASN A 526 11.37 -8.21 -23.53
N LEU A 527 12.35 -8.39 -22.65
CA LEU A 527 12.51 -9.64 -21.91
C LEU A 527 11.26 -9.97 -21.08
N VAL A 528 10.59 -8.93 -20.59
CA VAL A 528 9.30 -9.07 -19.92
C VAL A 528 8.22 -9.39 -20.96
N LYS A 529 8.17 -8.61 -22.03
CA LYS A 529 7.11 -8.72 -23.05
C LYS A 529 7.16 -10.01 -23.87
N THR A 530 8.33 -10.64 -23.95
CA THR A 530 8.51 -11.85 -24.74
C THR A 530 8.87 -13.07 -23.89
N ALA A 531 8.63 -12.98 -22.58
CA ALA A 531 8.93 -14.05 -21.64
C ALA A 531 8.07 -15.29 -21.87
N THR A 532 8.70 -16.46 -21.73
CA THR A 532 8.04 -17.75 -21.94
C THR A 532 8.64 -18.78 -20.99
N LEU A 533 7.87 -19.82 -20.66
CA LEU A 533 8.35 -20.96 -19.86
C LEU A 533 9.56 -21.60 -20.51
N LYS A 534 9.49 -21.79 -21.83
CA LYS A 534 10.56 -22.36 -22.63
C LYS A 534 11.81 -21.49 -22.61
N LYS A 535 11.62 -20.19 -22.84
CA LYS A 535 12.72 -19.23 -22.85
C LYS A 535 13.35 -19.04 -21.46
N LEU A 536 12.57 -19.33 -20.43
CA LEU A 536 13.06 -19.29 -19.05
C LEU A 536 14.00 -20.45 -18.79
N VAL A 537 13.72 -21.60 -19.40
CA VAL A 537 14.50 -22.82 -19.19
C VAL A 537 15.65 -22.94 -20.19
N CYS A 538 15.32 -22.97 -21.48
CA CYS A 538 16.29 -23.31 -22.53
C CYS A 538 17.40 -22.27 -22.76
N LEU A 539 17.11 -21.01 -22.45
CA LEU A 539 18.12 -19.95 -22.51
C LEU A 539 19.10 -20.03 -21.33
N ASN A 540 18.69 -20.73 -20.27
CA ASN A 540 19.52 -20.92 -19.09
C ASN A 540 20.15 -22.31 -18.98
N THR A 541 19.96 -23.12 -20.02
CA THR A 541 20.55 -24.47 -20.10
C THR A 541 21.41 -24.63 -21.34
N LYS A 542 22.22 -25.70 -21.37
CA LYS A 542 23.07 -26.01 -22.51
C LYS A 542 22.26 -26.58 -23.67
N THR A 543 21.34 -27.49 -23.36
CA THR A 543 20.43 -28.08 -24.34
C THR A 543 18.98 -27.78 -23.96
N CYS A 544 18.08 -27.85 -24.94
CA CYS A 544 16.68 -27.53 -24.73
C CYS A 544 15.81 -28.80 -24.69
N PRO A 545 15.26 -29.13 -23.51
CA PRO A 545 14.41 -30.31 -23.35
C PRO A 545 12.94 -30.00 -23.66
N TYR A 546 12.06 -30.98 -23.46
CA TYR A 546 10.63 -30.74 -23.53
C TYR A 546 10.19 -29.93 -22.32
N VAL A 547 9.69 -28.74 -22.58
CA VAL A 547 9.26 -27.82 -21.52
C VAL A 547 7.86 -27.29 -21.83
N SER A 548 6.92 -27.58 -20.93
CA SER A 548 5.51 -27.23 -21.11
C SER A 548 4.74 -27.39 -19.79
N PHE A 549 3.55 -26.80 -19.75
CA PHE A 549 2.62 -27.01 -18.63
C PHE A 549 1.66 -28.17 -18.89
N HIS A 550 1.82 -28.81 -20.05
CA HIS A 550 1.04 -29.99 -20.40
C HIS A 550 1.90 -31.13 -20.97
N VAL A 551 1.41 -32.36 -20.81
CA VAL A 551 2.07 -33.56 -21.33
C VAL A 551 2.05 -33.60 -22.86
N PRO A 552 2.99 -34.34 -23.48
CA PRO A 552 2.93 -34.55 -24.93
C PRO A 552 1.72 -35.38 -25.33
N ASP A 553 1.25 -35.20 -26.57
CA ASP A 553 0.06 -35.88 -27.09
C ASP A 553 0.24 -37.40 -27.16
N PRO B 1 35.07 11.96 -17.88
CA PRO B 1 33.88 11.43 -18.56
C PRO B 1 32.66 12.34 -18.39
N VAL B 2 32.34 12.67 -17.14
CA VAL B 2 31.23 13.56 -16.78
C VAL B 2 29.84 12.96 -17.05
N ASN B 3 29.07 12.79 -15.97
CA ASN B 3 27.71 12.27 -16.04
C ASN B 3 26.76 13.25 -16.73
N PRO B 4 26.18 12.85 -17.88
CA PRO B 4 25.28 13.71 -18.66
C PRO B 4 23.99 14.08 -17.94
N CYS B 5 23.58 13.27 -16.96
CA CYS B 5 22.36 13.53 -16.19
C CYS B 5 22.50 14.70 -15.21
N CYS B 6 23.72 15.20 -15.03
CA CYS B 6 24.00 16.36 -14.18
C CYS B 6 23.40 17.65 -14.76
N TYR B 7 23.25 17.68 -16.08
CA TYR B 7 22.68 18.82 -16.79
C TYR B 7 21.15 18.85 -16.70
N TYR B 8 20.57 17.77 -16.18
CA TYR B 8 19.12 17.53 -16.19
C TYR B 8 18.54 17.74 -17.60
N PRO B 9 19.00 16.94 -18.58
CA PRO B 9 18.65 17.16 -19.99
C PRO B 9 17.20 16.84 -20.32
N CYS B 10 16.61 15.89 -19.59
CA CYS B 10 15.22 15.49 -19.83
C CYS B 10 14.26 16.53 -19.29
N GLN B 11 13.24 16.85 -20.09
CA GLN B 11 12.24 17.84 -19.73
C GLN B 11 10.89 17.17 -19.47
N HIS B 12 10.02 17.87 -18.76
CA HIS B 12 8.64 17.45 -18.49
C HIS B 12 8.54 16.01 -17.99
N GLN B 13 9.13 15.76 -16.82
CA GLN B 13 9.07 14.47 -16.13
C GLN B 13 9.66 13.29 -16.91
N GLY B 14 10.57 13.60 -17.83
CA GLY B 14 11.34 12.58 -18.55
C GLY B 14 12.42 12.02 -17.64
N ILE B 15 12.85 10.79 -17.91
CA ILE B 15 13.80 10.10 -17.04
C ILE B 15 15.16 9.92 -17.70
N CYS B 16 16.18 10.55 -17.11
CA CYS B 16 17.56 10.44 -17.59
C CYS B 16 18.15 9.09 -17.22
N VAL B 17 18.39 8.26 -18.23
CA VAL B 17 19.02 6.96 -18.04
C VAL B 17 20.36 6.92 -18.75
N ARG B 18 21.40 6.56 -17.99
CA ARG B 18 22.76 6.57 -18.48
C ARG B 18 23.05 5.33 -19.31
N PHE B 19 23.34 5.53 -20.59
CA PHE B 19 23.65 4.43 -21.51
C PHE B 19 25.09 4.49 -21.98
N GLY B 20 25.74 3.32 -22.01
CA GLY B 20 27.12 3.20 -22.46
C GLY B 20 28.10 3.93 -21.56
N LEU B 21 29.13 4.51 -22.17
CA LEU B 21 30.19 5.20 -21.44
C LEU B 21 29.86 6.67 -21.14
N ASP B 22 29.31 7.36 -22.13
CA ASP B 22 29.07 8.81 -22.02
C ASP B 22 27.68 9.29 -22.45
N ARG B 23 26.96 8.46 -23.19
CA ARG B 23 25.63 8.83 -23.71
C ARG B 23 24.54 8.75 -22.64
N TYR B 24 23.37 9.29 -22.98
CA TYR B 24 22.19 9.20 -22.13
C TYR B 24 20.95 9.08 -23.00
N GLN B 25 19.84 8.67 -22.39
CA GLN B 25 18.55 8.62 -23.07
C GLN B 25 17.43 9.06 -22.13
N CYS B 26 16.47 9.79 -22.69
CA CYS B 26 15.28 10.20 -21.95
C CYS B 26 14.11 9.30 -22.31
N ASP B 27 13.47 8.74 -21.29
CA ASP B 27 12.26 7.95 -21.47
C ASP B 27 11.06 8.88 -21.31
N CYS B 28 10.48 9.29 -22.44
CA CYS B 28 9.40 10.27 -22.46
C CYS B 28 8.01 9.62 -22.43
N THR B 29 7.94 8.42 -21.84
CA THR B 29 6.70 7.64 -21.81
C THR B 29 5.61 8.35 -21.00
N ARG B 30 4.46 8.58 -21.65
CA ARG B 30 3.28 9.23 -21.06
C ARG B 30 3.55 10.61 -20.45
N THR B 31 4.60 11.28 -20.95
CA THR B 31 4.94 12.63 -20.54
C THR B 31 4.19 13.65 -21.39
N GLY B 32 3.73 13.21 -22.56
CA GLY B 32 3.05 14.09 -23.51
C GLY B 32 4.01 14.74 -24.50
N TYR B 33 5.28 14.34 -24.42
CA TYR B 33 6.33 14.92 -25.26
C TYR B 33 7.17 13.85 -25.94
N SER B 34 7.78 14.21 -27.06
CA SER B 34 8.63 13.31 -27.83
C SER B 34 9.98 13.98 -28.11
N GLY B 35 10.89 13.22 -28.72
CA GLY B 35 12.24 13.70 -29.01
C GLY B 35 13.27 13.24 -27.98
N PRO B 36 14.56 13.45 -28.28
CA PRO B 36 15.67 13.00 -27.43
C PRO B 36 15.63 13.52 -25.99
N ASN B 37 15.16 14.76 -25.79
CA ASN B 37 15.12 15.38 -24.47
C ASN B 37 13.68 15.65 -23.97
N CYS B 38 12.71 15.05 -24.65
CA CYS B 38 11.26 15.19 -24.36
C CYS B 38 10.77 16.65 -24.45
N THR B 39 10.92 17.25 -25.62
CA THR B 39 10.55 18.66 -25.83
C THR B 39 9.52 18.88 -26.92
N ILE B 40 9.39 17.93 -27.84
CA ILE B 40 8.44 18.03 -28.95
C ILE B 40 7.04 17.58 -28.49
N PRO B 41 6.09 18.52 -28.40
CA PRO B 41 4.79 18.23 -27.78
C PRO B 41 3.84 17.43 -28.67
N GLU B 42 3.06 16.55 -28.05
CA GLU B 42 1.98 15.84 -28.72
C GLU B 42 0.81 16.79 -28.98
N ILE B 43 -0.08 16.39 -29.88
CA ILE B 43 -1.22 17.24 -30.28
C ILE B 43 -2.04 17.77 -29.10
N TRP B 44 -2.34 16.91 -28.13
CA TRP B 44 -3.14 17.30 -26.97
C TRP B 44 -2.37 18.17 -25.98
N THR B 45 -1.06 17.92 -25.86
CA THR B 45 -0.21 18.65 -24.91
C THR B 45 0.01 20.09 -25.36
N TRP B 46 0.27 20.27 -26.66
CA TRP B 46 0.44 21.60 -27.26
C TRP B 46 -0.82 22.45 -27.10
N LEU B 47 -1.97 21.82 -27.31
CA LEU B 47 -3.26 22.49 -27.19
C LEU B 47 -3.54 22.91 -25.75
N ARG B 48 -3.19 22.02 -24.81
CA ARG B 48 -3.41 22.27 -23.38
C ARG B 48 -2.50 23.38 -22.82
N THR B 49 -1.24 23.41 -23.29
CA THR B 49 -0.26 24.37 -22.79
C THR B 49 -0.52 25.81 -23.23
N THR B 50 -0.96 25.98 -24.48
CA THR B 50 -1.32 27.30 -25.02
C THR B 50 -2.64 27.81 -24.43
N LEU B 51 -3.50 26.87 -24.01
CA LEU B 51 -4.78 27.21 -23.39
C LEU B 51 -4.71 27.23 -21.86
N ARG B 52 -3.54 26.89 -21.31
CA ARG B 52 -3.34 26.89 -19.86
C ARG B 52 -3.04 28.30 -19.34
N PRO B 53 -3.88 28.80 -18.42
CA PRO B 53 -3.57 30.04 -17.72
C PRO B 53 -2.46 29.84 -16.69
N SER B 54 -1.71 30.91 -16.42
CA SER B 54 -0.60 30.88 -15.46
C SER B 54 -1.07 30.50 -14.05
N PRO B 55 -0.19 29.87 -13.24
CA PRO B 55 -0.51 29.54 -11.85
C PRO B 55 -0.95 30.74 -11.01
N SER B 56 -0.39 31.91 -11.31
CA SER B 56 -0.74 33.15 -10.59
C SER B 56 -2.15 33.66 -10.93
N PHE B 57 -2.58 33.43 -12.17
CA PHE B 57 -3.92 33.83 -12.64
C PHE B 57 -5.01 33.03 -11.93
N ILE B 58 -4.76 31.73 -11.78
CA ILE B 58 -5.69 30.83 -11.09
C ILE B 58 -5.79 31.19 -9.59
N HIS B 59 -4.65 31.52 -8.99
CA HIS B 59 -4.59 31.98 -7.60
C HIS B 59 -5.31 33.32 -7.41
N PHE B 60 -5.21 34.19 -8.43
CA PHE B 60 -5.89 35.48 -8.44
C PHE B 60 -7.40 35.31 -8.46
N LEU B 61 -7.88 34.41 -9.33
CA LEU B 61 -9.30 34.10 -9.47
C LEU B 61 -9.90 33.51 -8.19
N LEU B 62 -9.12 32.69 -7.51
CA LEU B 62 -9.55 32.02 -6.28
C LEU B 62 -9.56 32.95 -5.07
N THR B 63 -8.92 34.12 -5.19
CA THR B 63 -8.78 35.04 -4.07
C THR B 63 -9.51 36.38 -4.26
N HIS B 64 -10.25 36.51 -5.36
CA HIS B 64 -10.94 37.77 -5.68
C HIS B 64 -12.38 37.57 -6.14
N GLY B 65 -13.20 38.61 -5.93
CA GLY B 65 -14.58 38.62 -6.40
C GLY B 65 -15.55 37.76 -5.61
N ARG B 66 -15.96 38.26 -4.44
CA ARG B 66 -16.89 37.55 -3.56
C ARG B 66 -18.25 37.25 -4.20
N TRP B 67 -18.74 38.19 -5.00
CA TRP B 67 -20.03 38.05 -5.66
C TRP B 67 -20.12 36.82 -6.56
N LEU B 68 -19.00 36.45 -7.18
CA LEU B 68 -18.90 35.23 -7.98
C LEU B 68 -18.81 33.99 -7.10
N TRP B 69 -18.09 34.11 -6.00
CA TRP B 69 -17.83 32.96 -5.12
C TRP B 69 -18.97 32.65 -4.15
N ASP B 70 -19.77 33.66 -3.79
CA ASP B 70 -20.99 33.44 -3.04
C ASP B 70 -21.97 32.61 -3.88
N PHE B 71 -22.01 32.91 -5.18
CA PHE B 71 -22.80 32.19 -6.16
C PHE B 71 -22.27 30.76 -6.35
N VAL B 72 -20.97 30.64 -6.61
CA VAL B 72 -20.33 29.35 -6.87
C VAL B 72 -20.52 28.36 -5.71
N ASN B 73 -20.32 28.83 -4.47
CA ASN B 73 -20.44 27.99 -3.28
C ASN B 73 -21.84 27.46 -3.02
N ALA B 74 -22.85 28.18 -3.49
CA ALA B 74 -24.25 27.78 -3.31
C ALA B 74 -24.77 26.92 -4.48
N THR B 75 -23.85 26.52 -5.37
CA THR B 75 -24.21 25.73 -6.55
C THR B 75 -23.43 24.42 -6.64
N PHE B 76 -23.59 23.72 -7.76
CA PHE B 76 -22.89 22.47 -8.05
C PHE B 76 -21.43 22.72 -8.45
N ILE B 77 -21.14 23.97 -8.84
CA ILE B 77 -19.79 24.36 -9.28
C ILE B 77 -18.76 24.16 -8.16
N ARG B 78 -19.18 24.35 -6.91
CA ARG B 78 -18.34 24.12 -5.74
C ARG B 78 -17.75 22.70 -5.76
N ASP B 79 -18.60 21.71 -6.02
CA ASP B 79 -18.18 20.31 -6.08
C ASP B 79 -17.38 19.99 -7.35
N THR B 80 -17.70 20.68 -8.43
CA THR B 80 -17.00 20.50 -9.71
C THR B 80 -15.56 21.02 -9.62
N LEU B 81 -15.40 22.20 -9.04
CA LEU B 81 -14.08 22.81 -8.90
C LEU B 81 -13.22 22.09 -7.85
N MET B 82 -13.85 21.66 -6.75
CA MET B 82 -13.15 20.91 -5.71
C MET B 82 -12.57 19.62 -6.26
N ARG B 83 -13.37 18.90 -7.05
CA ARG B 83 -12.91 17.67 -7.72
C ARG B 83 -11.71 17.97 -8.62
N LEU B 84 -11.79 19.08 -9.35
CA LEU B 84 -10.71 19.53 -10.22
C LEU B 84 -9.46 19.87 -9.42
N VAL B 85 -9.65 20.55 -8.28
CA VAL B 85 -8.55 20.87 -7.36
C VAL B 85 -7.89 19.59 -6.84
N LEU B 86 -8.71 18.61 -6.45
CA LEU B 86 -8.22 17.31 -5.99
C LEU B 86 -7.43 16.57 -7.07
N THR B 87 -8.06 16.34 -8.22
CA THR B 87 -7.49 15.52 -9.30
C THR B 87 -6.22 16.11 -9.90
N VAL B 88 -6.27 17.39 -10.27
CA VAL B 88 -5.15 18.04 -10.97
C VAL B 88 -3.90 18.16 -10.08
N ARG B 89 -4.09 18.54 -8.83
CA ARG B 89 -2.99 18.62 -7.86
C ARG B 89 -2.34 17.28 -7.57
N SER B 90 -3.13 16.31 -7.12
CA SER B 90 -2.62 15.02 -6.66
C SER B 90 -1.98 14.16 -7.74
N ASN B 91 -2.34 14.41 -9.00
CA ASN B 91 -1.75 13.68 -10.13
C ASN B 91 -0.29 14.06 -10.43
N LEU B 92 0.18 15.12 -9.80
CA LEU B 92 1.57 15.57 -9.96
C LEU B 92 2.53 14.74 -9.11
N ILE B 93 1.99 14.02 -8.13
CA ILE B 93 2.76 13.15 -7.25
C ILE B 93 2.70 11.71 -7.74
N PRO B 94 3.87 11.07 -7.93
CA PRO B 94 3.91 9.66 -8.33
C PRO B 94 3.32 8.73 -7.29
N SER B 95 2.47 7.80 -7.76
CA SER B 95 1.82 6.81 -6.91
C SER B 95 1.52 5.57 -7.74
N PRO B 96 2.09 4.41 -7.37
CA PRO B 96 3.01 4.16 -6.24
C PRO B 96 4.31 4.96 -6.32
N PRO B 97 4.94 5.27 -5.17
CA PRO B 97 6.12 6.12 -5.09
C PRO B 97 7.29 5.62 -5.92
N THR B 98 8.20 6.52 -6.27
CA THR B 98 9.30 6.21 -7.16
C THR B 98 10.63 6.01 -6.43
N TYR B 99 11.30 7.12 -6.11
CA TYR B 99 12.68 7.08 -5.61
C TYR B 99 12.80 7.32 -4.12
N ASN B 100 13.98 7.02 -3.56
CA ASN B 100 14.32 7.34 -2.18
C ASN B 100 15.79 7.78 -2.06
N ILE B 101 16.33 7.81 -0.84
CA ILE B 101 17.71 8.22 -0.60
C ILE B 101 18.74 7.23 -1.18
N ALA B 102 18.37 5.96 -1.24
CA ALA B 102 19.26 4.91 -1.72
C ALA B 102 19.16 4.68 -3.23
N HIS B 103 17.96 4.85 -3.78
CA HIS B 103 17.71 4.58 -5.20
C HIS B 103 17.16 5.79 -5.96
N ASP B 104 17.89 6.21 -6.99
CA ASP B 104 17.45 7.27 -7.90
C ASP B 104 16.79 6.63 -9.14
N TYR B 105 16.15 5.50 -8.90
CA TYR B 105 15.49 4.69 -9.93
C TYR B 105 14.41 3.88 -9.25
N ILE B 106 13.47 3.36 -10.05
CA ILE B 106 12.39 2.54 -9.50
C ILE B 106 12.91 1.15 -9.13
N SER B 107 12.56 0.71 -7.92
CA SER B 107 12.95 -0.61 -7.44
C SER B 107 11.89 -1.17 -6.49
N TRP B 108 11.99 -2.47 -6.20
CA TRP B 108 11.07 -3.10 -5.25
C TRP B 108 11.37 -2.70 -3.81
N GLU B 109 12.63 -2.36 -3.54
CA GLU B 109 13.05 -1.93 -2.22
C GLU B 109 12.52 -0.54 -1.89
N SER B 110 12.39 0.30 -2.90
CA SER B 110 11.82 1.64 -2.74
C SER B 110 10.30 1.59 -2.59
N PHE B 111 9.69 0.49 -3.04
CA PHE B 111 8.25 0.30 -2.92
C PHE B 111 7.84 -0.34 -1.58
N SER B 112 8.60 -1.36 -1.15
CA SER B 112 8.21 -2.15 0.02
C SER B 112 8.72 -1.60 1.35
N ASN B 113 9.93 -1.03 1.35
CA ASN B 113 10.55 -0.53 2.57
C ASN B 113 10.01 0.84 2.95
N VAL B 114 9.01 0.84 3.83
CA VAL B 114 8.32 2.08 4.24
C VAL B 114 9.06 2.92 5.28
N SER B 115 10.28 2.49 5.64
CA SER B 115 11.14 3.26 6.54
C SER B 115 11.86 4.38 5.80
N TYR B 116 11.67 4.44 4.49
CA TYR B 116 12.24 5.48 3.64
C TYR B 116 11.26 6.63 3.45
N TYR B 117 11.81 7.85 3.38
CA TYR B 117 11.10 8.96 2.75
C TYR B 117 11.26 8.80 1.25
N THR B 118 10.19 9.02 0.50
CA THR B 118 10.29 9.00 -0.96
C THR B 118 10.76 10.37 -1.47
N ARG B 119 11.00 10.47 -2.76
CA ARG B 119 11.38 11.75 -3.39
C ARG B 119 10.79 11.84 -4.79
N ILE B 120 10.37 13.05 -5.16
CA ILE B 120 9.75 13.28 -6.46
C ILE B 120 10.82 13.38 -7.54
N LEU B 121 11.81 14.23 -7.31
CA LEU B 121 12.98 14.33 -8.18
C LEU B 121 14.12 13.53 -7.58
N PRO B 122 14.91 12.85 -8.42
CA PRO B 122 16.06 12.08 -7.93
C PRO B 122 17.14 12.99 -7.36
N SER B 123 18.02 12.42 -6.54
CA SER B 123 19.12 13.18 -5.94
C SER B 123 20.11 13.64 -7.00
N VAL B 124 20.84 14.72 -6.70
CA VAL B 124 21.91 15.17 -7.57
C VAL B 124 23.03 14.14 -7.52
N PRO B 125 23.36 13.53 -8.68
CA PRO B 125 24.37 12.47 -8.74
C PRO B 125 25.69 12.87 -8.09
N ARG B 126 26.35 11.92 -7.44
CA ARG B 126 27.57 12.17 -6.67
C ARG B 126 28.82 12.40 -7.54
N ASP B 127 28.65 12.34 -8.85
CA ASP B 127 29.75 12.52 -9.80
C ASP B 127 29.62 13.81 -10.62
N CYS B 128 28.81 14.75 -10.12
CA CYS B 128 28.57 16.03 -10.80
C CYS B 128 29.63 17.07 -10.43
N PRO B 129 30.00 17.93 -11.42
CA PRO B 129 31.01 18.98 -11.21
C PRO B 129 30.70 19.89 -10.02
N THR B 130 29.43 20.31 -9.92
CA THR B 130 28.96 21.08 -8.77
C THR B 130 27.94 20.25 -8.00
N PRO B 131 27.85 20.43 -6.67
CA PRO B 131 26.90 19.69 -5.83
C PRO B 131 25.43 19.92 -6.20
N MET B 132 25.15 20.94 -7.01
CA MET B 132 23.79 21.24 -7.47
C MET B 132 23.57 20.87 -8.95
N GLY B 133 24.56 20.19 -9.55
CA GLY B 133 24.48 19.79 -10.95
C GLY B 133 25.68 20.23 -11.76
N THR B 134 25.50 21.28 -12.56
CA THR B 134 26.59 21.84 -13.35
C THR B 134 26.76 23.34 -13.09
N LYS B 135 25.65 24.02 -12.83
CA LYS B 135 25.64 25.47 -12.61
C LYS B 135 26.07 25.80 -11.17
N GLY B 136 26.68 26.97 -11.01
CA GLY B 136 27.06 27.48 -9.68
C GLY B 136 28.50 27.22 -9.29
N LYS B 137 28.82 27.49 -8.03
CA LYS B 137 30.16 27.31 -7.49
C LYS B 137 30.36 25.91 -6.91
N LYS B 138 31.62 25.57 -6.64
CA LYS B 138 31.99 24.26 -6.08
C LYS B 138 31.52 24.09 -4.64
N GLN B 139 31.45 25.20 -3.90
CA GLN B 139 30.99 25.18 -2.52
C GLN B 139 29.72 26.00 -2.35
N LEU B 140 28.69 25.37 -1.80
CA LEU B 140 27.43 26.05 -1.52
C LEU B 140 27.59 26.98 -0.31
N PRO B 141 26.77 28.05 -0.23
CA PRO B 141 26.90 29.04 0.83
C PRO B 141 26.77 28.43 2.24
N ASP B 142 27.47 29.02 3.20
CA ASP B 142 27.46 28.56 4.59
C ASP B 142 26.04 28.58 5.14
N ALA B 143 25.64 27.47 5.75
CA ALA B 143 24.27 27.29 6.27
C ALA B 143 23.94 28.22 7.44
N GLU B 144 24.97 28.58 8.21
CA GLU B 144 24.83 29.52 9.32
C GLU B 144 24.74 30.96 8.81
N PHE B 145 25.56 31.29 7.80
CA PHE B 145 25.61 32.63 7.22
C PHE B 145 24.37 32.95 6.39
N LEU B 146 23.86 31.94 5.68
CA LEU B 146 22.69 32.10 4.84
C LEU B 146 21.43 32.30 5.67
N SER B 147 21.38 31.63 6.82
CA SER B 147 20.29 31.78 7.78
C SER B 147 20.37 33.10 8.54
N ARG B 148 21.59 33.58 8.76
CA ARG B 148 21.82 34.81 9.52
C ARG B 148 21.51 36.06 8.70
N ARG B 149 21.89 36.05 7.43
CA ARG B 149 21.72 37.20 6.55
C ARG B 149 20.32 37.31 5.93
N PHE B 150 19.65 36.17 5.75
CA PHE B 150 18.40 36.14 5.00
C PHE B 150 17.19 35.59 5.77
N LEU B 151 17.43 34.77 6.79
CA LEU B 151 16.34 34.10 7.51
C LEU B 151 16.14 34.58 8.95
N LEU B 152 17.18 35.17 9.55
CA LEU B 152 17.13 35.60 10.95
C LEU B 152 16.22 36.80 11.13
N ARG B 153 15.30 36.69 12.09
CA ARG B 153 14.34 37.76 12.39
C ARG B 153 15.01 38.92 13.12
N ARG B 154 14.87 40.11 12.54
CA ARG B 154 15.36 41.34 13.13
C ARG B 154 14.18 42.12 13.72
N LYS B 155 13.04 41.97 13.07
CA LYS B 155 11.77 42.52 13.56
C LYS B 155 10.65 41.55 13.22
N PHE B 156 9.69 41.42 14.12
CA PHE B 156 8.55 40.52 13.90
C PHE B 156 7.67 41.01 12.76
N ILE B 157 7.58 40.20 11.71
CA ILE B 157 6.71 40.48 10.58
C ILE B 157 5.45 39.62 10.71
N PRO B 158 4.32 40.25 11.08
CA PRO B 158 3.08 39.49 11.28
C PRO B 158 2.50 39.02 9.96
N ASP B 159 1.80 37.88 10.00
CA ASP B 159 1.12 37.36 8.83
C ASP B 159 -0.12 38.20 8.50
N PRO B 160 -0.20 38.72 7.26
CA PRO B 160 -1.34 39.53 6.82
C PRO B 160 -2.65 38.75 6.69
N GLN B 161 -2.55 37.42 6.62
CA GLN B 161 -3.73 36.55 6.53
C GLN B 161 -4.42 36.36 7.88
N GLY B 162 -3.82 36.91 8.93
CA GLY B 162 -4.42 36.87 10.27
C GLY B 162 -4.24 35.55 11.00
N THR B 163 -3.30 34.74 10.52
CA THR B 163 -3.00 33.42 11.13
C THR B 163 -2.52 33.59 12.56
N ASN B 164 -2.94 32.67 13.43
CA ASN B 164 -2.59 32.69 14.85
C ASN B 164 -1.71 31.52 15.26
N LEU B 165 -1.37 31.48 16.55
CA LEU B 165 -0.57 30.38 17.11
C LEU B 165 -1.37 29.09 17.25
N MET B 166 -2.69 29.21 17.32
CA MET B 166 -3.59 28.06 17.34
C MET B 166 -3.44 27.25 16.04
N PHE B 167 -3.31 27.95 14.92
CA PHE B 167 -2.99 27.33 13.64
C PHE B 167 -1.58 26.75 13.67
N ALA B 168 -0.62 27.56 14.11
CA ALA B 168 0.79 27.18 14.14
C ALA B 168 1.02 25.87 14.89
N PHE B 169 0.43 25.75 16.08
CA PHE B 169 0.56 24.55 16.89
C PHE B 169 -0.24 23.37 16.33
N PHE B 170 -1.35 23.66 15.65
CA PHE B 170 -2.12 22.64 14.96
C PHE B 170 -1.28 22.09 13.81
N ALA B 171 -0.66 22.99 13.05
CA ALA B 171 0.23 22.63 11.95
C ALA B 171 1.35 21.72 12.42
N GLN B 172 1.98 22.08 13.54
CA GLN B 172 3.08 21.31 14.12
C GLN B 172 2.61 19.94 14.63
N HIS B 173 1.50 19.94 15.35
CA HIS B 173 0.89 18.71 15.89
C HIS B 173 0.50 17.75 14.76
N PHE B 174 -0.21 18.28 13.76
CA PHE B 174 -0.71 17.49 12.64
C PHE B 174 0.40 16.89 11.77
N THR B 175 1.48 17.63 11.57
CA THR B 175 2.57 17.19 10.69
C THR B 175 3.52 16.19 11.33
N HIS B 176 3.68 16.29 12.65
CA HIS B 176 4.60 15.42 13.39
C HIS B 176 4.07 14.00 13.57
N GLN B 177 2.99 13.66 12.85
CA GLN B 177 2.52 12.28 12.82
C GLN B 177 3.09 11.54 11.61
N PHE B 178 3.49 12.30 10.59
CA PHE B 178 4.10 11.72 9.38
C PHE B 178 5.50 12.26 9.06
N PHE B 179 5.98 13.17 9.91
CA PHE B 179 7.37 13.61 9.87
C PHE B 179 8.10 13.16 11.13
N LYS B 180 8.53 11.90 11.13
CA LYS B 180 9.30 11.35 12.24
C LYS B 180 10.62 10.78 11.75
N THR B 181 11.57 11.68 11.46
CA THR B 181 12.89 11.30 10.96
C THR B 181 13.68 10.51 12.01
N SER B 182 14.26 9.40 11.57
CA SER B 182 14.96 8.47 12.47
C SER B 182 16.37 8.97 12.82
N GLY B 183 16.63 9.12 14.12
CA GLY B 183 17.91 9.59 14.61
C GLY B 183 19.05 8.60 14.41
N LYS B 184 18.74 7.32 14.54
CA LYS B 184 19.75 6.26 14.39
C LYS B 184 20.00 5.87 12.93
N MET B 185 18.92 5.73 12.15
CA MET B 185 19.03 5.39 10.73
C MET B 185 19.53 6.58 9.91
N GLY B 186 19.21 7.79 10.35
CA GLY B 186 19.75 9.00 9.75
C GLY B 186 18.76 9.78 8.90
N PRO B 187 19.27 10.76 8.12
CA PRO B 187 18.43 11.58 7.25
C PRO B 187 17.90 10.80 6.06
N GLY B 188 16.63 11.02 5.73
CA GLY B 188 15.97 10.29 4.63
C GLY B 188 15.23 9.05 5.08
N PHE B 189 15.25 8.79 6.39
CA PHE B 189 14.55 7.65 6.97
C PHE B 189 13.49 8.10 7.97
N THR B 190 12.38 7.38 8.00
CA THR B 190 11.23 7.75 8.84
C THR B 190 10.79 6.65 9.80
N LYS B 191 10.21 7.06 10.93
CA LYS B 191 9.67 6.13 11.92
C LYS B 191 8.14 6.05 11.84
N ALA B 192 7.53 7.10 11.30
CA ALA B 192 6.08 7.14 11.08
C ALA B 192 5.72 6.34 9.83
N LEU B 193 5.60 5.03 10.01
CA LEU B 193 5.41 4.10 8.89
C LEU B 193 4.01 4.15 8.29
N GLY B 194 3.13 4.96 8.88
CA GLY B 194 1.77 5.16 8.37
C GLY B 194 1.71 6.06 7.16
N HIS B 195 2.71 6.94 7.03
CA HIS B 195 2.88 7.83 5.87
C HIS B 195 1.64 8.67 5.55
N GLY B 196 1.03 9.22 6.58
CA GLY B 196 -0.14 10.09 6.41
C GLY B 196 -0.94 10.31 7.67
N VAL B 197 -2.23 10.52 7.49
CA VAL B 197 -3.14 10.79 8.61
C VAL B 197 -3.55 9.48 9.27
N ASP B 198 -2.66 8.93 10.08
CA ASP B 198 -2.94 7.70 10.84
C ASP B 198 -3.22 8.00 12.31
N LEU B 199 -2.91 9.23 12.72
CA LEU B 199 -3.02 9.68 14.11
C LEU B 199 -2.07 8.95 15.06
N GLY B 200 -0.94 8.49 14.53
CA GLY B 200 0.09 7.82 15.32
C GLY B 200 0.85 8.75 16.26
N HIS B 201 0.45 10.01 16.28
CA HIS B 201 0.98 10.99 17.22
C HIS B 201 0.07 11.08 18.46
N ILE B 202 -1.04 10.36 18.40
CA ILE B 202 -1.97 10.22 19.51
C ILE B 202 -1.95 8.78 20.02
N TYR B 203 -1.84 7.83 19.10
CA TYR B 203 -1.92 6.41 19.43
C TYR B 203 -0.57 5.70 19.47
N GLY B 204 0.45 6.29 18.84
CA GLY B 204 1.78 5.69 18.78
C GLY B 204 2.04 5.06 17.42
N ASP B 205 3.29 5.18 16.96
CA ASP B 205 3.70 4.64 15.66
C ASP B 205 3.82 3.11 15.65
N ASN B 206 3.90 2.52 16.84
CA ASN B 206 4.03 1.07 17.00
C ASN B 206 2.92 0.49 17.90
N LEU B 207 2.69 -0.83 17.77
CA LEU B 207 1.61 -1.51 18.47
C LEU B 207 1.76 -1.55 19.99
N GLU B 208 2.96 -1.88 20.48
CA GLU B 208 3.20 -2.00 21.93
C GLU B 208 3.04 -0.67 22.68
N ARG B 209 3.41 0.42 22.04
CA ARG B 209 3.21 1.77 22.59
C ARG B 209 1.72 2.08 22.72
N GLN B 210 0.95 1.71 21.70
CA GLN B 210 -0.50 1.88 21.69
C GLN B 210 -1.15 1.10 22.83
N TYR B 211 -0.78 -0.17 22.94
CA TYR B 211 -1.26 -1.06 24.01
C TYR B 211 -0.95 -0.48 25.40
N GLN B 212 0.20 0.16 25.52
CA GLN B 212 0.62 0.78 26.77
C GLN B 212 -0.17 2.06 27.05
N LEU B 213 -0.62 2.72 25.99
CA LEU B 213 -1.45 3.94 26.10
C LEU B 213 -2.92 3.63 26.33
N ARG B 214 -3.33 2.42 25.97
CA ARG B 214 -4.73 2.01 26.06
C ARG B 214 -5.11 1.54 27.45
N LEU B 215 -6.26 2.02 27.92
CA LEU B 215 -6.83 1.64 29.21
C LEU B 215 -7.35 0.21 29.17
N PHE B 216 -7.61 -0.28 27.96
CA PHE B 216 -8.17 -1.62 27.70
C PHE B 216 -9.55 -1.84 28.31
N LYS B 217 -10.29 -0.75 28.47
CA LYS B 217 -11.68 -0.79 28.91
C LYS B 217 -12.47 0.27 28.13
N ASP B 218 -13.55 -0.17 27.48
CA ASP B 218 -14.43 0.70 26.70
C ASP B 218 -13.77 1.36 25.48
N GLY B 219 -12.59 0.85 25.11
CA GLY B 219 -11.86 1.35 23.94
C GLY B 219 -11.04 2.60 24.21
N LYS B 220 -11.19 3.16 25.41
CA LYS B 220 -10.60 4.43 25.78
C LYS B 220 -9.08 4.39 25.95
N LEU B 221 -8.48 5.58 25.91
CA LEU B 221 -7.07 5.77 26.27
C LEU B 221 -6.95 6.10 27.75
N LYS B 222 -5.78 5.84 28.32
CA LYS B 222 -5.49 6.20 29.71
C LYS B 222 -5.50 7.71 29.91
N TYR B 223 -5.81 8.14 31.14
CA TYR B 223 -5.89 9.55 31.48
C TYR B 223 -5.74 9.77 32.99
N GLN B 224 -5.36 11.00 33.36
CA GLN B 224 -5.28 11.38 34.78
C GLN B 224 -6.15 12.59 35.08
N MET B 225 -6.62 12.69 36.31
CA MET B 225 -7.49 13.78 36.74
C MET B 225 -6.72 14.81 37.56
N LEU B 226 -6.48 15.98 36.94
CA LEU B 226 -5.80 17.08 37.61
C LEU B 226 -6.70 18.31 37.62
N ASN B 227 -7.08 18.73 38.83
CA ASN B 227 -7.99 19.87 39.05
C ASN B 227 -9.37 19.69 38.40
N GLY B 228 -9.87 18.45 38.40
CA GLY B 228 -11.16 18.12 37.81
C GLY B 228 -11.14 18.03 36.30
N GLU B 229 -9.95 18.15 35.70
CA GLU B 229 -9.81 18.17 34.24
C GLU B 229 -9.05 16.95 33.74
N VAL B 230 -9.49 16.44 32.59
CA VAL B 230 -8.90 15.24 31.98
C VAL B 230 -7.62 15.59 31.22
N TYR B 231 -6.55 14.90 31.54
CA TYR B 231 -5.25 15.09 30.88
C TYR B 231 -4.60 13.75 30.53
N PRO B 232 -3.58 13.77 29.63
CA PRO B 232 -2.84 12.55 29.32
C PRO B 232 -2.21 11.91 30.56
N PRO B 233 -2.05 10.58 30.57
CA PRO B 233 -1.57 9.89 31.76
C PRO B 233 -0.10 10.18 32.07
N SER B 234 0.34 9.80 33.26
CA SER B 234 1.75 9.91 33.64
C SER B 234 2.54 8.71 33.12
N VAL B 235 3.86 8.81 33.16
CA VAL B 235 4.76 7.73 32.71
C VAL B 235 4.62 6.46 33.57
N GLU B 236 4.28 6.62 34.85
CA GLU B 236 4.06 5.47 35.74
C GLU B 236 2.85 4.64 35.32
N GLU B 237 1.77 5.33 34.92
CA GLU B 237 0.55 4.68 34.45
C GLU B 237 0.71 4.11 33.05
N ALA B 238 1.44 4.83 32.20
CA ALA B 238 1.72 4.39 30.83
C ALA B 238 3.22 4.47 30.54
N PRO B 239 3.97 3.38 30.83
CA PRO B 239 5.42 3.36 30.67
C PRO B 239 5.86 3.32 29.21
N VAL B 240 5.89 4.49 28.58
CA VAL B 240 6.36 4.62 27.19
C VAL B 240 7.50 5.62 27.07
N LEU B 241 8.34 5.41 26.06
CA LEU B 241 9.45 6.32 25.77
C LEU B 241 8.94 7.72 25.46
N MET B 242 9.30 8.66 26.34
CA MET B 242 8.97 10.07 26.15
C MET B 242 10.23 10.93 26.29
N HIS B 243 10.44 11.82 25.33
CA HIS B 243 11.59 12.72 25.36
C HIS B 243 11.34 13.89 26.29
N TYR B 244 11.83 13.76 27.52
CA TYR B 244 11.78 14.81 28.53
C TYR B 244 13.19 15.12 29.01
N PRO B 245 13.44 16.36 29.49
CA PRO B 245 14.73 16.69 30.08
C PRO B 245 15.05 15.78 31.26
N ARG B 246 16.24 15.18 31.24
CA ARG B 246 16.68 14.24 32.27
C ARG B 246 16.69 14.87 33.66
N GLY B 247 16.14 14.15 34.64
CA GLY B 247 16.08 14.63 36.01
C GLY B 247 14.69 15.03 36.45
N ILE B 248 13.88 15.48 35.49
CA ILE B 248 12.49 15.86 35.73
C ILE B 248 11.69 14.68 36.30
N PRO B 249 10.95 14.93 37.41
CA PRO B 249 10.16 13.89 38.08
C PRO B 249 9.12 13.25 37.16
N PRO B 250 8.86 11.94 37.33
CA PRO B 250 7.92 11.19 36.49
C PRO B 250 6.46 11.67 36.63
N GLN B 251 6.15 12.30 37.76
CA GLN B 251 4.80 12.86 37.99
C GLN B 251 4.53 14.06 37.09
N SER B 252 5.60 14.75 36.69
CA SER B 252 5.51 15.91 35.81
C SER B 252 5.58 15.50 34.33
N GLN B 253 5.85 14.22 34.08
CA GLN B 253 5.98 13.69 32.72
C GLN B 253 4.67 13.07 32.23
N MET B 254 4.17 13.58 31.11
CA MET B 254 2.96 13.06 30.48
C MET B 254 3.29 12.13 29.32
N ALA B 255 2.42 11.15 29.09
CA ALA B 255 2.65 10.13 28.07
C ALA B 255 1.64 10.20 26.93
N VAL B 256 2.13 10.51 25.74
CA VAL B 256 1.29 10.58 24.53
C VAL B 256 1.90 9.81 23.36
N GLY B 257 1.16 9.74 22.26
CA GLY B 257 1.57 9.01 21.05
C GLY B 257 2.93 9.39 20.50
N GLN B 258 3.19 10.70 20.39
CA GLN B 258 4.45 11.19 19.86
C GLN B 258 5.39 11.58 20.99
N GLU B 259 6.67 11.20 20.84
CA GLU B 259 7.68 11.34 21.89
C GLU B 259 8.03 12.78 22.25
N VAL B 260 7.91 13.69 21.28
CA VAL B 260 8.43 15.06 21.43
C VAL B 260 7.39 16.08 21.91
N PHE B 261 6.14 15.64 22.11
CA PHE B 261 5.05 16.56 22.42
C PHE B 261 5.14 17.23 23.80
N GLY B 262 5.77 16.54 24.75
CA GLY B 262 5.94 17.06 26.11
C GLY B 262 6.86 18.26 26.23
N LEU B 263 7.57 18.56 25.14
CA LEU B 263 8.54 19.65 25.11
C LEU B 263 7.90 21.02 24.85
N LEU B 264 6.66 21.01 24.35
CA LEU B 264 5.92 22.25 24.09
C LEU B 264 4.48 22.18 24.63
N PRO B 265 4.05 23.23 25.35
CA PRO B 265 2.68 23.31 25.86
C PRO B 265 1.62 23.36 24.77
N GLY B 266 1.98 23.93 23.61
CA GLY B 266 1.09 23.98 22.46
C GLY B 266 0.83 22.62 21.83
N LEU B 267 1.84 21.75 21.90
CA LEU B 267 1.73 20.39 21.36
C LEU B 267 0.95 19.48 22.29
N MET B 268 1.26 19.55 23.59
CA MET B 268 0.58 18.77 24.61
C MET B 268 -0.87 19.26 24.81
N LEU B 269 -1.14 20.48 24.35
CA LEU B 269 -2.49 21.05 24.34
C LEU B 269 -3.40 20.22 23.44
N TYR B 270 -2.98 20.04 22.19
CA TYR B 270 -3.75 19.28 21.20
C TYR B 270 -3.82 17.80 21.54
N ALA B 271 -2.73 17.28 22.12
CA ALA B 271 -2.68 15.91 22.59
C ALA B 271 -3.77 15.64 23.64
N THR B 272 -3.99 16.62 24.51
CA THR B 272 -5.06 16.56 25.51
C THR B 272 -6.44 16.63 24.84
N ILE B 273 -6.61 17.63 23.97
CA ILE B 273 -7.86 17.85 23.24
C ILE B 273 -8.31 16.60 22.48
N TRP B 274 -7.39 16.00 21.74
CA TRP B 274 -7.68 14.80 20.94
C TRP B 274 -7.93 13.56 21.78
N LEU B 275 -7.26 13.46 22.93
CA LEU B 275 -7.48 12.36 23.87
C LEU B 275 -8.87 12.45 24.47
N ARG B 276 -9.29 13.66 24.83
CA ARG B 276 -10.63 13.92 25.33
C ARG B 276 -11.70 13.60 24.28
N GLU B 277 -11.36 13.81 23.01
CA GLU B 277 -12.26 13.51 21.89
C GLU B 277 -12.38 12.00 21.67
N HIS B 278 -11.27 11.28 21.80
CA HIS B 278 -11.27 9.82 21.61
C HIS B 278 -12.19 9.12 22.60
N ASN B 279 -12.03 9.43 23.89
CA ASN B 279 -12.84 8.84 24.95
C ASN B 279 -14.30 9.24 24.88
N ARG B 280 -14.55 10.49 24.46
CA ARG B 280 -15.89 11.01 24.23
C ARG B 280 -16.59 10.20 23.14
N VAL B 281 -15.86 9.88 22.08
CA VAL B 281 -16.37 9.09 20.96
C VAL B 281 -16.67 7.65 21.39
N CYS B 282 -15.80 7.10 22.23
CA CYS B 282 -16.03 5.78 22.82
C CYS B 282 -17.35 5.71 23.59
N ASP B 283 -17.65 6.79 24.32
CA ASP B 283 -18.91 6.89 25.08
C ASP B 283 -20.15 6.91 24.18
N LEU B 284 -20.02 7.52 23.00
CA LEU B 284 -21.10 7.55 22.03
C LEU B 284 -21.26 6.19 21.34
N LEU B 285 -20.12 5.55 21.07
CA LEU B 285 -20.10 4.21 20.47
C LEU B 285 -20.63 3.13 21.40
N LYS B 286 -20.29 3.22 22.69
CA LYS B 286 -20.74 2.26 23.70
C LYS B 286 -22.25 2.30 23.91
N ALA B 287 -22.82 3.51 23.88
CA ALA B 287 -24.27 3.69 24.00
C ALA B 287 -25.01 3.14 22.79
N GLU B 288 -24.32 3.13 21.65
CA GLU B 288 -24.88 2.64 20.40
C GLU B 288 -24.68 1.13 20.27
N HIS B 289 -23.57 0.63 20.79
CA HIS B 289 -23.24 -0.79 20.74
C HIS B 289 -22.68 -1.30 22.08
N PRO B 290 -23.57 -1.65 23.03
CA PRO B 290 -23.11 -2.13 24.34
C PRO B 290 -22.53 -3.55 24.30
N THR B 291 -22.76 -4.26 23.21
CA THR B 291 -22.27 -5.63 23.05
C THR B 291 -20.85 -5.68 22.46
N TRP B 292 -20.38 -4.54 21.95
CA TRP B 292 -19.04 -4.41 21.39
C TRP B 292 -17.96 -4.58 22.46
N GLY B 293 -16.84 -5.17 22.06
CA GLY B 293 -15.69 -5.33 22.94
C GLY B 293 -14.81 -4.08 22.96
N ASP B 294 -13.81 -4.09 23.84
CA ASP B 294 -12.87 -2.98 23.99
C ASP B 294 -12.10 -2.67 22.70
N GLU B 295 -11.68 -3.72 22.00
CA GLU B 295 -10.88 -3.58 20.78
C GLU B 295 -11.64 -2.86 19.66
N GLN B 296 -12.90 -3.22 19.44
CA GLN B 296 -13.70 -2.59 18.38
C GLN B 296 -14.02 -1.13 18.70
N LEU B 297 -14.36 -0.85 19.95
CA LEU B 297 -14.65 0.52 20.41
C LEU B 297 -13.46 1.45 20.16
N PHE B 298 -12.25 0.93 20.37
CA PHE B 298 -11.02 1.69 20.14
C PHE B 298 -10.78 1.94 18.66
N GLN B 299 -10.79 0.87 17.86
CA GLN B 299 -10.48 0.95 16.43
C GLN B 299 -11.48 1.79 15.65
N THR B 300 -12.77 1.67 16.00
CA THR B 300 -13.82 2.45 15.38
C THR B 300 -13.68 3.93 15.72
N ALA B 301 -13.29 4.21 16.97
CA ALA B 301 -13.06 5.57 17.43
C ALA B 301 -11.84 6.22 16.75
N ARG B 302 -10.83 5.41 16.43
CA ARG B 302 -9.63 5.90 15.76
C ARG B 302 -9.96 6.42 14.36
N LEU B 303 -10.76 5.65 13.62
CA LEU B 303 -11.15 6.00 12.26
C LEU B 303 -12.05 7.23 12.19
N ILE B 304 -12.89 7.40 13.21
CA ILE B 304 -13.73 8.58 13.36
C ILE B 304 -12.85 9.82 13.54
N LEU B 305 -11.86 9.70 14.42
CA LEU B 305 -10.92 10.79 14.71
C LEU B 305 -9.98 11.08 13.54
N ILE B 306 -9.66 10.04 12.75
CA ILE B 306 -8.91 10.20 11.51
C ILE B 306 -9.74 11.02 10.51
N GLY B 307 -11.04 10.70 10.43
CA GLY B 307 -11.97 11.42 9.57
C GLY B 307 -12.24 12.84 10.02
N GLU B 308 -12.26 13.05 11.33
CA GLU B 308 -12.45 14.38 11.91
C GLU B 308 -11.27 15.30 11.58
N THR B 309 -10.06 14.74 11.60
CA THR B 309 -8.85 15.49 11.28
C THR B 309 -8.87 15.99 9.84
N ILE B 310 -8.98 15.07 8.89
CA ILE B 310 -9.01 15.40 7.45
C ILE B 310 -10.09 16.45 7.13
N LYS B 311 -11.24 16.32 7.78
CA LYS B 311 -12.34 17.28 7.66
C LYS B 311 -11.91 18.69 8.08
N ILE B 312 -11.30 18.80 9.25
CA ILE B 312 -10.85 20.08 9.79
C ILE B 312 -9.65 20.63 9.00
N VAL B 313 -8.74 19.73 8.62
CA VAL B 313 -7.56 20.10 7.83
C VAL B 313 -7.94 20.76 6.50
N ILE B 314 -8.85 20.14 5.77
CA ILE B 314 -9.25 20.64 4.45
C ILE B 314 -10.15 21.88 4.54
N GLU B 315 -11.19 21.80 5.37
CA GLU B 315 -12.24 22.83 5.38
C GLU B 315 -11.96 24.06 6.23
N GLU B 316 -10.94 23.99 7.08
CA GLU B 316 -10.59 25.12 7.95
C GLU B 316 -9.11 25.46 7.92
N TYR B 317 -8.27 24.43 8.08
CA TYR B 317 -6.82 24.60 8.10
C TYR B 317 -6.31 25.08 6.75
N VAL B 318 -6.75 24.45 5.67
CA VAL B 318 -6.38 24.85 4.32
C VAL B 318 -7.12 26.12 3.90
N GLN B 319 -8.34 26.30 4.43
CA GLN B 319 -9.16 27.48 4.15
C GLN B 319 -8.47 28.76 4.62
N GLN B 320 -7.90 28.72 5.82
CA GLN B 320 -7.17 29.86 6.38
C GLN B 320 -5.84 30.08 5.66
N LEU B 321 -5.15 28.99 5.34
CA LEU B 321 -3.81 29.05 4.74
C LEU B 321 -3.82 29.56 3.31
N SER B 322 -4.67 28.97 2.46
CA SER B 322 -4.76 29.33 1.06
C SER B 322 -5.44 30.69 0.85
N GLY B 323 -6.37 31.02 1.74
CA GLY B 323 -7.13 32.26 1.65
C GLY B 323 -8.12 32.26 0.51
N TYR B 324 -8.48 31.06 0.04
CA TYR B 324 -9.39 30.91 -1.09
C TYR B 324 -10.79 31.39 -0.74
N PHE B 325 -11.43 32.04 -1.70
CA PHE B 325 -12.82 32.44 -1.59
C PHE B 325 -13.72 31.24 -1.87
N LEU B 326 -13.15 30.23 -2.55
CA LEU B 326 -13.79 28.94 -2.76
C LEU B 326 -13.89 28.21 -1.43
N GLN B 327 -15.12 27.92 -1.02
CA GLN B 327 -15.36 27.17 0.21
CA GLN B 327 -15.35 27.17 0.22
C GLN B 327 -14.98 25.71 0.01
N LEU B 328 -13.89 25.30 0.65
CA LEU B 328 -13.36 23.95 0.51
C LEU B 328 -14.27 22.91 1.15
N LYS B 329 -14.25 21.71 0.60
CA LYS B 329 -15.17 20.65 1.02
C LYS B 329 -14.46 19.30 1.08
N PHE B 330 -14.57 18.64 2.24
CA PHE B 330 -14.10 17.27 2.38
C PHE B 330 -15.21 16.30 1.98
N ASP B 331 -15.10 15.75 0.77
CA ASP B 331 -16.05 14.79 0.26
C ASP B 331 -15.32 13.78 -0.61
N PRO B 332 -15.04 12.59 -0.06
CA PRO B 332 -14.34 11.52 -0.78
C PRO B 332 -15.10 11.03 -2.02
N GLU B 333 -16.42 11.19 -2.00
CA GLU B 333 -17.28 10.74 -3.10
C GLU B 333 -17.06 11.51 -4.41
N LEU B 334 -16.30 12.60 -4.32
CA LEU B 334 -15.92 13.38 -5.49
C LEU B 334 -14.95 12.61 -6.39
N LEU B 335 -14.10 11.79 -5.78
CA LEU B 335 -13.09 11.02 -6.51
C LEU B 335 -13.59 9.64 -6.94
N PHE B 336 -14.85 9.34 -6.66
CA PHE B 336 -15.44 8.02 -6.90
C PHE B 336 -15.64 7.69 -8.37
N GLY B 337 -15.58 8.71 -9.23
CA GLY B 337 -15.67 8.52 -10.67
C GLY B 337 -14.36 8.82 -11.38
N ALA B 338 -13.26 8.74 -10.64
CA ALA B 338 -11.95 9.13 -11.15
C ALA B 338 -10.86 8.10 -10.83
N GLN B 339 -9.77 8.17 -11.59
CA GLN B 339 -8.61 7.30 -11.38
C GLN B 339 -7.68 7.87 -10.32
N PHE B 340 -7.83 7.35 -9.09
CA PHE B 340 -7.09 7.83 -7.94
C PHE B 340 -6.55 6.65 -7.15
N GLN B 341 -5.34 6.79 -6.62
CA GLN B 341 -4.70 5.73 -5.84
C GLN B 341 -4.81 6.03 -4.34
N TYR B 342 -5.47 5.14 -3.61
CA TYR B 342 -5.66 5.31 -2.17
C TYR B 342 -4.47 4.79 -1.36
N ARG B 343 -3.32 5.39 -1.61
CA ARG B 343 -2.10 5.16 -0.85
C ARG B 343 -1.25 6.42 -0.84
N ASN B 344 -0.33 6.52 0.12
CA ASN B 344 0.55 7.67 0.22
C ASN B 344 1.92 7.31 0.80
N ARG B 345 2.94 7.97 0.28
CA ARG B 345 4.30 7.86 0.81
C ARG B 345 4.83 9.27 1.00
N ILE B 346 5.29 9.56 2.23
CA ILE B 346 5.80 10.87 2.59
C ILE B 346 7.12 11.15 1.87
N ALA B 347 7.18 12.29 1.18
CA ALA B 347 8.37 12.69 0.46
C ALA B 347 9.24 13.61 1.31
N MET B 348 10.55 13.53 1.09
CA MET B 348 11.53 14.36 1.81
C MET B 348 11.37 15.84 1.51
N GLU B 349 10.87 16.15 0.32
CA GLU B 349 10.65 17.53 -0.11
C GLU B 349 9.47 18.15 0.62
N PHE B 350 8.49 17.32 0.95
CA PHE B 350 7.34 17.74 1.73
C PHE B 350 7.75 17.99 3.19
N ASN B 351 8.72 17.22 3.67
CA ASN B 351 9.33 17.42 4.97
C ASN B 351 10.06 18.77 5.02
N GLN B 352 10.94 18.98 4.05
CA GLN B 352 11.68 20.23 3.89
C GLN B 352 10.76 21.43 3.78
N LEU B 353 9.73 21.29 2.95
CA LEU B 353 8.76 22.34 2.65
C LEU B 353 7.94 22.77 3.88
N TYR B 354 7.67 21.83 4.76
CA TYR B 354 6.76 22.06 5.89
C TYR B 354 7.45 22.62 7.14
N HIS B 355 8.72 23.01 6.99
CA HIS B 355 9.46 23.64 8.09
C HIS B 355 9.07 25.10 8.24
N TRP B 356 7.86 25.33 8.76
CA TRP B 356 7.33 26.68 8.92
C TRP B 356 7.60 27.23 10.31
N HIS B 357 8.88 27.31 10.66
CA HIS B 357 9.32 27.84 11.95
C HIS B 357 9.20 29.37 12.09
N PRO B 358 9.13 30.10 10.95
CA PRO B 358 8.79 31.52 10.99
C PRO B 358 7.45 31.85 11.65
N LEU B 359 6.55 30.87 11.73
CA LEU B 359 5.22 31.05 12.35
C LEU B 359 5.29 31.47 13.81
N MET B 360 6.35 31.03 14.50
CA MET B 360 6.57 31.34 15.91
C MET B 360 6.91 32.81 16.12
N PRO B 361 6.43 33.41 17.23
CA PRO B 361 6.65 34.83 17.51
C PRO B 361 7.90 35.08 18.36
N ASP B 362 7.99 36.27 18.94
CA ASP B 362 9.09 36.64 19.84
C ASP B 362 8.87 36.07 21.23
N SER B 363 7.60 35.98 21.63
CA SER B 363 7.21 35.48 22.95
C SER B 363 5.86 34.77 22.86
N PHE B 364 5.34 34.35 24.01
CA PHE B 364 4.06 33.63 24.06
C PHE B 364 3.12 34.25 25.07
N ARG B 365 2.30 35.18 24.60
CA ARG B 365 1.39 35.94 25.46
C ARG B 365 0.15 35.13 25.87
N VAL B 366 0.06 34.84 27.16
CA VAL B 366 -1.11 34.16 27.72
C VAL B 366 -1.79 35.08 28.73
N GLY B 367 -2.84 35.76 28.28
CA GLY B 367 -3.58 36.72 29.10
C GLY B 367 -2.76 37.96 29.42
N PRO B 368 -2.75 38.38 30.70
CA PRO B 368 -1.96 39.54 31.12
C PRO B 368 -0.45 39.28 31.12
N GLN B 369 -0.07 38.00 31.02
CA GLN B 369 1.34 37.60 31.03
C GLN B 369 1.94 37.48 29.63
N ASP B 370 3.25 37.66 29.55
CA ASP B 370 4.00 37.46 28.30
C ASP B 370 5.18 36.53 28.56
N TYR B 371 5.05 35.28 28.13
CA TYR B 371 6.06 34.25 28.41
C TYR B 371 7.13 34.16 27.33
N SER B 372 8.39 34.22 27.76
CA SER B 372 9.54 34.10 26.87
C SER B 372 9.76 32.64 26.46
N TYR B 373 10.66 32.43 25.50
CA TYR B 373 10.99 31.09 25.00
C TYR B 373 11.50 30.16 26.10
N GLU B 374 12.32 30.72 26.99
CA GLU B 374 12.88 29.97 28.12
C GLU B 374 11.83 29.69 29.21
N GLN B 375 10.76 30.46 29.22
CA GLN B 375 9.62 30.23 30.11
C GLN B 375 8.60 29.26 29.51
N PHE B 376 8.55 29.23 28.18
CA PHE B 376 7.56 28.44 27.44
C PHE B 376 8.05 27.04 27.08
N LEU B 377 9.27 26.95 26.54
CA LEU B 377 9.85 25.67 26.12
C LEU B 377 10.10 24.74 27.31
N PHE B 378 9.81 23.45 27.10
CA PHE B 378 10.02 22.38 28.08
C PHE B 378 9.28 22.59 29.40
N ASN B 379 8.28 23.47 29.39
CA ASN B 379 7.45 23.74 30.57
C ASN B 379 6.42 22.62 30.75
N THR B 380 6.51 21.93 31.88
CA THR B 380 5.64 20.78 32.14
C THR B 380 4.43 21.13 33.02
N SER B 381 4.31 22.40 33.38
CA SER B 381 3.27 22.84 34.31
C SER B 381 2.20 23.72 33.67
N MET B 382 2.59 24.53 32.67
CA MET B 382 1.72 25.51 32.04
C MET B 382 0.36 24.96 31.59
N LEU B 383 0.36 23.78 30.96
CA LEU B 383 -0.87 23.15 30.50
C LEU B 383 -1.87 22.90 31.63
N VAL B 384 -1.38 22.38 32.75
CA VAL B 384 -2.21 22.13 33.92
C VAL B 384 -2.60 23.43 34.62
N ASP B 385 -1.64 24.37 34.67
CA ASP B 385 -1.83 25.67 35.33
C ASP B 385 -3.00 26.50 34.77
N TYR B 386 -2.99 26.69 33.45
CA TYR B 386 -4.03 27.49 32.79
C TYR B 386 -5.23 26.66 32.35
N GLY B 387 -4.97 25.45 31.85
CA GLY B 387 -6.02 24.58 31.34
C GLY B 387 -6.19 24.75 29.84
N VAL B 388 -6.94 23.85 29.24
CA VAL B 388 -7.22 23.87 27.80
C VAL B 388 -7.93 25.18 27.40
N GLU B 389 -9.02 25.48 28.10
CA GLU B 389 -9.85 26.67 27.83
C GLU B 389 -9.04 27.96 27.73
N ALA B 390 -8.23 28.23 28.75
CA ALA B 390 -7.44 29.46 28.84
C ALA B 390 -6.32 29.54 27.81
N LEU B 391 -5.72 28.40 27.48
CA LEU B 391 -4.61 28.34 26.52
C LEU B 391 -5.07 28.44 25.06
N VAL B 392 -6.15 27.73 24.74
CA VAL B 392 -6.75 27.79 23.39
C VAL B 392 -7.19 29.21 23.06
N ASP B 393 -7.73 29.92 24.06
CA ASP B 393 -8.12 31.32 23.90
C ASP B 393 -6.90 32.20 23.67
N ALA B 394 -5.81 31.91 24.39
CA ALA B 394 -4.58 32.69 24.31
C ALA B 394 -3.83 32.49 23.00
N PHE B 395 -3.95 31.30 22.41
CA PHE B 395 -3.28 30.98 21.16
C PHE B 395 -4.08 31.42 19.93
N SER B 396 -5.38 31.64 20.12
CA SER B 396 -6.26 32.07 19.05
C SER B 396 -6.27 33.59 18.88
N ARG B 397 -5.69 34.29 19.86
CA ARG B 397 -5.69 35.76 19.87
C ARG B 397 -4.32 36.38 19.55
N GLN B 398 -3.27 35.56 19.64
CA GLN B 398 -1.91 36.01 19.35
C GLN B 398 -1.58 35.76 17.87
N PRO B 399 -1.07 36.79 17.17
CA PRO B 399 -0.72 36.67 15.76
C PRO B 399 0.50 35.78 15.52
N ALA B 400 0.51 35.12 14.36
CA ALA B 400 1.64 34.28 13.95
C ALA B 400 2.48 34.98 12.90
N GLY B 401 3.75 34.58 12.80
CA GLY B 401 4.68 35.19 11.86
C GLY B 401 4.46 34.78 10.42
N ARG B 402 4.84 35.65 9.50
CA ARG B 402 4.78 35.38 8.06
C ARG B 402 5.86 34.37 7.67
N ILE B 403 5.46 33.33 6.94
CA ILE B 403 6.37 32.25 6.55
C ILE B 403 7.32 32.69 5.43
N GLY B 404 6.76 33.20 4.34
CA GLY B 404 7.57 33.71 3.23
C GLY B 404 8.01 35.15 3.44
N GLY B 405 8.79 35.66 2.49
CA GLY B 405 9.28 37.04 2.55
C GLY B 405 10.74 37.14 2.95
N GLY B 406 11.11 36.47 4.04
CA GLY B 406 12.48 36.48 4.53
C GLY B 406 12.64 37.16 5.88
N ARG B 407 13.74 36.85 6.56
CA ARG B 407 14.11 37.46 7.85
C ARG B 407 12.98 37.39 8.89
N ASN B 408 12.43 36.19 9.10
CA ASN B 408 11.31 36.04 10.04
C ASN B 408 11.37 34.81 10.94
N ILE B 409 12.55 34.23 11.09
CA ILE B 409 12.74 33.13 12.05
C ILE B 409 13.40 33.67 13.32
N ASP B 410 12.71 33.47 14.45
CA ASP B 410 13.23 33.86 15.77
C ASP B 410 14.55 33.16 16.04
N HIS B 411 15.49 33.88 16.68
CA HIS B 411 16.86 33.39 16.86
C HIS B 411 16.97 32.14 17.75
N HIS B 412 15.99 31.92 18.61
CA HIS B 412 15.95 30.75 19.48
C HIS B 412 15.87 29.43 18.72
N ILE B 413 15.13 29.42 17.61
CA ILE B 413 14.90 28.22 16.83
C ILE B 413 15.49 28.27 15.41
N LEU B 414 16.37 29.25 15.17
CA LEU B 414 17.02 29.43 13.87
C LEU B 414 17.90 28.24 13.49
N HIS B 415 18.49 27.59 14.49
CA HIS B 415 19.37 26.43 14.30
C HIS B 415 18.73 25.31 13.50
N VAL B 416 17.40 25.23 13.54
CA VAL B 416 16.63 24.23 12.81
C VAL B 416 16.79 24.44 11.30
N ALA B 417 16.55 25.67 10.84
CA ALA B 417 16.69 26.03 9.43
C ALA B 417 18.10 25.75 8.91
N VAL B 418 19.09 26.01 9.76
CA VAL B 418 20.50 25.73 9.46
C VAL B 418 20.71 24.24 9.21
N ASP B 419 20.11 23.41 10.06
CA ASP B 419 20.18 21.96 9.93
C ASP B 419 19.37 21.45 8.75
N VAL B 420 18.27 22.14 8.43
CA VAL B 420 17.42 21.79 7.28
C VAL B 420 18.19 21.95 5.97
N ILE B 421 18.93 23.06 5.84
CA ILE B 421 19.80 23.31 4.69
C ILE B 421 20.95 22.30 4.65
N LYS B 422 21.45 21.94 5.82
CA LYS B 422 22.49 20.92 5.95
C LYS B 422 21.98 19.55 5.54
N GLU B 423 20.74 19.24 5.92
CA GLU B 423 20.08 17.98 5.57
C GLU B 423 19.80 17.91 4.07
N SER B 424 19.61 19.07 3.45
CA SER B 424 19.30 19.17 2.03
C SER B 424 20.49 18.77 1.16
N ARG B 425 21.70 19.03 1.64
CA ARG B 425 22.93 18.70 0.92
C ARG B 425 23.35 17.24 1.14
N VAL B 426 22.97 16.69 2.30
CA VAL B 426 23.17 15.27 2.60
C VAL B 426 22.24 14.43 1.71
N LEU B 427 20.98 14.86 1.63
CA LEU B 427 19.98 14.24 0.77
C LEU B 427 20.26 14.53 -0.70
N ARG B 428 20.98 15.62 -0.96
CA ARG B 428 21.33 16.08 -2.31
C ARG B 428 20.09 16.39 -3.15
N LEU B 429 19.23 17.26 -2.61
CA LEU B 429 18.08 17.77 -3.35
C LEU B 429 18.53 18.59 -4.55
N GLN B 430 17.75 18.51 -5.64
CA GLN B 430 18.03 19.28 -6.84
C GLN B 430 17.76 20.78 -6.62
N PRO B 431 18.26 21.64 -7.52
CA PRO B 431 18.02 23.08 -7.37
C PRO B 431 16.55 23.48 -7.40
N PHE B 432 16.25 24.62 -6.79
CA PHE B 432 14.88 25.15 -6.71
C PHE B 432 14.22 25.27 -8.08
N ASN B 433 14.99 25.68 -9.08
CA ASN B 433 14.51 25.81 -10.47
C ASN B 433 14.07 24.50 -11.10
N GLU B 434 14.71 23.40 -10.70
CA GLU B 434 14.33 22.07 -11.19
C GLU B 434 12.98 21.61 -10.63
N TYR B 435 12.72 21.96 -9.37
CA TYR B 435 11.43 21.67 -8.72
C TYR B 435 10.31 22.56 -9.26
N ARG B 436 10.66 23.79 -9.64
CA ARG B 436 9.73 24.69 -10.31
C ARG B 436 9.18 24.06 -11.59
N LYS B 437 10.08 23.46 -12.37
CA LYS B 437 9.70 22.78 -13.61
C LYS B 437 8.92 21.50 -13.36
N ARG B 438 9.22 20.82 -12.25
CA ARG B 438 8.55 19.57 -11.89
C ARG B 438 7.10 19.81 -11.46
N PHE B 439 6.83 20.98 -10.87
CA PHE B 439 5.49 21.33 -10.42
C PHE B 439 4.74 22.27 -11.38
N GLY B 440 5.17 22.29 -12.63
CA GLY B 440 4.48 23.03 -13.70
C GLY B 440 4.62 24.54 -13.66
N MET B 441 5.79 25.01 -13.24
CA MET B 441 6.09 26.44 -13.22
C MET B 441 7.33 26.76 -14.04
N LYS B 442 7.41 28.00 -14.52
CA LYS B 442 8.58 28.48 -15.25
C LYS B 442 9.71 28.82 -14.26
N PRO B 443 10.92 28.32 -14.52
CA PRO B 443 12.07 28.62 -13.65
C PRO B 443 12.46 30.10 -13.70
N TYR B 444 13.00 30.60 -12.59
CA TYR B 444 13.46 31.98 -12.52
C TYR B 444 14.73 32.18 -13.33
N THR B 445 14.78 33.27 -14.07
CA THR B 445 15.92 33.60 -14.92
C THR B 445 16.99 34.38 -14.16
N SER B 446 16.60 34.97 -13.04
CA SER B 446 17.51 35.76 -12.19
C SER B 446 17.05 35.79 -10.74
N PHE B 447 17.96 36.20 -9.85
CA PHE B 447 17.65 36.38 -8.43
C PHE B 447 16.74 37.59 -8.19
N GLN B 448 16.82 38.57 -9.08
CA GLN B 448 15.99 39.78 -9.02
C GLN B 448 14.51 39.44 -9.21
N GLU B 449 14.23 38.48 -10.09
CA GLU B 449 12.87 38.02 -10.35
C GLU B 449 12.34 37.17 -9.19
N LEU B 450 13.24 36.54 -8.46
CA LEU B 450 12.89 35.69 -7.32
C LEU B 450 12.39 36.50 -6.13
N THR B 451 13.24 37.39 -5.61
CA THR B 451 12.91 38.18 -4.42
C THR B 451 12.04 39.39 -4.72
N GLY B 452 12.06 39.84 -5.97
CA GLY B 452 11.26 40.99 -6.42
C GLY B 452 11.81 42.32 -5.96
N GLU B 453 13.06 42.32 -5.52
CA GLU B 453 13.74 43.53 -5.06
C GLU B 453 15.24 43.49 -5.38
N LYS B 454 15.91 44.63 -5.26
CA LYS B 454 17.31 44.77 -5.69
C LYS B 454 18.33 44.40 -4.62
N GLU B 455 18.01 44.66 -3.35
CA GLU B 455 18.97 44.52 -2.25
C GLU B 455 19.37 43.07 -1.95
N MET B 456 18.43 42.26 -1.49
CA MET B 456 18.70 40.88 -1.07
C MET B 456 19.06 39.95 -2.24
N ALA B 457 18.71 40.36 -3.45
CA ALA B 457 19.00 39.59 -4.66
C ALA B 457 20.47 39.66 -5.07
N ALA B 458 21.07 40.85 -4.93
CA ALA B 458 22.45 41.09 -5.33
C ALA B 458 23.45 40.27 -4.50
N GLU B 459 23.15 40.10 -3.21
CA GLU B 459 24.00 39.32 -2.31
C GLU B 459 23.92 37.82 -2.62
N LEU B 460 22.72 37.36 -2.99
CA LEU B 460 22.50 35.96 -3.37
C LEU B 460 23.10 35.64 -4.74
N GLU B 461 23.21 36.66 -5.58
CA GLU B 461 23.79 36.53 -6.92
C GLU B 461 25.29 36.23 -6.81
N GLU B 462 25.93 36.82 -5.80
CA GLU B 462 27.35 36.63 -5.54
C GLU B 462 27.65 35.30 -4.87
N LEU B 463 26.81 34.93 -3.90
CA LEU B 463 27.02 33.72 -3.10
C LEU B 463 26.83 32.42 -3.88
N TYR B 464 25.69 32.30 -4.57
CA TYR B 464 25.39 31.10 -5.35
C TYR B 464 26.08 31.08 -6.71
N GLY B 465 26.20 32.26 -7.32
CA GLY B 465 26.80 32.39 -8.65
C GLY B 465 25.77 32.37 -9.77
N ASP B 466 24.84 31.43 -9.69
CA ASP B 466 23.79 31.27 -10.69
C ASP B 466 22.45 30.91 -10.04
N ILE B 467 21.35 31.35 -10.67
CA ILE B 467 19.99 31.08 -10.19
C ILE B 467 19.64 29.58 -10.26
N ASP B 468 20.25 28.88 -11.23
CA ASP B 468 20.05 27.44 -11.40
C ASP B 468 20.79 26.62 -10.34
N ALA B 469 21.42 27.31 -9.39
CA ALA B 469 22.14 26.66 -8.29
C ALA B 469 21.43 26.87 -6.94
N LEU B 470 20.45 27.78 -6.92
CA LEU B 470 19.68 28.10 -5.72
C LEU B 470 19.03 26.84 -5.12
N GLU B 471 19.20 26.67 -3.81
CA GLU B 471 18.70 25.49 -3.11
C GLU B 471 17.19 25.52 -2.90
N PHE B 472 16.63 24.35 -2.58
CA PHE B 472 15.19 24.15 -2.43
C PHE B 472 14.59 24.99 -1.30
N TYR B 473 15.03 24.72 -0.06
CA TYR B 473 14.47 25.34 1.14
C TYR B 473 14.67 26.86 1.24
N PRO B 474 15.88 27.37 0.89
CA PRO B 474 16.08 28.82 0.86
C PRO B 474 15.23 29.53 -0.20
N GLY B 475 14.96 28.85 -1.31
CA GLY B 475 14.15 29.42 -2.38
C GLY B 475 12.71 29.67 -1.97
N LEU B 476 12.14 28.73 -1.22
CA LEU B 476 10.75 28.82 -0.77
C LEU B 476 10.52 29.94 0.24
N LEU B 477 11.56 30.26 1.01
CA LEU B 477 11.46 31.26 2.08
C LEU B 477 12.05 32.62 1.71
N LEU B 478 12.51 32.75 0.47
CA LEU B 478 13.06 34.02 -0.02
C LEU B 478 12.35 34.53 -1.26
N GLU B 479 11.41 33.73 -1.77
CA GLU B 479 10.60 34.08 -2.93
C GLU B 479 9.68 35.27 -2.61
N LYS B 480 9.55 36.18 -3.57
CA LYS B 480 8.68 37.36 -3.41
C LYS B 480 7.26 36.98 -3.02
N CYS B 481 6.65 37.81 -2.18
CA CYS B 481 5.31 37.54 -1.70
C CYS B 481 4.34 38.64 -2.12
N HIS B 482 3.22 38.23 -2.71
CA HIS B 482 2.11 39.11 -3.00
C HIS B 482 1.55 39.64 -1.67
N PRO B 483 1.46 40.97 -1.52
CA PRO B 483 0.89 41.52 -0.29
C PRO B 483 -0.46 40.86 0.03
N ASN B 484 -0.66 40.54 1.31
CA ASN B 484 -1.84 39.81 1.79
C ASN B 484 -1.64 38.31 1.94
N SER B 485 -0.61 37.77 1.28
CA SER B 485 -0.34 36.33 1.33
C SER B 485 0.67 35.95 2.43
N ILE B 486 0.60 34.69 2.86
CA ILE B 486 1.45 34.18 3.94
C ILE B 486 2.84 33.73 3.45
N PHE B 487 2.92 33.23 2.23
CA PHE B 487 4.19 32.87 1.60
C PHE B 487 4.20 33.10 0.09
N GLY B 488 5.26 32.64 -0.58
CA GLY B 488 5.40 32.80 -2.03
C GLY B 488 4.49 31.90 -2.85
N GLU B 489 4.52 32.11 -4.17
CA GLU B 489 3.67 31.34 -5.09
C GLU B 489 4.04 29.85 -5.16
N SER B 490 5.32 29.54 -4.93
CA SER B 490 5.83 28.17 -5.05
C SER B 490 5.30 27.22 -3.97
N MET B 491 5.17 27.74 -2.75
CA MET B 491 4.71 26.94 -1.61
C MET B 491 3.36 26.25 -1.89
N ILE B 492 2.41 27.01 -2.43
CA ILE B 492 1.10 26.47 -2.81
C ILE B 492 1.23 25.41 -3.89
N GLU B 493 1.97 25.75 -4.96
CA GLU B 493 2.10 24.90 -6.14
C GLU B 493 2.89 23.62 -5.88
N MET B 494 3.80 23.67 -4.91
CA MET B 494 4.60 22.49 -4.55
C MET B 494 3.97 21.72 -3.40
N GLY B 495 3.40 22.43 -2.43
CA GLY B 495 2.86 21.82 -1.21
C GLY B 495 1.50 21.16 -1.35
N ALA B 496 0.57 21.83 -2.04
CA ALA B 496 -0.79 21.32 -2.22
C ALA B 496 -0.87 19.89 -2.78
N PRO B 497 -0.15 19.61 -3.90
CA PRO B 497 -0.13 18.26 -4.45
C PRO B 497 0.17 17.15 -3.44
N PHE B 498 1.14 17.40 -2.55
N PHE B 498 1.11 17.40 -2.52
CA PHE B 498 1.54 16.44 -1.53
CA PHE B 498 1.44 16.44 -1.47
C PHE B 498 0.43 16.13 -0.54
C PHE B 498 0.26 16.22 -0.51
N OAS B 499 -0.03 17.18 0.00
N OAS B 499 0.00 17.59 -0.11
CA OAS B 499 -0.93 17.47 1.11
CA OAS B 499 -0.95 17.51 0.99
CB OAS B 499 -1.07 18.96 1.30
CB OAS B 499 -1.06 18.86 1.65
OG OAS B 499 -2.09 19.49 2.19
OG OAS B 499 -2.34 19.55 1.67
C OAS B 499 -2.26 16.84 0.82
C OAS B 499 -2.30 17.10 0.46
O OAS B 499 -2.53 15.77 1.36
O OAS B 499 -2.76 16.00 0.73
C2A OAS B 499 -1.48 18.88 4.45
C1A OAS B 499 -1.59 19.82 3.53
OAC OAS B 499 -1.25 21.07 3.81
N LEU B 500 -2.95 17.00 -0.22
N LEU B 500 -2.90 17.17 -0.64
CA LEU B 500 -4.21 16.50 -0.84
CA LEU B 500 -4.22 16.53 -0.94
C LEU B 500 -4.12 15.01 -1.17
C LEU B 500 -4.09 15.02 -1.12
N LYS B 501 -2.95 14.59 -1.64
CA LYS B 501 -2.66 13.17 -1.86
C LYS B 501 -2.53 12.43 -0.53
N GLY B 502 -2.04 13.13 0.49
CA GLY B 502 -1.98 12.59 1.85
C GLY B 502 -3.35 12.50 2.49
N LEU B 503 -4.16 13.54 2.33
CA LEU B 503 -5.50 13.60 2.91
C LEU B 503 -6.47 12.63 2.23
N LEU B 504 -6.64 12.76 0.91
CA LEU B 504 -7.61 11.95 0.16
C LEU B 504 -7.08 10.55 -0.20
N GLY B 505 -5.78 10.36 -0.07
CA GLY B 505 -5.16 9.05 -0.29
C GLY B 505 -5.27 8.13 0.92
N ASN B 506 -5.78 8.66 2.02
CA ASN B 506 -6.08 7.86 3.22
C ASN B 506 -7.13 6.81 2.88
N PRO B 507 -6.91 5.55 3.30
CA PRO B 507 -7.81 4.44 2.98
C PRO B 507 -9.27 4.67 3.35
N ILE B 508 -9.53 5.53 4.33
CA ILE B 508 -10.91 5.82 4.74
C ILE B 508 -11.68 6.62 3.67
N CYS B 509 -10.95 7.21 2.74
CA CYS B 509 -11.54 7.98 1.65
C CYS B 509 -11.88 7.10 0.46
N SER B 510 -11.48 5.83 0.52
CA SER B 510 -11.76 4.87 -0.55
C SER B 510 -13.22 4.42 -0.53
N PRO B 511 -13.76 3.99 -1.70
CA PRO B 511 -15.12 3.47 -1.79
C PRO B 511 -15.40 2.29 -0.85
N GLU B 512 -14.35 1.54 -0.54
CA GLU B 512 -14.45 0.38 0.34
C GLU B 512 -14.68 0.80 1.80
N TYR B 513 -14.05 1.89 2.20
CA TYR B 513 -14.04 2.33 3.60
C TYR B 513 -15.05 3.44 3.91
N TRP B 514 -15.39 4.26 2.91
CA TRP B 514 -16.28 5.39 3.13
C TRP B 514 -17.74 4.96 3.25
N LYS B 515 -18.05 4.32 4.38
CA LYS B 515 -19.37 3.76 4.67
C LYS B 515 -19.80 4.13 6.09
N ALA B 516 -21.08 3.90 6.40
CA ALA B 516 -21.58 4.15 7.75
C ALA B 516 -21.05 3.12 8.76
N SER B 517 -21.04 1.86 8.35
CA SER B 517 -20.59 0.74 9.20
C SER B 517 -19.14 0.87 9.68
N THR B 518 -18.30 1.47 8.84
CA THR B 518 -16.88 1.68 9.15
C THR B 518 -16.70 2.52 10.41
N PHE B 519 -17.61 3.46 10.63
CA PHE B 519 -17.56 4.37 11.77
C PHE B 519 -18.62 4.02 12.82
N GLY B 520 -19.07 2.77 12.79
CA GLY B 520 -20.02 2.25 13.77
C GLY B 520 -21.45 2.76 13.62
N GLY B 521 -21.80 3.17 12.40
CA GLY B 521 -23.15 3.64 12.12
C GLY B 521 -23.22 5.13 11.80
N GLU B 522 -24.45 5.64 11.74
CA GLU B 522 -24.73 7.01 11.34
C GLU B 522 -24.19 8.05 12.34
N VAL B 523 -24.20 7.68 13.63
CA VAL B 523 -23.68 8.56 14.70
C VAL B 523 -22.20 8.85 14.47
N GLY B 524 -21.41 7.82 14.16
CA GLY B 524 -19.98 7.96 13.91
C GLY B 524 -19.68 8.63 12.59
N PHE B 525 -20.51 8.36 11.59
CA PHE B 525 -20.35 8.93 10.25
C PHE B 525 -20.62 10.44 10.23
N ASN B 526 -21.64 10.86 10.98
CA ASN B 526 -21.98 12.28 11.11
C ASN B 526 -20.94 13.10 11.86
N LEU B 527 -20.26 12.47 12.82
CA LEU B 527 -19.18 13.12 13.58
C LEU B 527 -18.00 13.50 12.69
N VAL B 528 -17.77 12.70 11.65
CA VAL B 528 -16.74 12.99 10.65
C VAL B 528 -17.20 14.13 9.73
N LYS B 529 -18.45 14.04 9.27
CA LYS B 529 -19.01 14.98 8.30
C LYS B 529 -19.24 16.39 8.85
N THR B 530 -19.48 16.50 10.15
CA THR B 530 -19.81 17.78 10.78
C THR B 530 -18.74 18.34 11.71
N ALA B 531 -17.58 17.65 11.76
CA ALA B 531 -16.49 18.04 12.65
C ALA B 531 -15.94 19.44 12.37
N THR B 532 -15.66 20.17 13.44
CA THR B 532 -15.14 21.54 13.38
C THR B 532 -14.07 21.69 14.46
N LEU B 533 -13.18 22.66 14.29
CA LEU B 533 -12.17 23.00 15.31
C LEU B 533 -12.85 23.44 16.60
N LYS B 534 -13.91 24.22 16.46
CA LYS B 534 -14.72 24.70 17.59
C LYS B 534 -15.35 23.53 18.36
N LYS B 535 -15.87 22.55 17.62
CA LYS B 535 -16.50 21.36 18.21
C LYS B 535 -15.47 20.38 18.77
N LEU B 536 -14.24 20.50 18.29
CA LEU B 536 -13.13 19.67 18.78
C LEU B 536 -12.70 20.11 20.18
N VAL B 537 -12.82 21.41 20.45
CA VAL B 537 -12.41 21.99 21.72
C VAL B 537 -13.58 22.10 22.71
N CYS B 538 -14.60 22.87 22.33
CA CYS B 538 -15.69 23.26 23.25
C CYS B 538 -16.57 22.12 23.76
N LEU B 539 -16.72 21.07 22.96
CA LEU B 539 -17.44 19.87 23.37
C LEU B 539 -16.64 19.04 24.38
N ASN B 540 -15.32 19.25 24.41
CA ASN B 540 -14.43 18.56 25.33
C ASN B 540 -13.99 19.44 26.50
N THR B 541 -14.67 20.58 26.68
CA THR B 541 -14.35 21.52 27.76
C THR B 541 -15.59 21.96 28.54
N LYS B 542 -15.36 22.58 29.69
CA LYS B 542 -16.44 23.08 30.55
C LYS B 542 -17.10 24.32 29.93
N THR B 543 -16.27 25.29 29.54
CA THR B 543 -16.75 26.50 28.86
C THR B 543 -16.19 26.55 27.43
N CYS B 544 -16.77 27.41 26.61
CA CYS B 544 -16.33 27.60 25.22
C CYS B 544 -15.68 28.96 25.02
N PRO B 545 -14.34 28.98 24.86
CA PRO B 545 -13.62 30.23 24.60
C PRO B 545 -13.56 30.56 23.11
N TYR B 546 -12.84 31.61 22.75
CA TYR B 546 -12.59 31.93 21.36
C TYR B 546 -11.61 30.93 20.77
N VAL B 547 -12.07 30.17 19.78
CA VAL B 547 -11.25 29.17 19.10
C VAL B 547 -11.38 29.31 17.59
N SER B 548 -10.25 29.57 16.93
CA SER B 548 -10.20 29.77 15.49
C SER B 548 -8.78 29.65 14.96
N PHE B 549 -8.65 29.54 13.64
CA PHE B 549 -7.34 29.54 12.98
C PHE B 549 -6.86 30.96 12.67
N HIS B 550 -7.73 31.94 12.91
CA HIS B 550 -7.40 33.35 12.71
C HIS B 550 -7.72 34.20 13.93
N VAL B 551 -6.95 35.26 14.11
CA VAL B 551 -7.16 36.22 15.20
C VAL B 551 -8.45 37.03 15.00
N PRO B 552 -9.03 37.56 16.09
CA PRO B 552 -10.20 38.44 15.96
C PRO B 552 -9.86 39.67 15.10
N ASP B 553 -10.84 40.12 14.31
CA ASP B 553 -10.65 41.21 13.34
C ASP B 553 -9.63 40.83 12.27
C1 NAG C . 18.14 -39.38 -4.13
C2 NAG C . 17.97 -40.81 -3.61
C3 NAG C . 19.02 -41.74 -4.22
C4 NAG C . 19.05 -41.61 -5.75
C5 NAG C . 19.10 -40.14 -6.18
C6 NAG C . 18.93 -39.97 -7.69
C7 NAG C . 17.31 -41.63 -1.39
C8 NAG C . 17.48 -41.48 0.09
N2 NAG C . 18.03 -40.81 -2.16
O3 NAG C . 18.73 -43.07 -3.86
O4 NAG C . 20.16 -42.35 -6.24
O5 NAG C . 18.09 -39.39 -5.55
O6 NAG C . 19.78 -38.94 -8.15
O7 NAG C . 16.52 -42.47 -1.84
C1 NAG C . 19.74 -43.29 -7.27
C2 NAG C . 20.95 -43.79 -8.04
C3 NAG C . 20.51 -44.75 -9.15
C4 NAG C . 19.71 -45.90 -8.51
C5 NAG C . 18.53 -45.28 -7.76
C6 NAG C . 17.64 -46.33 -7.09
C7 NAG C . 22.89 -42.30 -8.06
C8 NAG C . 23.57 -41.15 -8.73
N2 NAG C . 21.73 -42.68 -8.58
O3 NAG C . 21.63 -45.22 -9.86
O4 NAG C . 19.27 -46.88 -9.45
O5 NAG C . 19.00 -44.40 -6.76
O6 NAG C . 16.54 -45.68 -6.48
O7 NAG C . 23.42 -42.84 -7.09
C1 BMA C . 20.24 -47.93 -9.67
C2 BMA C . 20.27 -49.01 -8.56
C3 BMA C . 20.68 -50.36 -9.13
C4 BMA C . 19.73 -50.81 -10.23
C5 BMA C . 19.42 -49.67 -11.23
C6 BMA C . 17.92 -49.37 -11.34
O2 BMA C . 19.01 -49.11 -7.93
O3 BMA C . 20.71 -51.33 -8.11
O4 BMA C . 20.27 -51.92 -10.90
O5 BMA C . 20.17 -48.49 -10.99
O6 BMA C . 17.17 -50.50 -11.72
C1 BMA C . 16.65 -50.31 -13.06
C2 BMA C . 16.81 -51.58 -13.91
C3 BMA C . 15.50 -52.32 -14.14
C4 BMA C . 14.52 -52.10 -12.99
C5 BMA C . 14.21 -50.61 -12.80
C6 BMA C . 13.63 -50.31 -11.41
O2 BMA C . 17.76 -52.44 -13.31
O3 BMA C . 15.72 -53.70 -14.33
O4 BMA C . 13.32 -52.80 -13.25
O5 BMA C . 15.33 -49.76 -13.08
O6 BMA C . 14.63 -50.30 -10.43
C1 NAG D . 0.73 -6.85 14.21
C2 NAG D . 2.04 -6.44 14.88
C3 NAG D . 2.60 -7.55 15.80
C4 NAG D . 1.52 -8.18 16.70
C5 NAG D . 0.29 -8.54 15.86
C6 NAG D . -0.86 -9.09 16.70
C7 NAG D . 3.44 -4.83 13.69
C8 NAG D . 4.47 -4.63 12.61
N2 NAG D . 3.03 -6.08 13.89
O3 NAG D . 3.64 -7.00 16.59
O4 NAG D . 2.02 -9.35 17.31
O5 NAG D . -0.17 -7.39 15.16
O6 NAG D . -1.48 -8.05 17.41
O7 NAG D . 3.03 -3.86 14.31
C1 NDG D . 2.33 -9.23 18.73
C2 NDG D . 2.13 -10.58 19.45
C3 NDG D . 1.25 -10.43 20.71
C4 NDG D . 1.84 -9.34 21.60
C5 NDG D . 1.95 -8.02 20.82
C6 NDG D . 3.32 -7.37 21.07
C7 NDG D . 0.46 -12.07 18.29
C8 NDG D . 0.35 -13.19 17.30
O5 NDG D . 1.67 -8.18 19.43
O3 NDG D . 1.20 -11.68 21.36
O4 NDG D . 1.11 -9.06 22.81
O6 NDG D . 3.58 -6.39 20.09
O7 NDG D . -0.57 -11.62 18.81
N2 NDG D . 1.71 -11.65 18.53
C1 BMA D . 0.93 -10.13 23.78
C2 BMA D . 2.20 -10.70 24.42
C3 BMA D . 2.91 -9.66 25.29
C4 BMA D . 1.91 -8.82 26.08
C5 BMA D . 0.48 -9.41 26.08
C6 BMA D . -0.51 -8.44 26.72
O2 BMA D . 3.09 -11.27 23.49
O3 BMA D . 3.70 -8.82 24.48
O4 BMA D . 2.39 -8.73 27.40
O5 BMA D . -0.01 -9.74 24.78
O6 BMA D . -0.71 -8.74 28.09
C1 MAN D . -0.29 -7.66 28.96
C2 MAN D . -1.49 -6.83 29.44
C3 MAN D . -1.10 -5.39 29.78
C4 MAN D . 0.34 -5.26 30.26
C5 MAN D . 1.35 -5.88 29.29
C6 MAN D . 2.51 -6.53 30.04
O2 MAN D . -2.05 -7.46 30.57
O3 MAN D . -1.98 -4.85 30.75
O4 MAN D . 0.67 -3.90 30.44
O5 MAN D . 0.73 -6.82 28.40
O6 MAN D . 3.74 -6.33 29.35
C1 MAN D . 4.41 -5.14 29.79
C2 MAN D . 5.82 -5.06 29.21
C3 MAN D . 6.65 -3.99 29.93
C4 MAN D . 5.76 -2.98 30.67
C5 MAN D . 4.82 -3.69 31.66
C6 MAN D . 3.57 -2.85 31.93
O2 MAN D . 5.72 -4.77 27.83
O3 MAN D . 7.50 -3.31 29.03
O4 MAN D . 6.57 -2.04 31.35
O5 MAN D . 4.48 -4.99 31.21
O6 MAN D . 2.53 -3.68 32.39
C1 NAG E . 19.08 17.50 -26.37
C2 NAG E . 19.04 18.68 -27.33
C3 NAG E . 20.33 19.49 -27.22
C4 NAG E . 20.80 19.69 -25.77
C5 NAG E . 20.46 18.50 -24.86
C6 NAG E . 20.57 18.87 -23.39
C7 NAG E . 17.87 18.71 -29.47
C8 NAG E . 17.79 18.13 -30.85
N2 NAG E . 18.84 18.21 -28.69
O3 NAG E . 20.15 20.74 -27.84
O4 NAG E . 22.17 20.09 -25.70
O5 NAG E . 19.15 17.99 -25.12
O6 NAG E . 21.90 18.68 -22.96
O7 NAG E . 17.09 19.59 -29.12
C1 NDG E . 23.14 19.24 -26.37
C2 NDG E . 24.53 19.35 -25.72
C3 NDG E . 25.25 20.66 -26.12
C4 NDG E . 25.18 20.95 -27.61
C5 NDG E . 23.76 20.75 -28.14
C6 NDG E . 23.69 20.91 -29.65
C7 NDG E . 25.34 18.54 -23.57
C8 NDG E . 25.13 18.54 -22.08
O5 NDG E . 23.26 19.47 -27.77
O3 NDG E . 26.61 20.56 -25.74
O4 NDG E . 25.61 22.27 -27.84
O6 NDG E . 24.20 19.76 -30.29
O7 NDG E . 26.27 17.91 -24.06
N2 NDG E . 24.47 19.25 -24.28
C1 NAG F . 5.95 27.55 33.23
C2 NAG F . 6.91 28.33 34.14
C3 NAG F . 6.22 28.91 35.38
C4 NAG F . 4.84 29.51 35.10
C5 NAG F . 4.04 28.61 34.14
C6 NAG F . 2.72 29.25 33.70
C7 NAG F . 9.24 27.57 34.15
C8 NAG F . 10.21 26.55 34.68
N2 NAG F . 7.98 27.44 34.55
O3 NAG F . 7.05 29.92 35.94
O4 NAG F . 4.15 29.65 36.33
O5 NAG F . 4.80 28.34 32.98
O6 NAG F . 1.71 28.88 34.61
O7 NAG F . 9.64 28.45 33.38
C1 NAG F . 3.86 31.03 36.67
C2 NAG F . 3.00 31.05 37.93
C3 NAG F . 2.75 32.46 38.45
C4 NAG F . 4.06 33.26 38.51
C5 NAG F . 4.80 33.18 37.17
C6 NAG F . 6.14 33.91 37.21
C7 NAG F . 1.21 29.52 38.58
C8 NAG F . -0.12 28.91 38.19
N2 NAG F . 1.74 30.37 37.71
O3 NAG F . 2.17 32.40 39.74
O4 NAG F . 3.86 34.58 39.03
O5 NAG F . 5.02 31.82 36.82
O6 NAG F . 6.43 34.39 35.91
O7 NAG F . 1.73 29.20 39.64
C1 BMA F . 3.03 35.47 38.24
C2 BMA F . 1.93 36.10 39.09
C3 BMA F . 2.47 37.14 40.09
C4 BMA F . 3.67 37.90 39.51
C5 BMA F . 3.69 37.79 37.98
C6 BMA F . 4.82 38.60 37.34
O2 BMA F . 1.21 35.11 39.78
O3 BMA F . 2.84 36.52 41.29
O4 BMA F . 3.58 39.25 39.92
O5 BMA F . 3.82 36.43 37.56
O6 BMA F . 4.61 39.99 37.51
C1 BMA F . 4.01 40.56 36.33
C2 BMA F . 2.92 41.56 36.74
C3 BMA F . 3.44 43.00 36.86
C4 BMA F . 4.25 43.42 35.62
C5 BMA F . 4.53 42.24 34.70
C6 BMA F . 5.54 42.58 33.61
O2 BMA F . 2.31 41.17 37.95
O3 BMA F . 4.23 43.14 38.01
O4 BMA F . 3.54 44.42 34.94
O5 BMA F . 4.98 41.12 35.45
O6 BMA F . 6.87 42.45 34.10
C1 NAG G . 15.02 -0.69 4.84
C2 NAG G . 15.11 -1.84 5.86
C3 NAG G . 16.19 -1.60 6.91
C4 NAG G . 17.51 -1.06 6.34
C5 NAG G . 17.24 0.03 5.30
C6 NAG G . 18.53 0.47 4.59
C7 NAG G . 13.06 -3.12 6.25
C8 NAG G . 11.76 -3.17 7.01
N2 NAG G . 13.83 -2.06 6.50
O3 NAG G . 16.43 -2.82 7.58
O4 NAG G . 18.31 -0.48 7.36
O5 NAG G . 16.31 -0.42 4.34
O6 NAG G . 18.83 -0.41 3.54
O7 NAG G . 13.33 -4.02 5.46
C1 NDG G . 19.33 -1.34 7.96
C2 NDG G . 20.44 -0.49 8.65
C3 NDG G . 21.91 -0.79 8.31
C4 NDG G . 22.15 -2.11 7.57
C5 NDG G . 21.05 -2.36 6.55
C6 NDG G . 21.32 -3.66 5.79
C7 NDG G . 20.49 1.75 7.52
C8 NDG G . 20.08 3.19 7.69
O5 NDG G . 19.79 -2.43 7.17
O3 NDG G . 22.66 -0.79 9.52
O4 NDG G . 23.39 -2.09 6.87
O6 NDG G . 20.92 -4.77 6.57
O7 NDG G . 21.05 1.40 6.49
N2 NDG G . 20.17 0.95 8.54
C1 BMA G . 24.54 -2.68 7.55
C2 BMA G . 24.20 -3.82 8.52
C3 BMA G . 25.47 -4.18 9.29
C4 BMA G . 26.68 -4.42 8.38
C5 BMA G . 26.79 -3.39 7.24
C6 BMA G . 27.76 -3.81 6.15
O2 BMA G . 23.75 -4.95 7.80
O3 BMA G . 25.23 -5.34 10.08
O4 BMA G . 27.85 -4.38 9.16
O5 BMA G . 25.53 -3.14 6.65
O6 BMA G . 28.33 -5.09 6.36
C1 BMA G . 28.18 -5.90 5.17
C2 BMA G . 29.54 -6.34 4.60
C3 BMA G . 29.60 -7.85 4.34
C4 BMA G . 29.08 -8.66 5.54
C5 BMA G . 27.70 -8.18 5.99
C6 BMA G . 27.63 -8.04 7.51
O2 BMA G . 30.59 -5.96 5.48
O3 BMA G . 30.93 -8.24 4.05
O4 BMA G . 29.01 -10.02 5.18
O5 BMA G . 27.27 -6.99 5.34
O6 BMA G . 27.23 -9.26 8.09
CHA HEM H . 1.13 -26.39 2.92
CHB HEM H . 4.07 -30.11 1.94
CHC HEM H . 2.77 -29.94 -2.74
CHD HEM H . 0.21 -25.90 -1.87
C1A HEM H . 2.01 -27.44 3.09
C2A HEM H . 2.58 -27.90 4.34
C3A HEM H . 3.39 -28.93 4.06
C4A HEM H . 3.37 -29.15 2.63
CMA HEM H . 4.23 -29.76 5.08
CAA HEM H . 2.28 -27.31 5.75
CBA HEM H . 1.04 -27.99 6.30
CGA HEM H . 0.78 -27.58 7.73
O1A HEM H . -0.20 -26.82 7.95
O2A HEM H . 1.54 -28.01 8.63
C1B HEM H . 3.97 -30.41 0.59
C2B HEM H . 4.67 -31.48 -0.10
C3B HEM H . 4.31 -31.44 -1.39
C4B HEM H . 3.39 -30.33 -1.57
CMB HEM H . 5.64 -32.48 0.58
CAB HEM H . 4.80 -32.39 -2.50
CBB HEM H . 4.65 -33.72 -2.39
C1C HEM H . 2.01 -28.80 -2.94
C2C HEM H . 1.53 -28.27 -4.21
C3C HEM H . 0.84 -27.16 -3.97
C4C HEM H . 0.82 -26.94 -2.53
CMC HEM H . 1.80 -28.89 -5.60
CAC HEM H . 0.14 -26.28 -5.05
CBC HEM H . 0.39 -24.97 -5.13
C1D HEM H . 0.35 -25.56 -0.52
C2D HEM H . 0.10 -24.26 0.06
C3D HEM H . 0.38 -24.42 1.57
C4D HEM H . 0.78 -25.81 1.73
CMD HEM H . -0.37 -22.98 -0.68
CAD HEM H . 0.28 -23.34 2.66
CBD HEM H . 1.56 -22.51 2.70
CGD HEM H . 1.62 -21.67 3.95
O1D HEM H . 0.70 -20.82 4.14
O2D HEM H . 2.57 -21.83 4.76
NA HEM H . 2.50 -28.22 2.07
NB HEM H . 3.21 -29.73 -0.34
NC HEM H . 1.55 -27.96 -1.95
ND HEM H . 0.74 -26.43 0.49
FE HEM H . 1.99 -28.10 0.05
C1 DIF I . -9.35 -18.65 -15.15
C2 DIF I . -8.38 -19.17 -14.29
CL2 DIF I . -8.21 -20.94 -14.11
C3 DIF I . -7.54 -18.31 -13.59
C4 DIF I . -7.67 -16.94 -13.75
CL4 DIF I . -6.60 -15.82 -12.85
C5 DIF I . -8.65 -16.42 -14.60
C6 DIF I . -9.49 -17.28 -15.30
N1 DIF I . -6.58 -18.80 -12.77
C7 DIF I . -5.78 -19.82 -10.76
C8 DIF I . -6.83 -19.32 -11.53
C9 DIF I . -8.13 -19.36 -11.04
C10 DIF I . -8.39 -19.91 -9.78
C11 DIF I . -7.34 -20.40 -9.00
C12 DIF I . -6.04 -20.36 -9.50
C13 DIF I . -4.36 -19.80 -11.25
C14 DIF I . -3.72 -18.47 -10.90
O1 DIF I . -3.02 -18.38 -9.87
O2 DIF I . -3.92 -17.51 -11.67
C1 BOG J . -19.07 -14.30 -14.36
O1 BOG J . -20.12 -15.08 -13.80
C2 BOG J . -18.18 -13.72 -13.28
O2 BOG J . -18.95 -13.10 -12.24
C3 BOG J . -17.27 -12.70 -13.95
O3 BOG J . -16.36 -12.17 -12.98
C4 BOG J . -16.49 -13.31 -15.11
O4 BOG J . -15.98 -12.26 -15.94
C5 BOG J . -17.29 -14.29 -15.98
O5 BOG J . -18.24 -15.07 -15.23
C6 BOG J . -16.35 -15.25 -16.70
O6 BOG J . -15.52 -14.54 -17.64
C1' BOG J . -21.38 -14.84 -14.43
C2' BOG J . -22.21 -13.81 -13.64
C3' BOG J . -22.75 -14.40 -12.34
C4' BOG J . -23.29 -13.31 -11.44
C5' BOG J . -24.62 -13.72 -10.82
C6' BOG J . -25.39 -12.51 -10.29
C7' BOG J . -26.64 -12.25 -11.10
C8' BOG J . -27.88 -12.75 -10.39
C1 BOG K . -28.59 -17.00 -21.18
O1 BOG K . -27.97 -15.71 -21.16
C2 BOG K . -28.54 -17.59 -22.59
O2 BOG K . -29.20 -16.71 -23.52
C3 BOG K . -29.20 -18.97 -22.60
O3 BOG K . -29.06 -19.59 -23.87
C4 BOG K . -28.59 -19.87 -21.52
O4 BOG K . -29.37 -21.08 -21.43
C5 BOG K . -28.53 -19.18 -20.16
O5 BOG K . -27.91 -17.88 -20.27
C6 BOG K . -27.74 -20.01 -19.16
O6 BOG K . -28.36 -19.94 -17.87
C1' BOG K . -28.70 -14.78 -20.36
C2' BOG K . -28.98 -13.51 -21.15
C3' BOG K . -30.45 -13.40 -21.51
C4' BOG K . -30.82 -12.01 -22.00
C5' BOG K . -32.24 -11.96 -22.56
C6' BOG K . -33.25 -11.51 -21.50
C7' BOG K . -34.02 -10.29 -21.96
C8' BOG K . -35.52 -10.47 -21.76
CHA HEM L . 11.84 19.81 13.34
CHB HEM L . 12.16 22.99 16.96
CHC HEM L . 7.98 25.04 15.63
CHD HEM L . 7.78 22.08 11.76
C1A HEM L . 12.21 20.40 14.53
C2A HEM L . 13.10 19.84 15.54
C3A HEM L . 13.18 20.73 16.54
C4A HEM L . 12.35 21.86 16.20
CMA HEM L . 14.03 20.58 17.83
CAA HEM L . 13.81 18.47 15.44
CBA HEM L . 15.27 18.62 14.99
CGA HEM L . 15.34 19.14 13.58
O1A HEM L . 14.78 18.49 12.66
O2A HEM L . 15.97 20.21 13.39
C1B HEM L . 10.98 23.71 17.02
C2B HEM L . 10.43 24.36 18.19
C3B HEM L . 9.27 24.93 17.82
C4B HEM L . 9.06 24.64 16.41
CMB HEM L . 11.08 24.39 19.59
CAB HEM L . 8.32 25.75 18.73
CBB HEM L . 8.74 26.87 19.31
C1C HEM L . 7.53 24.37 14.50
C2C HEM L . 6.22 24.52 13.88
C3C HEM L . 6.16 23.70 12.82
C4C HEM L . 7.43 23.01 12.73
CMC HEM L . 5.09 25.46 14.37
CAC HEM L . 4.97 23.52 11.85
CBC HEM L . 4.70 24.42 10.91
C1D HEM L . 8.81 21.15 11.84
C2D HEM L . 8.98 20.01 10.97
C3D HEM L . 10.25 19.30 11.47
C4D HEM L . 10.72 20.09 12.58
CMD HEM L . 8.07 19.58 9.79
CAD HEM L . 10.89 18.03 10.91
CBD HEM L . 10.34 16.81 11.66
CGD HEM L . 11.10 15.56 11.31
O1D HEM L . 11.62 15.46 10.17
O2D HEM L . 11.16 14.65 12.17
NA HEM L . 11.78 21.64 14.97
NB HEM L . 10.12 23.89 15.96
NC HEM L . 8.24 23.44 13.76
ND HEM L . 9.85 21.17 12.77
FE HEM L . 9.99 22.54 14.35
C1' SAL M . -1.88 23.93 1.45
O1' SAL M . -2.32 23.40 2.50
O2' SAL M . -0.72 24.39 1.32
C1 SAL M . -2.83 24.01 0.24
C2 SAL M . -3.71 22.97 -0.04
C3 SAL M . -4.58 23.06 -1.13
C4 SAL M . -4.57 24.19 -1.94
C5 SAL M . -3.69 25.24 -1.67
C6 SAL M . -2.83 25.14 -0.57
O2 SAL M . -3.74 21.85 0.74
C1 DIF N . -4.07 25.17 -1.15
C2 DIF N . -3.37 24.71 -0.04
CL2 DIF N . -2.38 25.85 0.91
C3 DIF N . -3.43 23.38 0.32
C4 DIF N . -4.19 22.49 -0.42
CL4 DIF N . -4.28 20.75 0.04
C5 DIF N . -4.89 22.94 -1.53
C6 DIF N . -4.84 24.27 -1.90
N1 DIF N . -2.74 22.94 1.40
C7 DIF N . -0.73 22.87 2.67
C8 DIF N . -1.42 23.19 1.51
C9 DIF N . -0.74 23.78 0.44
C10 DIF N . 0.63 24.03 0.55
C11 DIF N . 1.31 23.71 1.71
C12 DIF N . 0.63 23.13 2.78
C13 DIF N . -1.47 22.25 3.84
C14 DIF N . -2.34 21.11 3.35
O1 DIF N . -2.70 20.26 4.19
O2 DIF N . -2.67 21.08 2.15
C1 BOG O . -2.15 37.56 -14.57
O1 BOG O . -1.95 37.53 -15.99
C2 BOG O . -0.79 37.54 -13.86
O2 BOG O . -0.10 36.32 -14.17
C3 BOG O . -0.98 37.67 -12.34
O3 BOG O . 0.29 37.83 -11.71
C4 BOG O . -1.89 38.85 -11.98
O4 BOG O . -2.18 38.80 -10.59
C5 BOG O . -3.18 38.84 -12.81
O5 BOG O . -2.87 38.74 -14.21
C6 BOG O . -4.00 40.10 -12.58
O6 BOG O . -4.99 40.23 -13.62
C1' BOG O . -2.61 36.41 -16.57
C2' BOG O . -2.52 36.47 -18.10
C3' BOG O . -3.78 35.88 -18.74
C4' BOG O . -3.67 34.37 -18.93
C5' BOG O . -4.70 33.87 -19.95
C6' BOG O . -4.45 32.43 -20.35
C7' BOG O . -3.81 32.32 -21.72
C8' BOG O . -2.39 31.77 -21.62
C1 BOG P . -3.49 23.61 -10.71
O1 BOG P . -4.52 23.70 -9.73
C2 BOG P . -2.67 24.90 -10.68
O2 BOG P . -3.50 26.04 -10.92
C3 BOG P . -1.57 24.81 -11.73
O3 BOG P . -0.76 26.00 -11.69
C4 BOG P . -0.69 23.60 -11.46
O4 BOG P . 0.24 23.44 -12.53
C5 BOG P . -1.52 22.32 -11.30
O5 BOG P . -2.64 22.50 -10.41
C6 BOG P . -0.67 21.19 -10.74
O6 BOG P . -0.36 21.45 -9.37
C1' BOG P . -5.69 22.99 -10.14
C2' BOG P . -6.92 23.74 -9.65
C3' BOG P . -7.70 24.36 -10.81
C4' BOG P . -9.14 24.64 -10.41
C5' BOG P . -9.31 26.07 -9.92
C6' BOG P . -10.04 26.92 -10.96
C7' BOG P . -10.46 28.26 -10.37
C8' BOG P . -11.04 29.16 -11.44
#